data_8EIQ
#
_entry.id   8EIQ
#
_cell.length_a   1.00
_cell.length_b   1.00
_cell.length_c   1.00
_cell.angle_alpha   90.00
_cell.angle_beta   90.00
_cell.angle_gamma   90.00
#
_symmetry.space_group_name_H-M   'P 1'
#
loop_
_entity.id
_entity.type
_entity.pdbx_description
1 polymer 'Cystic fibrosis transmembrane conductance regulator'
2 polymer 'Cystic fibrosis transmembrane conductance regulator'
3 non-polymer 'MAGNESIUM ION'
4 non-polymer "ADENOSINE-5'-TRIPHOSPHATE"
5 non-polymer CHOLESTEROL
6 non-polymer DODECANE
7 non-polymer N-(2,4-di-tert-butyl-5-hydroxyphenyl)-4-oxo-1,4-dihydroquinoline-3-carboxamide
8 non-polymer (6P)-N-(1,3-dimethyl-1H-pyrazole-4-sulfonyl)-6-[3-(3,3,3-trifluoro-2,2-dimethylpropoxy)-1H-pyrazol-1-yl]-2-[(4S)-2,2,4-trimethylpyrrolidin-1-yl]pyridine-3-carboxamide
9 non-polymer Tezacaftor
#
loop_
_entity_poly.entity_id
_entity_poly.type
_entity_poly.pdbx_seq_one_letter_code
_entity_poly.pdbx_strand_id
1 'polypeptide(L)'
;MQRSPLEKASVVSKLFFSWTRPILRKGYRQRLELSDIYQIPSVDSADNLSEKLEREWDRELASKKNPKLINALRRCFFWR
FMFYGIFLYLGEVTKAVQPLLLGRIIASYDPDNKEERSIAIYLGIGLCLLFIVRTLLLHPAIFGLHHIGMQMRIAMFSLI
YKKTLKLSSRVLDKISIGQLVSLLSNNLNKFDEGLALAHFVWIAPLQVALLMGLIWELLQASAFCGLGFLIVLALFQAGL
GRMMMKYRDQRAGKISERLVITSEMIENIQSVKAYCWEEAMEKMIENLRQTELKLTRKAAYVRYFNSSAFFFSGFFVVFL
SVLPYALIKGIILRKIFTTISFCIVLRMAVTRQFPWAVQTWYDSLGAINKIQDFLQKQEYKTLEYNLTTTEVVMENVTAF
WEEGFGELFEKAKQNNNNRKTSNGDDSLFFSNFSLLGTPVLKDINFKIERGQLLAVAGSTGAGKTSLLMVIMGELEPSEG
KIKHSGRISFCSQFSWIMPGTIKENIIGVSYDEYRYRSVIKACQLEEDISKFAEKDNIVLGEGGITLSGGQRARISLARA
VYKDADLYLLDSPFGYLDVLTEKEIFESCVCKLMANKTRILVTSKMEHLKKADKILILHEGSSYFYGTFSELQNLQPDFS
SKLMGCDSFDQFSAERRNSILTETLHRFSLEGDAPVSWTETKKQSFKQTGEFGEKRKNSILNPINSIRKFSIVQKTPLQM
NGIEEDSDEPLERRLSLVPDSEQGEAILPRISVISTGPTLQARRRQSVLNLMTHSVNQGQNIHRKTTASTRKVSLAPQAN
LTELDIYSRRLSQETGLEISEEINEEDLKECFFDDMESIPAVTTWNTYLRYITVHKSLIFVLIWCLVIFLAEVAASLVVL
WLLGNTPLQDKGNSTHSRNNSYAVIITSTSSYYVFYIYVGVADTLLAMGFFRGLPLVHTLITVSKILHHKMLHSVLQAPM
STLNTLKAGGILNRFSKDIAILDDLLPLTIFDFIQLLLIVIGAIAVVAVLQPYIFVATVPVIVAFIMLRAYFLQTSQQLK
QLESEGRSPIFTHLVTSLKGLWTLRAFGRQPYFETLFHKALNLHTANWFLYLSTLRWFQMRIEMIFVIFFIAVTFISILT
TGEGEGRVGIILTLAMNIMSTLQWAVNSSIDVDSLMRSVSRVFKFIDMPTEGKPTKSTKPYKNGQLSKVMIIENSHVKKD
DIWPSGGQMTVKDLTAKYTEGGNAILENISFSISPGQRVGLLGRTGSGKSTLLSAFLRLLNTEGEIQIDGVSWDSITLQQ
WRKAFGVIPQKVFIFSGTFRKNLDPYEQWSDQEIWKVADEVGLRSVIEQFPGKLDFVLVDGGCVLSHGHKQLMCLARSVL
SKAKILLLDQPSAHLDPVTYQIIRRTLKQAFADCTVILCEHRIEAMLECQQFLVIEENKVRQYDSIQKLLNERSLFRQAI
SPSDRVKLFPHRNSSKCKSKPQIAALKEETEEEVQDTRL
;
A
2 'polypeptide(L)' (UNK)(UNK)(UNK)(UNK)(UNK)(UNK)(UNK)(UNK)(UNK)(UNK)(UNK)(UNK)(UNK)(UNK)(UNK)(UNK) B
#
loop_
_chem_comp.id
_chem_comp.type
_chem_comp.name
_chem_comp.formula
ATP non-polymer ADENOSINE-5'-TRIPHOSPHATE 'C10 H16 N5 O13 P3'
CLR non-polymer CHOLESTEROL 'C27 H46 O'
CV6 non-polymer Tezacaftor 'C26 H27 F3 N2 O6'
D12 non-polymer DODECANE 'C12 H26'
MG non-polymer 'MAGNESIUM ION' 'Mg 2'
VX7 non-polymer N-(2,4-di-tert-butyl-5-hydroxyphenyl)-4-oxo-1,4-dihydroquinoline-3-carboxamide 'C24 H28 N2 O3'
WJX non-polymer (6P)-N-(1,3-dimethyl-1H-pyrazole-4-sulfonyl)-6-[3-(3,3,3-trifluoro-2,2-dimethylpropoxy)-1H-pyrazol-1-yl]-2-[(4S)-2,2,4-trimethylpyrrolidin-1-yl]pyridine-3-carboxamide 'C26 H34 F3 N7 O4 S'
#
# COMPACT_ATOMS: atom_id res chain seq x y z
N MET A 1 24.39 14.94 5.17
CA MET A 1 23.62 14.94 3.94
C MET A 1 24.31 15.79 2.88
N GLN A 2 24.99 15.13 1.95
CA GLN A 2 25.72 15.82 0.90
C GLN A 2 24.77 16.42 -0.13
N ARG A 3 25.25 17.45 -0.82
CA ARG A 3 24.51 18.03 -1.92
C ARG A 3 24.57 17.12 -3.15
N SER A 4 23.60 17.30 -4.04
CA SER A 4 23.53 16.47 -5.23
C SER A 4 24.71 16.76 -6.15
N PRO A 5 25.45 15.74 -6.60
CA PRO A 5 26.57 16.00 -7.53
C PRO A 5 26.11 16.35 -8.93
N LEU A 6 24.83 16.21 -9.25
CA LEU A 6 24.33 16.53 -10.58
C LEU A 6 24.36 18.03 -10.84
N GLU A 7 24.17 18.84 -9.80
CA GLU A 7 23.99 20.28 -9.99
C GLU A 7 25.29 21.00 -10.33
N LYS A 8 26.45 20.37 -10.12
CA LYS A 8 27.72 20.98 -10.46
C LYS A 8 28.56 20.06 -11.35
N ALA A 9 27.90 19.20 -12.11
CA ALA A 9 28.61 18.33 -13.05
C ALA A 9 28.87 19.06 -14.36
N SER A 10 30.01 18.74 -14.97
CA SER A 10 30.38 19.36 -16.23
C SER A 10 29.49 18.86 -17.36
N VAL A 11 29.62 19.48 -18.53
CA VAL A 11 28.77 19.15 -19.66
C VAL A 11 29.02 17.71 -20.13
N VAL A 12 30.29 17.34 -20.25
CA VAL A 12 30.62 15.99 -20.70
C VAL A 12 30.29 14.96 -19.61
N SER A 13 30.39 15.36 -18.34
CA SER A 13 30.07 14.43 -17.26
C SER A 13 28.59 14.07 -17.25
N LYS A 14 27.72 15.05 -17.48
CA LYS A 14 26.29 14.77 -17.57
C LYS A 14 25.97 13.88 -18.75
N LEU A 15 26.73 14.03 -19.84
CA LEU A 15 26.46 13.27 -21.05
C LEU A 15 26.69 11.78 -20.86
N PHE A 16 27.77 11.41 -20.17
CA PHE A 16 28.13 10.01 -19.96
C PHE A 16 27.70 9.45 -18.62
N PHE A 17 26.98 10.23 -17.80
CA PHE A 17 26.53 9.80 -16.48
C PHE A 17 27.72 9.37 -15.62
N SER A 18 28.82 10.11 -15.74
CA SER A 18 30.04 9.82 -14.99
C SER A 18 29.96 10.24 -13.54
N TRP A 19 29.00 11.10 -13.18
CA TRP A 19 28.89 11.57 -11.80
C TRP A 19 28.39 10.52 -10.83
N THR A 20 27.96 9.35 -11.30
CA THR A 20 27.57 8.26 -10.42
C THR A 20 28.74 7.39 -10.00
N ARG A 21 29.96 7.77 -10.36
CA ARG A 21 31.13 6.96 -10.02
C ARG A 21 31.31 6.74 -8.52
N PRO A 22 31.22 7.77 -7.66
CA PRO A 22 31.53 7.53 -6.23
C PRO A 22 30.65 6.49 -5.56
N ILE A 23 29.38 6.39 -5.95
CA ILE A 23 28.50 5.43 -5.28
C ILE A 23 28.67 4.02 -5.83
N LEU A 24 28.99 3.86 -7.11
CA LEU A 24 29.18 2.53 -7.68
C LEU A 24 30.46 1.88 -7.15
N ARG A 25 31.51 2.67 -6.93
CA ARG A 25 32.74 2.12 -6.38
C ARG A 25 32.62 1.80 -4.89
N LYS A 26 31.72 2.49 -4.18
CA LYS A 26 31.54 2.24 -2.76
C LYS A 26 30.56 1.09 -2.52
N GLY A 27 29.49 1.02 -3.30
CA GLY A 27 28.53 -0.06 -3.13
C GLY A 27 29.06 -1.42 -3.55
N TYR A 28 30.13 -1.46 -4.34
CA TYR A 28 30.71 -2.73 -4.76
C TYR A 28 31.51 -3.37 -3.64
N ARG A 29 32.01 -2.58 -2.69
CA ARG A 29 32.84 -3.10 -1.61
C ARG A 29 32.08 -3.26 -0.30
N GLN A 30 31.30 -2.25 0.08
CA GLN A 30 30.61 -2.22 1.36
C GLN A 30 29.12 -1.99 1.15
N ARG A 31 28.39 -1.95 2.26
CA ARG A 31 26.98 -1.62 2.23
C ARG A 31 26.79 -0.11 2.24
N LEU A 32 25.76 0.36 1.53
CA LEU A 32 25.50 1.79 1.44
C LEU A 32 25.04 2.31 2.80
N GLU A 33 25.82 3.24 3.36
CA GLU A 33 25.50 3.83 4.65
C GLU A 33 24.50 4.97 4.47
N LEU A 34 23.95 5.44 5.59
CA LEU A 34 22.96 6.50 5.55
C LEU A 34 23.52 7.81 5.01
N SER A 35 24.83 8.01 5.08
CA SER A 35 25.46 9.23 4.59
C SER A 35 25.79 9.18 3.11
N ASP A 36 25.66 8.02 2.46
CA ASP A 36 25.96 7.91 1.04
C ASP A 36 24.87 8.50 0.16
N ILE A 37 23.63 8.50 0.63
CA ILE A 37 22.52 8.97 -0.18
C ILE A 37 22.60 10.50 -0.27
N TYR A 38 22.56 11.02 -1.50
CA TYR A 38 22.63 12.45 -1.73
C TYR A 38 21.26 13.09 -1.59
N GLN A 39 21.27 14.41 -1.40
CA GLN A 39 20.03 15.17 -1.35
C GLN A 39 19.50 15.39 -2.76
N ILE A 40 18.18 15.49 -2.86
CA ILE A 40 17.50 15.62 -4.15
C ILE A 40 17.81 16.98 -4.78
N PRO A 41 17.82 17.09 -6.10
CA PRO A 41 17.99 18.40 -6.73
C PRO A 41 16.86 19.33 -6.37
N SER A 42 17.19 20.62 -6.26
CA SER A 42 16.21 21.60 -5.82
C SER A 42 15.03 21.74 -6.77
N VAL A 43 15.19 21.36 -8.04
CA VAL A 43 14.11 21.54 -9.01
C VAL A 43 12.93 20.61 -8.72
N ASP A 44 13.18 19.41 -8.21
CA ASP A 44 12.12 18.42 -8.01
C ASP A 44 11.74 18.24 -6.54
N SER A 45 11.90 19.27 -5.72
CA SER A 45 11.34 19.24 -4.37
C SER A 45 9.83 19.35 -4.44
N ALA A 46 9.14 18.64 -3.54
CA ALA A 46 7.68 18.57 -3.59
C ALA A 46 7.03 19.93 -3.35
N ASP A 47 7.72 20.82 -2.65
CA ASP A 47 7.14 22.15 -2.40
C ASP A 47 7.06 22.97 -3.68
N ASN A 48 8.13 22.98 -4.47
CA ASN A 48 8.16 23.80 -5.68
C ASN A 48 7.28 23.22 -6.77
N LEU A 49 7.23 21.89 -6.89
CA LEU A 49 6.40 21.27 -7.93
C LEU A 49 4.92 21.46 -7.65
N SER A 50 4.51 21.35 -6.38
CA SER A 50 3.10 21.48 -6.04
C SER A 50 2.58 22.89 -6.34
N GLU A 51 3.40 23.92 -6.07
CA GLU A 51 2.99 25.29 -6.32
C GLU A 51 2.83 25.56 -7.80
N LYS A 52 3.73 25.02 -8.63
CA LYS A 52 3.69 25.28 -10.06
C LYS A 52 2.41 24.74 -10.70
N LEU A 53 2.02 23.52 -10.32
CA LEU A 53 0.82 22.91 -10.90
C LEU A 53 -0.45 23.55 -10.32
N GLU A 54 -0.41 23.94 -9.04
CA GLU A 54 -1.57 24.58 -8.42
C GLU A 54 -1.90 25.90 -9.10
N ARG A 55 -0.87 26.66 -9.51
CA ARG A 55 -1.11 27.95 -10.16
C ARG A 55 -1.86 27.77 -11.48
N GLU A 56 -1.49 26.75 -12.25
CA GLU A 56 -2.14 26.52 -13.55
C GLU A 56 -3.52 25.91 -13.41
N TRP A 57 -3.73 25.05 -12.41
CA TRP A 57 -5.03 24.40 -12.25
C TRP A 57 -6.09 25.40 -11.82
N ASP A 58 -5.72 26.41 -11.03
CA ASP A 58 -6.69 27.44 -10.65
C ASP A 58 -7.03 28.34 -11.82
N ARG A 59 -6.14 28.44 -12.81
CA ARG A 59 -6.46 29.24 -14.00
C ARG A 59 -7.52 28.55 -14.86
N GLU A 60 -7.50 27.22 -14.90
CA GLU A 60 -8.52 26.49 -15.66
C GLU A 60 -9.90 26.67 -15.05
N LEU A 61 -10.02 26.59 -13.73
CA LEU A 61 -11.32 26.67 -13.07
C LEU A 61 -11.96 28.05 -13.19
N ALA A 62 -11.18 29.07 -13.51
CA ALA A 62 -11.69 30.44 -13.63
C ALA A 62 -11.82 30.89 -15.08
N SER A 63 -10.88 30.52 -15.95
CA SER A 63 -10.91 31.00 -17.32
C SER A 63 -11.83 30.16 -18.20
N LYS A 64 -11.62 28.83 -18.20
CA LYS A 64 -12.34 27.94 -19.09
C LYS A 64 -13.68 27.52 -18.49
N LYS A 65 -14.69 27.44 -19.36
CA LYS A 65 -15.98 26.92 -18.94
C LYS A 65 -15.94 25.42 -18.71
N ASN A 66 -15.00 24.72 -19.34
CA ASN A 66 -14.88 23.26 -19.27
C ASN A 66 -13.46 22.93 -18.80
N PRO A 67 -13.21 22.95 -17.49
CA PRO A 67 -11.84 22.71 -17.00
C PRO A 67 -11.37 21.30 -17.31
N LYS A 68 -10.09 21.20 -17.67
CA LYS A 68 -9.43 19.92 -17.89
C LYS A 68 -8.07 19.95 -17.21
N LEU A 69 -7.74 18.88 -16.49
CA LEU A 69 -6.44 18.80 -15.82
C LEU A 69 -5.31 18.65 -16.82
N ILE A 70 -5.58 18.01 -17.97
CA ILE A 70 -4.54 17.78 -18.95
C ILE A 70 -4.06 19.07 -19.61
N ASN A 71 -4.87 20.13 -19.61
CA ASN A 71 -4.39 21.41 -20.13
C ASN A 71 -3.44 22.09 -19.16
N ALA A 72 -3.65 21.91 -17.85
CA ALA A 72 -2.72 22.46 -16.88
C ALA A 72 -1.38 21.75 -16.95
N LEU A 73 -1.39 20.42 -17.10
CA LEU A 73 -0.14 19.69 -17.26
C LEU A 73 0.56 20.07 -18.56
N ARG A 74 -0.21 20.28 -19.62
CA ARG A 74 0.40 20.64 -20.90
C ARG A 74 1.11 21.98 -20.83
N ARG A 75 0.62 22.90 -20.00
CA ARG A 75 1.20 24.23 -19.91
C ARG A 75 2.46 24.27 -19.05
N CYS A 76 2.84 23.16 -18.42
CA CYS A 76 4.04 23.10 -17.61
C CYS A 76 5.15 22.24 -18.21
N PHE A 77 4.82 21.26 -19.06
CA PHE A 77 5.79 20.27 -19.49
C PHE A 77 5.86 20.05 -21.00
N PHE A 78 5.02 20.72 -21.79
CA PHE A 78 4.90 20.35 -23.20
C PHE A 78 6.19 20.60 -23.96
N TRP A 79 6.83 21.74 -23.75
CA TRP A 79 7.99 22.09 -24.57
C TRP A 79 9.19 21.21 -24.25
N ARG A 80 9.40 20.87 -22.98
CA ARG A 80 10.46 19.93 -22.64
C ARG A 80 10.14 18.52 -23.12
N PHE A 81 8.85 18.15 -23.11
CA PHE A 81 8.44 16.86 -23.64
C PHE A 81 8.78 16.74 -25.12
N MET A 82 8.50 17.80 -25.89
CA MET A 82 8.76 17.78 -27.32
C MET A 82 10.24 17.97 -27.65
N PHE A 83 10.99 18.60 -26.76
CA PHE A 83 12.42 18.79 -27.00
C PHE A 83 13.17 17.47 -27.03
N TYR A 84 12.85 16.56 -26.10
CA TYR A 84 13.49 15.25 -26.10
C TYR A 84 12.89 14.31 -27.15
N GLY A 85 11.73 14.65 -27.69
CA GLY A 85 11.15 13.82 -28.73
C GLY A 85 11.94 13.86 -30.02
N ILE A 86 12.43 15.03 -30.42
CA ILE A 86 13.15 15.15 -31.67
C ILE A 86 14.51 14.47 -31.59
N PHE A 87 15.16 14.49 -30.43
CA PHE A 87 16.43 13.78 -30.29
C PHE A 87 16.22 12.28 -30.22
N LEU A 88 15.11 11.83 -29.64
CA LEU A 88 14.78 10.41 -29.67
C LEU A 88 14.49 9.94 -31.10
N TYR A 89 13.81 10.79 -31.89
CA TYR A 89 13.49 10.42 -33.27
C TYR A 89 14.73 10.29 -34.13
N LEU A 90 15.69 11.21 -33.98
CA LEU A 90 16.91 11.13 -34.76
C LEU A 90 17.73 9.89 -34.41
N GLY A 91 17.60 9.39 -33.18
CA GLY A 91 18.28 8.17 -32.80
C GLY A 91 17.68 6.92 -33.41
N GLU A 92 16.41 6.97 -33.82
CA GLU A 92 15.78 5.84 -34.47
C GLU A 92 15.96 5.85 -35.99
N VAL A 93 16.05 7.03 -36.59
CA VAL A 93 16.35 7.10 -38.03
C VAL A 93 17.72 6.53 -38.32
N THR A 94 18.68 6.77 -37.41
CA THR A 94 20.02 6.21 -37.58
C THR A 94 19.98 4.68 -37.61
N LYS A 95 19.00 4.08 -36.92
CA LYS A 95 18.90 2.62 -36.89
C LYS A 95 18.34 2.06 -38.19
N ALA A 96 17.50 2.82 -38.90
CA ALA A 96 16.87 2.32 -40.11
C ALA A 96 17.79 2.40 -41.34
N VAL A 97 18.83 3.22 -41.30
CA VAL A 97 19.76 3.33 -42.42
C VAL A 97 21.04 2.53 -42.17
N GLN A 98 21.09 1.74 -41.11
CA GLN A 98 22.24 0.87 -40.89
C GLN A 98 22.43 -0.19 -41.97
N PRO A 99 21.41 -0.89 -42.45
CA PRO A 99 21.64 -1.89 -43.51
C PRO A 99 22.20 -1.32 -44.81
N LEU A 100 22.05 -0.01 -45.05
CA LEU A 100 22.64 0.57 -46.24
C LEU A 100 24.17 0.55 -46.20
N LEU A 101 24.76 0.63 -45.01
CA LEU A 101 26.21 0.62 -44.86
C LEU A 101 26.76 -0.75 -44.49
N LEU A 102 26.08 -1.49 -43.61
CA LEU A 102 26.55 -2.82 -43.23
C LEU A 102 26.32 -3.83 -44.34
N GLY A 103 25.26 -3.65 -45.14
CA GLY A 103 24.97 -4.61 -46.20
C GLY A 103 26.02 -4.63 -47.29
N ARG A 104 26.56 -3.47 -47.64
CA ARG A 104 27.60 -3.42 -48.67
C ARG A 104 28.97 -3.88 -48.16
N ILE A 105 29.23 -3.74 -46.85
CA ILE A 105 30.50 -4.22 -46.31
C ILE A 105 30.53 -5.75 -46.35
N ILE A 106 29.40 -6.41 -46.06
CA ILE A 106 29.34 -7.87 -46.05
C ILE A 106 29.52 -8.42 -47.46
N ALA A 107 29.11 -7.65 -48.48
CA ALA A 107 29.27 -8.03 -49.89
C ALA A 107 30.72 -7.98 -50.37
N SER A 108 31.59 -7.25 -49.68
CA SER A 108 32.97 -7.15 -50.14
C SER A 108 33.75 -8.44 -49.92
N TYR A 109 33.24 -9.37 -49.10
CA TYR A 109 33.89 -10.67 -48.96
C TYR A 109 33.72 -11.53 -50.20
N ASP A 110 32.73 -11.22 -51.02
CA ASP A 110 32.51 -11.95 -52.28
C ASP A 110 33.38 -11.32 -53.37
N PRO A 111 34.30 -12.07 -53.99
CA PRO A 111 35.16 -11.47 -55.02
C PRO A 111 34.43 -10.99 -56.25
N ASP A 112 33.18 -11.43 -56.48
CA ASP A 112 32.44 -10.94 -57.64
C ASP A 112 31.99 -9.51 -57.47
N ASN A 113 31.72 -9.07 -56.24
CA ASN A 113 31.24 -7.72 -55.98
C ASN A 113 32.44 -6.76 -56.00
N LYS A 114 32.86 -6.42 -57.21
CA LYS A 114 34.04 -5.59 -57.38
C LYS A 114 33.76 -4.13 -57.03
N GLU A 115 32.51 -3.69 -57.17
CA GLU A 115 32.18 -2.29 -56.91
C GLU A 115 32.22 -1.96 -55.42
N GLU A 116 31.67 -2.86 -54.59
CA GLU A 116 31.69 -2.64 -53.14
C GLU A 116 33.09 -2.75 -52.57
N ARG A 117 33.99 -3.49 -53.24
CA ARG A 117 35.34 -3.66 -52.72
C ARG A 117 36.16 -2.38 -52.85
N SER A 118 35.87 -1.55 -53.86
CA SER A 118 36.68 -0.36 -54.08
C SER A 118 36.43 0.73 -53.05
N ILE A 119 35.29 0.69 -52.36
CA ILE A 119 34.92 1.77 -51.44
C ILE A 119 34.61 1.18 -50.07
N ALA A 120 35.10 -0.03 -49.80
CA ALA A 120 34.80 -0.68 -48.53
C ALA A 120 35.37 0.10 -47.35
N ILE A 121 36.56 0.68 -47.51
CA ILE A 121 37.22 1.35 -46.39
C ILE A 121 36.47 2.61 -45.99
N TYR A 122 35.81 3.29 -46.93
CA TYR A 122 35.02 4.46 -46.59
C TYR A 122 33.70 4.08 -45.94
N LEU A 123 33.13 2.94 -46.32
CA LEU A 123 31.90 2.48 -45.68
C LEU A 123 32.16 2.09 -44.22
N GLY A 124 33.33 1.53 -43.94
CA GLY A 124 33.66 1.18 -42.57
C GLY A 124 33.79 2.39 -41.66
N ILE A 125 34.42 3.46 -42.16
CA ILE A 125 34.56 4.68 -41.38
C ILE A 125 33.18 5.28 -41.08
N GLY A 126 32.31 5.32 -42.08
CA GLY A 126 30.97 5.84 -41.84
C GLY A 126 30.16 5.00 -40.87
N LEU A 127 30.34 3.67 -40.93
CA LEU A 127 29.61 2.80 -40.03
C LEU A 127 30.02 3.02 -38.59
N CYS A 128 31.32 3.23 -38.33
CA CYS A 128 31.79 3.49 -36.97
C CYS A 128 31.19 4.77 -36.41
N LEU A 129 31.17 5.85 -37.21
CA LEU A 129 30.60 7.10 -36.75
C LEU A 129 29.09 6.98 -36.56
N LEU A 130 28.43 6.11 -37.33
CA LEU A 130 27.00 5.91 -37.15
C LEU A 130 26.69 5.30 -35.79
N PHE A 131 27.50 4.33 -35.35
CA PHE A 131 27.28 3.72 -34.04
C PHE A 131 27.47 4.73 -32.92
N ILE A 132 28.52 5.56 -33.02
CA ILE A 132 28.83 6.50 -31.94
C ILE A 132 27.72 7.53 -31.76
N VAL A 133 27.19 8.05 -32.87
CA VAL A 133 26.15 9.07 -32.79
C VAL A 133 24.88 8.50 -32.18
N ARG A 134 24.51 7.28 -32.56
CA ARG A 134 23.30 6.68 -32.00
C ARG A 134 23.41 6.48 -30.50
N THR A 135 24.61 6.11 -30.02
CA THR A 135 24.80 5.90 -28.59
C THR A 135 24.63 7.19 -27.80
N LEU A 136 25.19 8.30 -28.31
CA LEU A 136 25.16 9.57 -27.60
C LEU A 136 23.83 10.30 -27.73
N LEU A 137 22.94 9.84 -28.60
CA LEU A 137 21.70 10.55 -28.89
C LEU A 137 20.47 9.94 -28.22
N LEU A 138 20.49 8.64 -27.95
CA LEU A 138 19.33 7.99 -27.34
C LEU A 138 19.31 8.17 -25.84
N HIS A 139 20.36 7.72 -25.16
CA HIS A 139 20.32 7.59 -23.70
C HIS A 139 20.11 8.91 -22.96
N PRO A 140 20.78 10.01 -23.30
CA PRO A 140 20.44 11.28 -22.63
C PRO A 140 18.99 11.70 -22.84
N ALA A 141 18.42 11.40 -24.01
CA ALA A 141 17.03 11.75 -24.27
C ALA A 141 16.07 10.87 -23.47
N ILE A 142 16.42 9.60 -23.29
CA ILE A 142 15.56 8.70 -22.53
C ILE A 142 15.56 9.08 -21.05
N PHE A 143 16.72 9.50 -20.53
CA PHE A 143 16.79 9.90 -19.13
C PHE A 143 15.98 11.15 -18.87
N GLY A 144 16.02 12.12 -19.78
CA GLY A 144 15.24 13.34 -19.60
C GLY A 144 13.75 13.08 -19.56
N LEU A 145 13.28 12.10 -20.34
CA LEU A 145 11.86 11.76 -20.32
C LEU A 145 11.47 11.07 -19.02
N HIS A 146 12.37 10.27 -18.44
CA HIS A 146 12.11 9.72 -17.11
C HIS A 146 12.04 10.84 -16.07
N HIS A 147 12.89 11.85 -16.21
CA HIS A 147 12.90 12.96 -15.27
C HIS A 147 11.57 13.72 -15.29
N ILE A 148 11.03 13.95 -16.49
CA ILE A 148 9.76 14.67 -16.61
C ILE A 148 8.62 13.86 -15.99
N GLY A 149 8.59 12.55 -16.24
CA GLY A 149 7.53 11.74 -15.68
C GLY A 149 7.55 11.68 -14.17
N MET A 150 8.74 11.73 -13.57
CA MET A 150 8.85 11.78 -12.11
C MET A 150 8.28 13.08 -11.57
N GLN A 151 8.56 14.20 -12.24
CA GLN A 151 8.09 15.49 -11.76
C GLN A 151 6.57 15.59 -11.83
N MET A 152 5.95 15.03 -12.87
CA MET A 152 4.50 15.07 -12.98
C MET A 152 3.83 14.28 -11.86
N ARG A 153 4.38 13.12 -11.52
CA ARG A 153 3.79 12.29 -10.48
C ARG A 153 3.85 12.97 -9.12
N ILE A 154 4.97 13.61 -8.81
CA ILE A 154 5.13 14.27 -7.51
C ILE A 154 4.18 15.45 -7.38
N ALA A 155 4.02 16.22 -8.47
CA ALA A 155 3.13 17.38 -8.42
C ALA A 155 1.68 16.96 -8.21
N MET A 156 1.26 15.87 -8.85
CA MET A 156 -0.14 15.45 -8.75
C MET A 156 -0.45 14.74 -7.43
N PHE A 157 0.52 14.01 -6.86
CA PHE A 157 0.28 13.36 -5.59
C PHE A 157 0.03 14.37 -4.47
N SER A 158 0.76 15.49 -4.49
CA SER A 158 0.58 16.50 -3.45
C SER A 158 -0.78 17.19 -3.56
N LEU A 159 -1.28 17.37 -4.79
CA LEU A 159 -2.58 17.99 -4.95
C LEU A 159 -3.69 17.10 -4.41
N ILE A 160 -3.55 15.79 -4.58
CA ILE A 160 -4.56 14.85 -4.06
C ILE A 160 -4.64 14.95 -2.54
N TYR A 161 -3.49 15.01 -1.87
CA TYR A 161 -3.48 15.03 -0.42
C TYR A 161 -4.05 16.33 0.13
N LYS A 162 -3.73 17.47 -0.51
CA LYS A 162 -4.28 18.74 -0.06
C LYS A 162 -5.80 18.77 -0.23
N LYS A 163 -6.31 18.15 -1.30
CA LYS A 163 -7.75 18.07 -1.49
C LYS A 163 -8.39 17.16 -0.45
N THR A 164 -7.68 16.12 -0.02
CA THR A 164 -8.25 15.16 0.92
C THR A 164 -8.63 15.81 2.23
N LEU A 165 -7.78 16.71 2.74
CA LEU A 165 -8.06 17.37 4.01
C LEU A 165 -9.27 18.30 3.93
N LYS A 166 -9.72 18.66 2.73
CA LYS A 166 -10.84 19.56 2.56
C LYS A 166 -12.14 18.85 2.21
N LEU A 167 -12.15 17.52 2.13
CA LEU A 167 -13.34 16.79 1.72
C LEU A 167 -14.48 16.98 2.72
N SER A 168 -15.69 17.06 2.19
CA SER A 168 -16.88 17.14 3.03
C SER A 168 -17.14 15.81 3.73
N SER A 169 -17.92 15.88 4.82
CA SER A 169 -18.22 14.69 5.59
C SER A 169 -19.25 13.79 4.91
N ARG A 170 -20.04 14.32 3.99
CA ARG A 170 -21.02 13.48 3.28
C ARG A 170 -20.34 12.59 2.25
N VAL A 171 -19.31 13.10 1.58
CA VAL A 171 -18.62 12.33 0.55
C VAL A 171 -17.55 11.40 1.13
N LEU A 172 -17.27 11.49 2.43
CA LEU A 172 -16.32 10.56 3.04
C LEU A 172 -16.87 9.14 3.11
N ASP A 173 -18.20 8.99 3.10
CA ASP A 173 -18.79 7.65 3.17
C ASP A 173 -18.51 6.84 1.91
N LYS A 174 -18.41 7.51 0.77
CA LYS A 174 -18.21 6.85 -0.51
C LYS A 174 -16.74 6.59 -0.83
N ILE A 175 -15.82 7.03 0.02
CA ILE A 175 -14.39 6.87 -0.21
C ILE A 175 -13.80 6.06 0.92
N SER A 176 -13.15 4.96 0.58
CA SER A 176 -12.47 4.10 1.55
C SER A 176 -10.96 4.29 1.46
N ILE A 177 -10.26 3.69 2.42
CA ILE A 177 -8.80 3.72 2.41
C ILE A 177 -8.24 2.94 1.23
N GLY A 178 -8.95 1.88 0.80
CA GLY A 178 -8.47 1.05 -0.30
C GLY A 178 -8.52 1.73 -1.65
N GLN A 179 -9.41 2.71 -1.82
CA GLN A 179 -9.45 3.44 -3.09
C GLN A 179 -8.25 4.37 -3.23
N LEU A 180 -7.91 5.07 -2.16
CA LEU A 180 -6.76 5.98 -2.19
C LEU A 180 -5.45 5.22 -2.36
N VAL A 181 -5.31 4.08 -1.67
CA VAL A 181 -4.08 3.31 -1.77
C VAL A 181 -3.89 2.75 -3.17
N SER A 182 -4.97 2.25 -3.78
CA SER A 182 -4.88 1.73 -5.14
C SER A 182 -4.59 2.84 -6.14
N LEU A 183 -5.15 4.03 -5.91
CA LEU A 183 -4.89 5.16 -6.81
C LEU A 183 -3.44 5.56 -6.79
N LEU A 184 -2.80 5.52 -5.61
CA LEU A 184 -1.42 5.96 -5.50
C LEU A 184 -0.43 4.86 -5.83
N SER A 185 -0.70 3.62 -5.40
CA SER A 185 0.27 2.54 -5.57
C SER A 185 0.44 2.16 -7.04
N ASN A 186 -0.64 2.19 -7.81
CA ASN A 186 -0.57 1.76 -9.21
C ASN A 186 0.34 2.66 -10.04
N ASN A 187 0.40 3.94 -9.72
CA ASN A 187 1.19 4.90 -10.48
C ASN A 187 2.56 5.17 -9.85
N LEU A 188 2.91 4.46 -8.78
CA LEU A 188 4.11 4.80 -8.01
C LEU A 188 5.38 4.58 -8.80
N ASN A 189 5.38 3.67 -9.78
CA ASN A 189 6.53 3.47 -10.65
C ASN A 189 6.18 3.39 -12.13
N LYS A 190 4.97 2.99 -12.48
CA LYS A 190 4.61 2.82 -13.89
C LYS A 190 4.52 4.15 -14.61
N PHE A 191 4.04 5.20 -13.93
CA PHE A 191 3.85 6.48 -14.60
C PHE A 191 5.17 7.11 -15.01
N ASP A 192 6.21 6.99 -14.17
CA ASP A 192 7.49 7.63 -14.48
C ASP A 192 8.09 7.09 -15.78
N GLU A 193 8.09 5.77 -15.93
CA GLU A 193 8.73 5.15 -17.08
C GLU A 193 7.85 5.15 -18.31
N GLY A 194 6.57 5.53 -18.18
CA GLY A 194 5.68 5.56 -19.33
C GLY A 194 6.06 6.61 -20.35
N LEU A 195 6.58 7.76 -19.91
CA LEU A 195 6.86 8.86 -20.81
C LEU A 195 7.96 8.54 -21.82
N ALA A 196 8.78 7.52 -21.55
CA ALA A 196 9.81 7.13 -22.52
C ALA A 196 9.24 6.40 -23.73
N LEU A 197 8.02 5.88 -23.62
CA LEU A 197 7.36 5.18 -24.73
C LEU A 197 6.30 6.03 -25.41
N ALA A 198 5.98 7.21 -24.89
CA ALA A 198 4.86 7.98 -25.40
C ALA A 198 5.12 8.52 -26.80
N HIS A 199 6.36 8.82 -27.13
CA HIS A 199 6.66 9.47 -28.40
C HIS A 199 6.53 8.55 -29.61
N PHE A 200 6.53 7.24 -29.40
CA PHE A 200 6.45 6.30 -30.52
C PHE A 200 5.07 6.26 -31.17
N VAL A 201 4.12 7.08 -30.73
CA VAL A 201 2.83 7.15 -31.41
C VAL A 201 2.97 7.88 -32.74
N TRP A 202 3.98 8.74 -32.89
CA TRP A 202 4.27 9.40 -34.15
C TRP A 202 5.62 9.03 -34.73
N ILE A 203 6.50 8.36 -33.97
CA ILE A 203 7.77 7.93 -34.51
C ILE A 203 7.61 6.64 -35.32
N ALA A 204 6.78 5.72 -34.84
CA ALA A 204 6.58 4.46 -35.56
C ALA A 204 5.97 4.63 -36.93
N PRO A 205 4.91 5.44 -37.13
CA PRO A 205 4.43 5.65 -38.51
C PRO A 205 5.46 6.29 -39.44
N LEU A 206 6.34 7.15 -38.93
CA LEU A 206 7.38 7.72 -39.79
C LEU A 206 8.46 6.71 -40.13
N GLN A 207 8.76 5.79 -39.21
CA GLN A 207 9.71 4.73 -39.50
C GLN A 207 9.18 3.79 -40.57
N VAL A 208 7.88 3.51 -40.54
CA VAL A 208 7.26 2.65 -41.55
C VAL A 208 7.35 3.30 -42.92
N ALA A 209 7.10 4.61 -43.01
CA ALA A 209 7.15 5.30 -44.29
C ALA A 209 8.55 5.30 -44.87
N LEU A 210 9.57 5.51 -44.03
CA LEU A 210 10.95 5.50 -44.51
C LEU A 210 11.38 4.09 -44.92
N LEU A 211 11.09 3.09 -44.09
CA LEU A 211 11.51 1.73 -44.39
C LEU A 211 10.80 1.17 -45.61
N MET A 212 9.54 1.54 -45.83
CA MET A 212 8.79 1.00 -46.96
C MET A 212 9.37 1.48 -48.28
N GLY A 213 9.90 2.69 -48.33
CA GLY A 213 10.54 3.17 -49.54
C GLY A 213 11.82 2.43 -49.86
N LEU A 214 12.61 2.10 -48.84
CA LEU A 214 13.86 1.38 -49.08
C LEU A 214 13.61 -0.06 -49.53
N ILE A 215 12.59 -0.72 -48.96
CA ILE A 215 12.26 -2.07 -49.40
C ILE A 215 11.67 -2.06 -50.80
N TRP A 216 10.94 -1.00 -51.15
CA TRP A 216 10.42 -0.88 -52.50
C TRP A 216 11.54 -0.83 -53.53
N GLU A 217 12.69 -0.27 -53.15
CA GLU A 217 13.82 -0.17 -54.08
C GLU A 217 14.32 -1.55 -54.49
N LEU A 218 14.29 -2.52 -53.58
CA LEU A 218 14.74 -3.87 -53.91
C LEU A 218 13.64 -4.65 -54.63
N LEU A 219 12.47 -4.78 -54.00
CA LEU A 219 11.35 -5.53 -54.54
C LEU A 219 10.29 -4.53 -54.98
N GLN A 220 10.08 -4.42 -56.29
CA GLN A 220 9.29 -3.33 -56.85
C GLN A 220 7.87 -3.29 -56.30
N ALA A 221 7.06 -4.29 -56.63
CA ALA A 221 5.67 -4.33 -56.20
C ALA A 221 5.38 -5.42 -55.19
N SER A 222 6.28 -6.38 -55.02
CA SER A 222 6.10 -7.45 -54.06
C SER A 222 6.27 -6.98 -52.62
N ALA A 223 6.79 -5.77 -52.40
CA ALA A 223 6.99 -5.28 -51.04
C ALA A 223 5.66 -5.10 -50.31
N PHE A 224 4.61 -4.73 -51.04
CA PHE A 224 3.32 -4.46 -50.41
C PHE A 224 2.64 -5.72 -49.89
N CYS A 225 3.04 -6.90 -50.35
CA CYS A 225 2.51 -8.13 -49.78
C CYS A 225 2.96 -8.30 -48.33
N GLY A 226 4.09 -7.72 -47.96
CA GLY A 226 4.50 -7.71 -46.57
C GLY A 226 3.81 -6.67 -45.73
N LEU A 227 3.39 -5.56 -46.35
CA LEU A 227 2.67 -4.53 -45.62
C LEU A 227 1.25 -4.98 -45.28
N GLY A 228 0.60 -5.67 -46.21
CA GLY A 228 -0.75 -6.14 -45.95
C GLY A 228 -0.83 -7.09 -44.78
N PHE A 229 0.21 -7.92 -44.59
CA PHE A 229 0.25 -8.80 -43.44
C PHE A 229 0.44 -8.03 -42.14
N LEU A 230 1.27 -6.99 -42.15
CA LEU A 230 1.53 -6.23 -40.93
C LEU A 230 0.34 -5.36 -40.54
N ILE A 231 -0.42 -4.86 -41.51
CA ILE A 231 -1.63 -4.10 -41.19
C ILE A 231 -2.64 -5.00 -40.49
N VAL A 232 -2.81 -6.23 -40.98
CA VAL A 232 -3.72 -7.18 -40.35
C VAL A 232 -3.24 -7.52 -38.95
N LEU A 233 -1.92 -7.61 -38.76
CA LEU A 233 -1.38 -7.87 -37.43
C LEU A 233 -1.59 -6.69 -36.49
N ALA A 234 -1.53 -5.47 -37.02
CA ALA A 234 -1.75 -4.28 -36.19
C ALA A 234 -3.20 -4.20 -35.71
N LEU A 235 -4.16 -4.52 -36.58
CA LEU A 235 -5.56 -4.55 -36.16
C LEU A 235 -5.81 -5.63 -35.13
N PHE A 236 -5.14 -6.78 -35.28
CA PHE A 236 -5.30 -7.87 -34.33
C PHE A 236 -4.81 -7.46 -32.94
N GLN A 237 -3.67 -6.77 -32.88
CA GLN A 237 -3.15 -6.34 -31.59
C GLN A 237 -3.97 -5.22 -30.98
N ALA A 238 -4.58 -4.37 -31.80
CA ALA A 238 -5.47 -3.34 -31.27
C ALA A 238 -6.69 -3.97 -30.61
N GLY A 239 -7.21 -5.05 -31.20
CA GLY A 239 -8.34 -5.73 -30.59
C GLY A 239 -8.00 -6.39 -29.27
N LEU A 240 -6.81 -6.97 -29.17
CA LEU A 240 -6.38 -7.57 -27.91
C LEU A 240 -6.16 -6.52 -26.83
N GLY A 241 -5.81 -5.29 -27.22
CA GLY A 241 -5.63 -4.24 -26.24
C GLY A 241 -6.92 -3.86 -25.54
N ARG A 242 -8.01 -3.76 -26.28
CA ARG A 242 -9.29 -3.43 -25.67
C ARG A 242 -9.85 -4.60 -24.86
N MET A 243 -9.56 -5.83 -25.28
CA MET A 243 -10.01 -7.00 -24.54
C MET A 243 -9.32 -7.09 -23.18
N MET A 244 -8.05 -6.71 -23.12
CA MET A 244 -7.31 -6.75 -21.86
C MET A 244 -7.79 -5.68 -20.89
N MET A 245 -8.10 -4.49 -21.39
CA MET A 245 -8.53 -3.40 -20.51
C MET A 245 -9.91 -3.66 -19.92
N LYS A 246 -10.79 -4.38 -20.64
CA LYS A 246 -12.10 -4.70 -20.10
C LYS A 246 -11.98 -5.59 -18.86
N TYR A 247 -11.08 -6.57 -18.90
CA TYR A 247 -10.87 -7.43 -17.74
C TYR A 247 -10.23 -6.68 -16.59
N ARG A 248 -9.43 -5.65 -16.89
CA ARG A 248 -8.74 -4.92 -15.83
C ARG A 248 -9.71 -4.01 -15.07
N ASP A 249 -10.72 -3.47 -15.75
CA ASP A 249 -11.69 -2.60 -15.09
C ASP A 249 -12.60 -3.40 -14.16
N GLN A 250 -12.94 -4.63 -14.54
CA GLN A 250 -13.78 -5.46 -13.69
C GLN A 250 -13.04 -5.94 -12.45
N ARG A 251 -11.72 -5.87 -12.44
CA ARG A 251 -10.91 -6.37 -11.33
C ARG A 251 -10.62 -5.31 -10.28
N ALA A 252 -10.78 -4.02 -10.61
CA ALA A 252 -10.36 -2.95 -9.71
C ALA A 252 -11.19 -2.93 -8.44
N GLY A 253 -12.50 -3.17 -8.55
CA GLY A 253 -13.37 -3.09 -7.39
C GLY A 253 -13.07 -4.12 -6.32
N LYS A 254 -12.64 -5.32 -6.73
CA LYS A 254 -12.37 -6.38 -5.76
C LYS A 254 -11.05 -6.18 -5.03
N ILE A 255 -10.08 -5.51 -5.64
CA ILE A 255 -8.82 -5.27 -4.96
C ILE A 255 -9.00 -4.25 -3.83
N SER A 256 -9.78 -3.21 -4.08
CA SER A 256 -10.06 -2.21 -3.04
C SER A 256 -10.84 -2.81 -1.88
N GLU A 257 -11.73 -3.76 -2.16
CA GLU A 257 -12.49 -4.41 -1.10
C GLU A 257 -11.60 -5.31 -0.26
N ARG A 258 -10.60 -5.94 -0.85
CA ARG A 258 -9.70 -6.81 -0.11
C ARG A 258 -8.74 -6.01 0.75
N LEU A 259 -8.30 -4.84 0.27
CA LEU A 259 -7.34 -4.04 1.02
C LEU A 259 -7.93 -3.50 2.31
N VAL A 260 -9.19 -3.08 2.29
CA VAL A 260 -9.80 -2.52 3.49
C VAL A 260 -10.00 -3.60 4.55
N ILE A 261 -10.42 -4.80 4.13
CA ILE A 261 -10.64 -5.88 5.08
C ILE A 261 -9.33 -6.38 5.67
N THR A 262 -8.27 -6.43 4.85
CA THR A 262 -6.97 -6.83 5.36
C THR A 262 -6.43 -5.84 6.37
N SER A 263 -6.63 -4.54 6.11
CA SER A 263 -6.16 -3.51 7.03
C SER A 263 -6.88 -3.58 8.37
N GLU A 264 -8.20 -3.82 8.35
CA GLU A 264 -8.97 -3.85 9.58
C GLU A 264 -8.53 -4.99 10.49
N MET A 265 -8.36 -6.20 9.93
CA MET A 265 -8.10 -7.35 10.78
C MET A 265 -6.71 -7.32 11.40
N ILE A 266 -5.76 -6.64 10.78
CA ILE A 266 -4.41 -6.57 11.34
C ILE A 266 -4.31 -5.46 12.38
N GLU A 267 -5.10 -4.40 12.24
CA GLU A 267 -5.04 -3.31 13.23
C GLU A 267 -5.45 -3.79 14.62
N ASN A 268 -6.43 -4.70 14.69
CA ASN A 268 -6.87 -5.27 15.96
C ASN A 268 -6.69 -6.77 15.99
N ILE A 269 -5.47 -7.23 15.67
CA ILE A 269 -5.14 -8.65 15.68
C ILE A 269 -5.29 -9.25 17.07
N GLN A 270 -5.18 -8.43 18.13
CA GLN A 270 -5.38 -8.94 19.48
C GLN A 270 -6.82 -9.42 19.68
N SER A 271 -7.80 -8.69 19.16
CA SER A 271 -9.19 -9.11 19.26
C SER A 271 -9.46 -10.34 18.41
N VAL A 272 -8.76 -10.49 17.27
CA VAL A 272 -8.92 -11.68 16.44
C VAL A 272 -8.41 -12.91 17.18
N LYS A 273 -7.26 -12.79 17.84
CA LYS A 273 -6.70 -13.94 18.54
C LYS A 273 -7.54 -14.34 19.75
N ALA A 274 -8.08 -13.35 20.46
CA ALA A 274 -8.91 -13.66 21.64
C ALA A 274 -10.17 -14.42 21.25
N TYR A 275 -10.79 -14.03 20.14
CA TYR A 275 -11.99 -14.70 19.65
C TYR A 275 -11.69 -16.02 18.94
N CYS A 276 -10.42 -16.28 18.61
CA CYS A 276 -10.02 -17.44 17.81
C CYS A 276 -10.67 -17.39 16.43
N TRP A 277 -10.49 -16.25 15.75
CA TRP A 277 -11.13 -15.99 14.46
C TRP A 277 -10.16 -16.04 13.29
N GLU A 278 -8.98 -16.64 13.47
CA GLU A 278 -7.98 -16.66 12.40
C GLU A 278 -8.51 -17.40 11.17
N GLU A 279 -9.10 -18.58 11.39
CA GLU A 279 -9.56 -19.39 10.27
C GLU A 279 -10.70 -18.72 9.51
N ALA A 280 -11.59 -18.03 10.23
CA ALA A 280 -12.69 -17.34 9.57
C ALA A 280 -12.20 -16.17 8.72
N MET A 281 -11.17 -15.46 9.19
CA MET A 281 -10.64 -14.34 8.42
C MET A 281 -9.96 -14.81 7.15
N GLU A 282 -9.27 -15.95 7.19
CA GLU A 282 -8.61 -16.47 6.01
C GLU A 282 -9.62 -16.88 4.94
N LYS A 283 -10.76 -17.44 5.35
CA LYS A 283 -11.76 -17.87 4.39
C LYS A 283 -12.35 -16.69 3.63
N MET A 284 -12.56 -15.56 4.32
CA MET A 284 -13.10 -14.38 3.64
C MET A 284 -12.14 -13.83 2.60
N ILE A 285 -10.85 -13.76 2.94
CA ILE A 285 -9.87 -13.25 1.98
C ILE A 285 -9.69 -14.24 0.82
N GLU A 286 -9.77 -15.54 1.12
CA GLU A 286 -9.61 -16.54 0.08
C GLU A 286 -10.70 -16.42 -0.98
N ASN A 287 -11.94 -16.14 -0.57
CA ASN A 287 -13.01 -15.99 -1.54
C ASN A 287 -12.86 -14.72 -2.38
N LEU A 288 -12.32 -13.64 -1.79
CA LEU A 288 -12.09 -12.43 -2.56
C LEU A 288 -10.95 -12.60 -3.56
N ARG A 289 -9.90 -13.33 -3.17
CA ARG A 289 -8.77 -13.54 -4.07
C ARG A 289 -9.16 -14.38 -5.27
N GLN A 290 -10.01 -15.38 -5.06
CA GLN A 290 -10.33 -16.32 -6.14
C GLN A 290 -11.04 -15.61 -7.30
N THR A 291 -11.97 -14.71 -7.00
CA THR A 291 -12.71 -14.03 -8.05
C THR A 291 -11.80 -13.13 -8.88
N GLU A 292 -10.85 -12.44 -8.23
CA GLU A 292 -9.98 -11.54 -8.96
C GLU A 292 -8.86 -12.27 -9.70
N LEU A 293 -8.53 -13.50 -9.29
CA LEU A 293 -7.49 -14.25 -9.99
C LEU A 293 -8.00 -14.80 -11.31
N LYS A 294 -9.31 -15.06 -11.42
CA LYS A 294 -9.86 -15.51 -12.69
C LYS A 294 -9.74 -14.43 -13.75
N LEU A 295 -9.96 -13.17 -13.37
CA LEU A 295 -9.75 -12.07 -14.31
C LEU A 295 -8.28 -11.85 -14.61
N THR A 296 -7.40 -12.14 -13.64
CA THR A 296 -5.98 -11.99 -13.87
C THR A 296 -5.46 -13.02 -14.87
N ARG A 297 -5.97 -14.25 -14.80
CA ARG A 297 -5.57 -15.27 -15.75
C ARG A 297 -6.05 -14.93 -17.17
N LYS A 298 -7.30 -14.48 -17.30
CA LYS A 298 -7.84 -14.19 -18.62
C LYS A 298 -7.10 -13.01 -19.27
N ALA A 299 -6.69 -12.02 -18.48
CA ALA A 299 -5.87 -10.95 -19.02
C ALA A 299 -4.48 -11.45 -19.40
N ALA A 300 -3.99 -12.48 -18.73
CA ALA A 300 -2.67 -13.02 -19.04
C ALA A 300 -2.67 -13.78 -20.37
N TYR A 301 -3.75 -14.50 -20.68
CA TYR A 301 -3.83 -15.19 -21.96
C TYR A 301 -3.84 -14.22 -23.12
N VAL A 302 -4.60 -13.14 -22.99
CA VAL A 302 -4.65 -12.12 -24.03
C VAL A 302 -3.29 -11.45 -24.20
N ARG A 303 -2.61 -11.14 -23.10
CA ARG A 303 -1.32 -10.46 -23.17
C ARG A 303 -0.22 -11.35 -23.74
N TYR A 304 -0.36 -12.67 -23.63
CA TYR A 304 0.64 -13.56 -24.23
C TYR A 304 0.61 -13.46 -25.76
N PHE A 305 -0.58 -13.51 -26.35
CA PHE A 305 -0.69 -13.40 -27.80
C PHE A 305 -0.24 -12.02 -28.28
N ASN A 306 -0.42 -11.00 -27.46
CA ASN A 306 0.01 -9.66 -27.81
C ASN A 306 1.53 -9.53 -27.78
N SER A 307 2.20 -10.34 -26.97
CA SER A 307 3.64 -10.27 -26.77
C SER A 307 4.42 -11.16 -27.72
N SER A 308 3.90 -12.35 -28.04
CA SER A 308 4.59 -13.25 -28.95
C SER A 308 4.39 -12.90 -30.42
N ALA A 309 3.57 -11.89 -30.72
CA ALA A 309 3.31 -11.52 -32.11
C ALA A 309 4.58 -11.08 -32.82
N PHE A 310 5.58 -10.60 -32.08
CA PHE A 310 6.84 -10.22 -32.70
C PHE A 310 7.59 -11.43 -33.24
N PHE A 311 7.67 -12.49 -32.44
CA PHE A 311 8.49 -13.63 -32.82
C PHE A 311 7.83 -14.47 -33.91
N PHE A 312 6.50 -14.42 -34.04
CA PHE A 312 5.77 -15.22 -35.01
C PHE A 312 5.50 -14.48 -36.30
N SER A 313 6.17 -13.36 -36.54
CA SER A 313 6.03 -12.63 -37.80
C SER A 313 7.34 -12.52 -38.56
N GLY A 314 8.45 -13.04 -38.00
CA GLY A 314 9.74 -12.83 -38.64
C GLY A 314 9.92 -13.62 -39.92
N PHE A 315 9.17 -14.70 -40.08
CA PHE A 315 9.28 -15.55 -41.25
C PHE A 315 8.17 -15.34 -42.26
N PHE A 316 6.96 -14.98 -41.81
CA PHE A 316 5.82 -14.89 -42.71
C PHE A 316 5.70 -13.52 -43.38
N VAL A 317 6.42 -12.51 -42.91
CA VAL A 317 6.46 -11.24 -43.63
C VAL A 317 7.60 -11.22 -44.64
N VAL A 318 8.71 -11.89 -44.34
CA VAL A 318 9.80 -12.01 -45.31
C VAL A 318 9.40 -12.95 -46.43
N PHE A 319 8.78 -14.08 -46.09
CA PHE A 319 8.41 -15.07 -47.10
C PHE A 319 7.36 -14.51 -48.06
N LEU A 320 6.37 -13.81 -47.54
CA LEU A 320 5.27 -13.34 -48.38
C LEU A 320 5.70 -12.23 -49.32
N SER A 321 6.75 -11.48 -48.98
CA SER A 321 7.22 -10.40 -49.84
C SER A 321 8.29 -10.84 -50.82
N VAL A 322 8.85 -12.04 -50.67
CA VAL A 322 9.94 -12.50 -51.52
C VAL A 322 9.40 -13.53 -52.51
N LEU A 323 8.44 -14.35 -52.06
CA LEU A 323 7.94 -15.44 -52.89
C LEU A 323 7.37 -14.97 -54.23
N PRO A 324 6.50 -13.95 -54.32
CA PRO A 324 6.06 -13.50 -55.64
C PRO A 324 7.19 -12.99 -56.51
N TYR A 325 8.22 -12.39 -55.92
CA TYR A 325 9.34 -11.87 -56.69
C TYR A 325 10.21 -13.00 -57.23
N ALA A 326 10.46 -14.02 -56.40
CA ALA A 326 11.34 -15.11 -56.81
C ALA A 326 10.71 -15.97 -57.91
N LEU A 327 9.39 -16.14 -57.88
CA LEU A 327 8.73 -16.99 -58.87
C LEU A 327 8.75 -16.40 -60.26
N ILE A 328 8.69 -15.07 -60.38
CA ILE A 328 8.75 -14.43 -61.69
C ILE A 328 10.18 -14.37 -62.21
N LYS A 329 11.13 -14.05 -61.33
CA LYS A 329 12.53 -13.95 -61.72
C LYS A 329 13.39 -14.35 -60.53
N GLY A 330 14.46 -15.10 -60.82
CA GLY A 330 15.32 -15.59 -59.75
C GLY A 330 15.89 -14.46 -58.92
N ILE A 331 15.95 -14.68 -57.61
CA ILE A 331 16.53 -13.73 -56.68
C ILE A 331 17.81 -14.32 -56.12
N ILE A 332 18.84 -13.49 -55.99
CA ILE A 332 20.11 -13.96 -55.44
C ILE A 332 20.04 -13.97 -53.92
N LEU A 333 21.02 -14.66 -53.31
CA LEU A 333 21.05 -14.73 -51.85
C LEU A 333 21.34 -13.37 -51.24
N ARG A 334 22.00 -12.47 -51.97
CA ARG A 334 22.29 -11.14 -51.44
C ARG A 334 21.01 -10.36 -51.14
N LYS A 335 20.04 -10.39 -52.05
CA LYS A 335 18.80 -9.65 -51.84
C LYS A 335 17.97 -10.24 -50.71
N ILE A 336 17.99 -11.57 -50.57
CA ILE A 336 17.20 -12.21 -49.51
C ILE A 336 17.68 -11.75 -48.14
N PHE A 337 19.00 -11.65 -47.95
CA PHE A 337 19.52 -11.21 -46.67
C PHE A 337 19.22 -9.73 -46.41
N THR A 338 19.34 -8.89 -47.44
CA THR A 338 19.11 -7.46 -47.24
C THR A 338 17.65 -7.17 -46.89
N THR A 339 16.72 -7.91 -47.49
CA THR A 339 15.32 -7.79 -47.11
C THR A 339 15.09 -8.22 -45.67
N ILE A 340 15.80 -9.26 -45.23
CA ILE A 340 15.68 -9.72 -43.86
C ILE A 340 16.13 -8.62 -42.88
N SER A 341 17.21 -7.92 -43.20
CA SER A 341 17.69 -6.86 -42.32
C SER A 341 16.70 -5.71 -42.20
N PHE A 342 16.10 -5.29 -43.32
CA PHE A 342 15.13 -4.21 -43.27
C PHE A 342 13.85 -4.63 -42.55
N CYS A 343 13.46 -5.90 -42.68
CA CYS A 343 12.23 -6.36 -42.05
C CYS A 343 12.36 -6.49 -40.53
N ILE A 344 13.59 -6.63 -40.02
CA ILE A 344 13.77 -6.68 -38.57
C ILE A 344 13.38 -5.35 -37.93
N VAL A 345 13.80 -4.25 -38.54
CA VAL A 345 13.46 -2.93 -38.01
C VAL A 345 11.97 -2.64 -38.21
N LEU A 346 11.41 -3.12 -39.33
CA LEU A 346 10.00 -2.88 -39.61
C LEU A 346 9.10 -3.61 -38.62
N ARG A 347 9.44 -4.87 -38.30
CA ARG A 347 8.61 -5.63 -37.36
C ARG A 347 8.67 -5.05 -35.96
N MET A 348 9.82 -4.50 -35.58
CA MET A 348 9.95 -3.89 -34.25
C MET A 348 9.04 -2.68 -34.11
N ALA A 349 8.96 -1.84 -35.14
CA ALA A 349 8.15 -0.63 -35.06
C ALA A 349 6.65 -0.96 -35.05
N VAL A 350 6.23 -1.95 -35.83
CA VAL A 350 4.81 -2.21 -36.01
C VAL A 350 4.25 -3.03 -34.86
N THR A 351 4.93 -4.11 -34.48
CA THR A 351 4.39 -5.07 -33.52
C THR A 351 4.87 -4.86 -32.09
N ARG A 352 5.86 -4.00 -31.87
CA ARG A 352 6.38 -3.79 -30.52
C ARG A 352 6.26 -2.36 -30.04
N GLN A 353 6.79 -1.40 -30.81
CA GLN A 353 6.87 -0.02 -30.31
C GLN A 353 5.53 0.71 -30.42
N PHE A 354 4.74 0.44 -31.45
CA PHE A 354 3.49 1.17 -31.61
C PHE A 354 2.39 0.70 -30.66
N PRO A 355 2.08 -0.59 -30.54
CA PRO A 355 1.06 -0.99 -29.57
C PRO A 355 1.42 -0.68 -28.12
N TRP A 356 2.70 -0.70 -27.79
CA TRP A 356 3.13 -0.29 -26.45
C TRP A 356 2.88 1.20 -26.23
N ALA A 357 3.12 2.02 -27.25
CA ALA A 357 2.89 3.46 -27.13
C ALA A 357 1.41 3.78 -26.98
N VAL A 358 0.55 3.10 -27.74
CA VAL A 358 -0.88 3.36 -27.65
C VAL A 358 -1.42 2.96 -26.29
N GLN A 359 -0.91 1.84 -25.75
CA GLN A 359 -1.36 1.40 -24.43
C GLN A 359 -0.96 2.37 -23.33
N THR A 360 0.20 3.00 -23.44
CA THR A 360 0.64 3.97 -22.44
C THR A 360 -0.30 5.18 -22.41
N TRP A 361 -0.74 5.66 -23.56
CA TRP A 361 -1.65 6.79 -23.60
C TRP A 361 -3.00 6.45 -22.95
N TYR A 362 -3.44 5.21 -23.06
CA TYR A 362 -4.68 4.80 -22.38
C TYR A 362 -4.52 4.84 -20.86
N ASP A 363 -3.39 4.34 -20.35
CA ASP A 363 -3.19 4.30 -18.91
C ASP A 363 -2.96 5.69 -18.34
N SER A 364 -2.15 6.51 -19.01
CA SER A 364 -1.83 7.83 -18.49
C SER A 364 -3.03 8.76 -18.50
N LEU A 365 -3.76 8.81 -19.63
CA LEU A 365 -4.94 9.66 -19.68
C LEU A 365 -6.05 9.12 -18.80
N GLY A 366 -6.12 7.81 -18.60
CA GLY A 366 -7.12 7.26 -17.70
C GLY A 366 -6.91 7.67 -16.25
N ALA A 367 -5.64 7.71 -15.82
CA ALA A 367 -5.35 8.08 -14.44
C ALA A 367 -5.57 9.58 -14.21
N ILE A 368 -5.17 10.42 -15.16
CA ILE A 368 -5.35 11.86 -15.01
C ILE A 368 -6.82 12.21 -14.99
N ASN A 369 -7.64 11.51 -15.78
CA ASN A 369 -9.09 11.73 -15.73
C ASN A 369 -9.66 11.28 -14.39
N LYS A 370 -9.18 10.16 -13.85
CA LYS A 370 -9.64 9.69 -12.55
C LYS A 370 -9.25 10.67 -11.44
N ILE A 371 -8.05 11.23 -11.52
CA ILE A 371 -7.59 12.19 -10.52
C ILE A 371 -8.39 13.49 -10.61
N GLN A 372 -8.73 13.91 -11.82
CA GLN A 372 -9.48 15.16 -11.99
C GLN A 372 -10.85 15.08 -11.34
N ASP A 373 -11.52 13.92 -11.42
CA ASP A 373 -12.82 13.77 -10.79
C ASP A 373 -12.73 13.90 -9.28
N PHE A 374 -11.68 13.34 -8.69
CA PHE A 374 -11.48 13.44 -7.25
C PHE A 374 -11.24 14.88 -6.82
N LEU A 375 -10.55 15.66 -7.66
CA LEU A 375 -10.23 17.05 -7.36
C LEU A 375 -11.42 17.98 -7.46
N GLN A 376 -12.62 17.48 -7.79
CA GLN A 376 -13.80 18.32 -7.95
C GLN A 376 -14.96 17.86 -7.06
N LYS A 377 -14.69 17.08 -6.03
CA LYS A 377 -15.73 16.64 -5.11
C LYS A 377 -16.15 17.79 -4.19
N GLN A 378 -17.23 17.56 -3.45
CA GLN A 378 -17.71 18.57 -2.51
C GLN A 378 -16.72 18.76 -1.38
N GLU A 379 -16.57 20.01 -0.96
CA GLU A 379 -15.64 20.39 0.10
C GLU A 379 -16.36 20.78 1.37
N TYR A 380 -15.64 20.69 2.48
CA TYR A 380 -16.17 21.12 3.77
C TYR A 380 -16.31 22.63 3.79
N LYS A 381 -17.48 23.11 4.21
CA LYS A 381 -17.78 24.54 4.22
C LYS A 381 -17.41 25.10 5.59
N THR A 382 -16.24 25.72 5.67
CA THR A 382 -15.73 26.26 6.94
C THR A 382 -16.45 27.58 7.21
N LEU A 383 -17.52 27.51 8.01
CA LEU A 383 -18.34 28.69 8.31
C LEU A 383 -17.79 29.40 9.55
N GLU A 384 -16.55 29.85 9.43
CA GLU A 384 -15.91 30.57 10.52
C GLU A 384 -16.48 31.99 10.62
N TYR A 385 -16.38 32.56 11.83
CA TYR A 385 -16.76 33.93 12.09
C TYR A 385 -15.66 34.61 12.88
N ASN A 386 -15.43 35.89 12.59
CA ASN A 386 -14.41 36.64 13.30
C ASN A 386 -14.83 37.01 14.71
N LEU A 387 -16.11 37.28 14.92
CA LEU A 387 -16.61 37.67 16.23
C LEU A 387 -18.12 37.42 16.26
N THR A 388 -18.66 37.43 17.47
CA THR A 388 -20.08 37.15 17.68
C THR A 388 -20.55 37.93 18.89
N THR A 389 -21.78 37.67 19.33
CA THR A 389 -22.33 38.29 20.53
C THR A 389 -21.86 37.62 21.81
N THR A 390 -20.78 36.83 21.75
CA THR A 390 -20.18 36.11 22.86
C THR A 390 -21.09 35.03 23.43
N GLU A 391 -22.21 34.75 22.79
CA GLU A 391 -23.15 33.73 23.25
C GLU A 391 -23.51 32.81 22.08
N VAL A 392 -23.75 31.54 22.41
CA VAL A 392 -24.14 30.54 21.43
C VAL A 392 -25.64 30.35 21.50
N VAL A 393 -26.25 30.03 20.36
CA VAL A 393 -27.69 29.90 20.29
C VAL A 393 -28.04 29.01 19.10
N MET A 394 -29.06 28.17 19.29
CA MET A 394 -29.66 27.40 18.22
C MET A 394 -31.16 27.65 18.22
N GLU A 395 -31.76 27.62 17.02
CA GLU A 395 -33.17 27.96 16.84
C GLU A 395 -33.82 26.94 15.91
N ASN A 396 -34.61 26.04 16.47
CA ASN A 396 -35.45 25.11 15.70
C ASN A 396 -34.64 24.35 14.66
N VAL A 397 -33.56 23.72 15.11
CA VAL A 397 -32.62 23.05 14.21
C VAL A 397 -33.09 21.62 13.95
N THR A 398 -33.12 21.23 12.69
CA THR A 398 -33.42 19.88 12.26
C THR A 398 -32.31 19.38 11.35
N ALA A 399 -31.90 18.13 11.53
CA ALA A 399 -30.79 17.59 10.77
C ALA A 399 -31.09 16.14 10.37
N PHE A 400 -30.45 15.71 9.29
CA PHE A 400 -30.57 14.34 8.79
C PHE A 400 -29.18 13.81 8.46
N TRP A 401 -28.93 12.55 8.80
CA TRP A 401 -27.69 11.91 8.40
C TRP A 401 -27.73 11.36 6.97
N GLU A 402 -28.91 11.23 6.38
CA GLU A 402 -29.04 10.76 5.01
C GLU A 402 -28.47 11.77 4.03
N GLY A 437 -36.60 7.22 7.84
CA GLY A 437 -37.29 8.47 7.57
C GLY A 437 -37.47 9.32 8.81
N THR A 438 -36.63 9.07 9.80
CA THR A 438 -36.69 9.79 11.07
C THR A 438 -35.60 10.84 11.12
N PRO A 439 -35.93 12.09 11.45
CA PRO A 439 -34.88 13.10 11.64
C PRO A 439 -34.03 12.80 12.86
N VAL A 440 -32.74 13.12 12.75
CA VAL A 440 -31.82 12.92 13.86
C VAL A 440 -32.14 13.88 15.00
N LEU A 441 -32.44 15.14 14.66
CA LEU A 441 -32.77 16.15 15.65
C LEU A 441 -33.96 16.96 15.14
N LYS A 442 -34.71 17.54 16.06
CA LYS A 442 -35.84 18.37 15.69
C LYS A 442 -36.17 19.35 16.81
N ASP A 443 -36.29 20.63 16.46
CA ASP A 443 -36.66 21.68 17.41
C ASP A 443 -35.73 21.70 18.62
N ILE A 444 -34.44 21.64 18.36
CA ILE A 444 -33.42 21.74 19.40
C ILE A 444 -33.00 23.21 19.50
N ASN A 445 -33.25 23.82 20.65
CA ASN A 445 -32.92 25.24 20.82
C ASN A 445 -32.46 25.49 22.25
N PHE A 446 -31.40 26.28 22.38
CA PHE A 446 -30.88 26.68 23.68
C PHE A 446 -30.16 28.01 23.50
N LYS A 447 -29.80 28.61 24.62
CA LYS A 447 -29.02 29.85 24.60
C LYS A 447 -28.10 29.85 25.81
N ILE A 448 -26.80 29.85 25.56
CA ILE A 448 -25.79 29.79 26.61
C ILE A 448 -24.92 31.03 26.51
N GLU A 449 -24.93 31.84 27.57
CA GLU A 449 -24.09 33.02 27.63
C GLU A 449 -22.64 32.63 27.91
N ARG A 450 -21.78 33.65 27.96
CA ARG A 450 -20.36 33.39 28.19
C ARG A 450 -20.11 32.93 29.61
N GLY A 451 -19.39 31.82 29.75
CA GLY A 451 -18.99 31.32 31.05
C GLY A 451 -19.93 30.30 31.66
N GLN A 452 -21.11 30.12 31.09
CA GLN A 452 -22.07 29.18 31.66
C GLN A 452 -21.76 27.76 31.22
N LEU A 453 -22.19 26.80 32.04
CA LEU A 453 -22.00 25.38 31.76
C LEU A 453 -23.32 24.76 31.35
N LEU A 454 -23.30 24.05 30.22
CA LEU A 454 -24.46 23.34 29.71
C LEU A 454 -24.17 21.84 29.77
N ALA A 455 -25.08 21.09 30.39
CA ALA A 455 -24.96 19.64 30.53
C ALA A 455 -26.00 18.97 29.65
N VAL A 456 -25.55 18.13 28.72
CA VAL A 456 -26.42 17.38 27.83
C VAL A 456 -26.54 15.97 28.36
N ALA A 457 -27.77 15.48 28.47
CA ALA A 457 -28.04 14.16 29.01
C ALA A 457 -29.07 13.45 28.14
N GLY A 458 -29.12 12.14 28.28
CA GLY A 458 -30.04 11.33 27.51
C GLY A 458 -29.56 9.90 27.42
N SER A 459 -30.44 9.05 26.87
CA SER A 459 -30.16 7.63 26.76
C SER A 459 -29.28 7.33 25.54
N THR A 460 -29.01 6.04 25.32
CA THR A 460 -28.15 5.63 24.22
C THR A 460 -28.83 5.86 22.88
N GLY A 461 -28.11 6.52 21.97
CA GLY A 461 -28.63 6.81 20.65
C GLY A 461 -29.60 7.96 20.59
N ALA A 462 -29.67 8.78 21.64
CA ALA A 462 -30.62 9.88 21.69
C ALA A 462 -30.17 11.10 20.89
N GLY A 463 -28.94 11.11 20.39
CA GLY A 463 -28.45 12.21 19.58
C GLY A 463 -27.52 13.18 20.28
N LYS A 464 -26.81 12.74 21.31
CA LYS A 464 -25.92 13.65 22.03
C LYS A 464 -24.66 13.98 21.23
N THR A 465 -24.07 12.97 20.58
CA THR A 465 -22.88 13.23 19.76
C THR A 465 -23.24 13.98 18.50
N SER A 466 -24.41 13.69 17.92
CA SER A 466 -24.84 14.39 16.71
C SER A 466 -25.06 15.88 16.96
N LEU A 467 -25.50 16.24 18.17
CA LEU A 467 -25.70 17.65 18.50
C LEU A 467 -24.38 18.40 18.49
N LEU A 468 -23.29 17.76 18.92
CA LEU A 468 -21.99 18.40 18.87
C LEU A 468 -21.45 18.49 17.45
N MET A 469 -21.77 17.52 16.60
CA MET A 469 -21.36 17.60 15.21
C MET A 469 -22.03 18.77 14.51
N VAL A 470 -23.29 19.04 14.84
CA VAL A 470 -24.01 20.16 14.21
C VAL A 470 -23.35 21.48 14.56
N ILE A 471 -22.95 21.66 15.83
CA ILE A 471 -22.38 22.92 16.28
C ILE A 471 -21.06 23.20 15.55
N MET A 472 -20.23 22.19 15.39
CA MET A 472 -18.95 22.38 14.73
C MET A 472 -19.09 22.59 13.23
N GLY A 473 -20.20 22.16 12.64
CA GLY A 473 -20.42 22.34 11.22
C GLY A 473 -20.12 21.14 10.36
N GLU A 474 -19.87 19.97 10.94
CA GLU A 474 -19.71 18.77 10.13
C GLU A 474 -21.03 18.10 9.78
N LEU A 475 -22.13 18.53 10.39
CA LEU A 475 -23.46 18.09 9.99
C LEU A 475 -24.29 19.34 9.69
N GLU A 476 -24.59 19.55 8.43
CA GLU A 476 -25.32 20.74 8.00
C GLU A 476 -26.81 20.58 8.27
N PRO A 477 -27.42 21.45 9.07
CA PRO A 477 -28.86 21.33 9.32
C PRO A 477 -29.68 21.68 8.10
N SER A 478 -30.76 20.94 7.89
CA SER A 478 -31.71 21.26 6.83
C SER A 478 -32.62 22.42 7.20
N GLU A 479 -32.79 22.69 8.49
CA GLU A 479 -33.65 23.75 8.98
C GLU A 479 -33.01 24.36 10.22
N GLY A 480 -33.32 25.63 10.46
CA GLY A 480 -32.77 26.32 11.62
C GLY A 480 -31.46 27.02 11.33
N LYS A 481 -30.87 27.56 12.39
CA LYS A 481 -29.67 28.37 12.25
C LYS A 481 -28.78 28.23 13.49
N ILE A 482 -27.50 28.52 13.29
CA ILE A 482 -26.49 28.46 14.34
C ILE A 482 -25.75 29.78 14.39
N LYS A 483 -25.50 30.28 15.60
CA LYS A 483 -24.80 31.55 15.79
C LYS A 483 -23.84 31.40 16.97
N HIS A 484 -22.56 31.63 16.71
CA HIS A 484 -21.52 31.65 17.74
C HIS A 484 -20.23 32.07 17.06
N SER A 485 -19.20 32.30 17.88
CA SER A 485 -17.90 32.67 17.36
C SER A 485 -17.21 31.46 16.71
N GLY A 486 -16.18 31.75 15.90
CA GLY A 486 -15.50 30.72 15.16
C GLY A 486 -14.51 29.88 15.94
N ARG A 487 -14.11 30.33 17.14
CA ARG A 487 -13.15 29.58 17.93
C ARG A 487 -13.87 28.44 18.66
N ILE A 488 -13.24 27.27 18.68
CA ILE A 488 -13.90 26.05 19.18
C ILE A 488 -12.84 25.03 19.52
N SER A 489 -13.12 24.20 20.52
CA SER A 489 -12.27 23.09 20.90
C SER A 489 -13.10 21.83 21.08
N PHE A 490 -12.53 20.69 20.73
CA PHE A 490 -13.30 19.46 20.58
C PHE A 490 -12.60 18.29 21.28
N CYS A 491 -13.41 17.38 21.84
CA CYS A 491 -12.92 16.16 22.48
C CYS A 491 -13.97 15.09 22.25
N SER A 492 -13.68 14.16 21.34
CA SER A 492 -14.64 13.14 20.92
C SER A 492 -14.59 11.91 21.81
N GLN A 493 -15.60 11.05 21.66
CA GLN A 493 -15.61 9.77 22.37
C GLN A 493 -14.47 8.88 21.93
N PHE A 494 -14.19 8.85 20.63
CA PHE A 494 -13.09 8.04 20.08
C PHE A 494 -11.81 8.84 20.17
N SER A 495 -10.92 8.45 21.08
CA SER A 495 -9.68 9.17 21.31
C SER A 495 -8.69 8.85 20.19
N TRP A 496 -8.25 9.89 19.48
CA TRP A 496 -7.28 9.74 18.40
C TRP A 496 -5.91 10.18 18.89
N ILE A 497 -4.90 9.34 18.65
CA ILE A 497 -3.52 9.59 19.09
C ILE A 497 -2.63 9.64 17.85
N MET A 498 -2.07 10.80 17.57
CA MET A 498 -1.16 10.95 16.45
C MET A 498 0.23 10.44 16.82
N PRO A 499 0.98 9.92 15.86
CA PRO A 499 2.34 9.45 16.16
C PRO A 499 3.21 10.59 16.67
N GLY A 500 4.10 10.27 17.61
CA GLY A 500 5.02 11.22 18.16
C GLY A 500 5.02 11.18 19.66
N THR A 501 5.68 12.17 20.26
CA THR A 501 5.84 12.23 21.70
C THR A 501 4.52 12.63 22.37
N ILE A 502 4.37 12.24 23.65
CA ILE A 502 3.21 12.64 24.42
C ILE A 502 3.10 14.16 24.49
N LYS A 503 4.23 14.83 24.73
CA LYS A 503 4.22 16.28 24.83
C LYS A 503 3.81 16.93 23.50
N GLU A 504 4.28 16.37 22.39
CA GLU A 504 3.92 16.91 21.08
C GLU A 504 2.43 16.77 20.80
N ASN A 505 1.78 15.75 21.37
CA ASN A 505 0.34 15.59 21.21
C ASN A 505 -0.42 16.75 21.85
N ILE A 506 0.01 17.18 23.03
CA ILE A 506 -0.78 18.13 23.81
C ILE A 506 -0.50 19.57 23.38
N ILE A 507 0.77 19.94 23.28
CA ILE A 507 1.11 21.36 23.11
C ILE A 507 0.70 21.91 21.76
N GLY A 508 0.63 21.08 20.73
CA GLY A 508 0.32 21.58 19.40
C GLY A 508 1.54 22.17 18.75
N VAL A 509 1.46 23.45 18.38
CA VAL A 509 2.56 24.11 17.67
C VAL A 509 3.35 25.00 18.62
N SER A 510 2.66 25.69 19.53
CA SER A 510 3.26 26.69 20.40
C SER A 510 3.42 26.10 21.79
N TYR A 511 4.65 26.13 22.30
CA TYR A 511 4.95 25.57 23.61
C TYR A 511 4.99 26.66 24.67
N ASP A 512 4.29 26.43 25.77
CA ASP A 512 4.26 27.36 26.91
C ASP A 512 4.56 26.56 28.17
N GLU A 513 5.66 26.91 28.85
CA GLU A 513 6.09 26.14 30.01
C GLU A 513 5.07 26.21 31.14
N TYR A 514 4.50 27.39 31.38
CA TYR A 514 3.58 27.55 32.50
C TYR A 514 2.28 26.80 32.27
N ARG A 515 1.67 26.97 31.10
CA ARG A 515 0.37 26.36 30.84
C ARG A 515 0.49 24.85 30.73
N TYR A 516 1.58 24.35 30.15
CA TYR A 516 1.75 22.91 29.98
C TYR A 516 1.82 22.19 31.33
N ARG A 517 2.54 22.78 32.28
CA ARG A 517 2.66 22.14 33.60
C ARG A 517 1.37 22.21 34.40
N SER A 518 0.47 23.13 34.07
CA SER A 518 -0.77 23.25 34.84
C SER A 518 -1.81 22.24 34.37
N VAL A 519 -1.97 22.07 33.06
CA VAL A 519 -2.96 21.11 32.56
C VAL A 519 -2.54 19.69 32.89
N ILE A 520 -1.24 19.39 32.90
CA ILE A 520 -0.79 18.05 33.25
C ILE A 520 -1.18 17.71 34.68
N LYS A 521 -1.00 18.65 35.61
CA LYS A 521 -1.34 18.40 37.00
C LYS A 521 -2.85 18.31 37.21
N ALA A 522 -3.62 19.13 36.47
CA ALA A 522 -5.06 19.10 36.62
C ALA A 522 -5.69 17.86 35.99
N CYS A 523 -5.02 17.25 35.01
CA CYS A 523 -5.55 16.07 34.34
C CYS A 523 -5.10 14.77 34.98
N GLN A 524 -4.41 14.82 36.11
CA GLN A 524 -3.96 13.64 36.85
C GLN A 524 -3.02 12.77 36.04
N LEU A 525 -2.28 13.36 35.10
CA LEU A 525 -1.32 12.62 34.29
C LEU A 525 0.06 12.52 34.91
N GLU A 526 0.31 13.19 36.03
CA GLU A 526 1.65 13.17 36.61
C GLU A 526 2.01 11.79 37.14
N GLU A 527 1.06 11.09 37.76
CA GLU A 527 1.34 9.78 38.34
C GLU A 527 1.69 8.76 37.26
N ASP A 528 1.00 8.79 36.13
CA ASP A 528 1.27 7.83 35.06
C ASP A 528 2.56 8.15 34.34
N ILE A 529 2.85 9.43 34.13
CA ILE A 529 4.05 9.82 33.37
C ILE A 529 5.31 9.41 34.11
N SER A 530 5.30 9.52 35.44
CA SER A 530 6.50 9.21 36.22
C SER A 530 6.89 7.75 36.14
N LYS A 531 5.96 6.85 35.81
CA LYS A 531 6.26 5.43 35.74
C LYS A 531 6.81 5.00 34.38
N PHE A 532 6.79 5.88 33.37
CA PHE A 532 7.33 5.55 32.06
C PHE A 532 8.86 5.54 32.10
N ALA A 533 9.44 4.91 31.08
CA ALA A 533 10.90 4.76 31.04
C ALA A 533 11.60 6.11 30.97
N GLU A 534 11.11 7.02 30.15
CA GLU A 534 11.73 8.33 29.98
C GLU A 534 10.68 9.43 30.11
N LYS A 535 9.90 9.37 31.19
CA LYS A 535 8.90 10.38 31.51
C LYS A 535 7.92 10.60 30.37
N ASP A 536 7.80 11.85 29.90
CA ASP A 536 6.86 12.19 28.86
C ASP A 536 7.49 12.22 27.47
N ASN A 537 8.73 11.76 27.32
CA ASN A 537 9.40 11.75 26.04
C ASN A 537 9.26 10.42 25.30
N ILE A 538 8.47 9.48 25.83
CA ILE A 538 8.29 8.19 25.17
C ILE A 538 7.55 8.39 23.85
N VAL A 539 7.95 7.62 22.84
CA VAL A 539 7.37 7.74 21.51
C VAL A 539 6.13 6.87 21.42
N LEU A 540 5.02 7.47 21.01
CA LEU A 540 3.76 6.75 20.84
C LEU A 540 3.61 6.28 19.40
N GLY A 541 3.19 5.04 19.24
CA GLY A 541 2.91 4.52 17.92
C GLY A 541 1.62 5.09 17.35
N GLU A 542 1.38 4.79 16.08
CA GLU A 542 0.20 5.28 15.41
C GLU A 542 -1.03 4.56 15.97
N GLY A 543 -1.89 5.31 16.66
CA GLY A 543 -3.04 4.75 17.33
C GLY A 543 -2.90 4.64 18.84
N GLY A 544 -1.72 4.86 19.38
CA GLY A 544 -1.51 4.79 20.82
C GLY A 544 -1.73 3.43 21.44
N ILE A 545 -1.23 2.38 20.79
CA ILE A 545 -1.47 1.02 21.26
C ILE A 545 -0.83 0.78 22.62
N THR A 546 0.38 1.32 22.82
CA THR A 546 1.13 1.05 24.04
C THR A 546 0.56 1.74 25.27
N LEU A 547 -0.44 2.60 25.11
CA LEU A 547 -1.05 3.27 26.25
C LEU A 547 -2.33 2.55 26.68
N SER A 548 -2.74 2.84 27.91
CA SER A 548 -3.93 2.23 28.50
C SER A 548 -5.20 2.85 27.91
N GLY A 549 -6.33 2.24 28.23
CA GLY A 549 -7.60 2.76 27.74
C GLY A 549 -7.94 4.12 28.32
N GLY A 550 -7.73 4.28 29.63
CA GLY A 550 -8.01 5.54 30.28
C GLY A 550 -6.92 6.59 30.12
N GLN A 551 -5.69 6.16 29.83
CA GLN A 551 -4.61 7.11 29.61
C GLN A 551 -4.81 7.88 28.31
N ARG A 552 -5.32 7.21 27.28
CA ARG A 552 -5.59 7.89 26.02
C ARG A 552 -6.69 8.93 26.17
N ALA A 553 -7.67 8.68 27.03
CA ALA A 553 -8.75 9.65 27.24
C ALA A 553 -8.25 10.91 27.91
N ARG A 554 -7.25 10.79 28.80
CA ARG A 554 -6.71 11.97 29.47
C ARG A 554 -5.81 12.78 28.54
N ILE A 555 -5.07 12.10 27.65
CA ILE A 555 -4.26 12.83 26.67
C ILE A 555 -5.15 13.61 25.73
N SER A 556 -6.26 13.02 25.30
CA SER A 556 -7.22 13.72 24.44
C SER A 556 -7.85 14.90 25.17
N LEU A 557 -8.19 14.72 26.44
CA LEU A 557 -8.77 15.82 27.21
C LEU A 557 -7.76 16.92 27.49
N ALA A 558 -6.52 16.54 27.83
CA ALA A 558 -5.48 17.54 28.05
C ALA A 558 -5.20 18.36 26.81
N ARG A 559 -5.30 17.73 25.63
CA ARG A 559 -5.11 18.47 24.38
C ARG A 559 -6.20 19.52 24.19
N ALA A 560 -7.44 19.20 24.56
CA ALA A 560 -8.54 20.13 24.36
C ALA A 560 -8.46 21.33 25.28
N VAL A 561 -8.13 21.10 26.56
CA VAL A 561 -8.09 22.21 27.52
C VAL A 561 -6.84 23.06 27.34
N TYR A 562 -5.76 22.49 26.79
CA TYR A 562 -4.57 23.29 26.55
C TYR A 562 -4.81 24.35 25.48
N LYS A 563 -5.59 24.01 24.46
CA LYS A 563 -5.87 24.96 23.39
C LYS A 563 -6.75 26.09 23.89
N ASP A 564 -6.41 27.31 23.48
CA ASP A 564 -7.24 28.47 23.78
C ASP A 564 -8.35 28.61 22.74
N ALA A 565 -9.58 28.76 23.22
CA ALA A 565 -10.74 28.90 22.33
C ALA A 565 -11.85 29.58 23.11
N ASP A 566 -12.93 29.89 22.41
CA ASP A 566 -14.07 30.56 23.01
C ASP A 566 -15.15 29.58 23.47
N LEU A 567 -15.30 28.45 22.77
CA LEU A 567 -16.27 27.43 23.12
C LEU A 567 -15.57 26.08 23.26
N TYR A 568 -15.96 25.31 24.27
CA TYR A 568 -15.38 24.00 24.53
C TYR A 568 -16.45 22.93 24.47
N LEU A 569 -16.19 21.89 23.68
CA LEU A 569 -17.10 20.75 23.52
C LEU A 569 -16.43 19.50 24.08
N LEU A 570 -17.08 18.86 25.04
CA LEU A 570 -16.57 17.67 25.70
C LEU A 570 -17.60 16.57 25.54
N ASP A 571 -17.24 15.51 24.80
CA ASP A 571 -18.17 14.44 24.46
C ASP A 571 -17.90 13.23 25.34
N SER A 572 -18.46 13.26 26.55
CA SER A 572 -18.35 12.19 27.53
C SER A 572 -16.89 11.81 27.78
N PRO A 573 -16.09 12.67 28.42
CA PRO A 573 -14.67 12.35 28.63
C PRO A 573 -14.40 11.48 29.84
N PHE A 574 -15.41 11.17 30.66
CA PHE A 574 -15.25 10.41 31.90
C PHE A 574 -15.67 8.95 31.73
N GLY A 575 -15.44 8.37 30.55
CA GLY A 575 -15.90 7.02 30.29
C GLY A 575 -15.06 5.92 30.91
N TYR A 576 -13.75 5.95 30.67
CA TYR A 576 -12.84 4.91 31.16
C TYR A 576 -12.10 5.32 32.41
N LEU A 577 -12.73 6.11 33.29
CA LEU A 577 -12.10 6.60 34.50
C LEU A 577 -12.85 6.11 35.73
N ASP A 578 -12.11 5.76 36.77
CA ASP A 578 -12.73 5.36 38.03
C ASP A 578 -13.31 6.58 38.75
N VAL A 579 -14.10 6.32 39.79
CA VAL A 579 -14.83 7.38 40.47
C VAL A 579 -13.88 8.38 41.12
N LEU A 580 -12.74 7.92 41.63
CA LEU A 580 -11.82 8.83 42.32
C LEU A 580 -11.15 9.79 41.34
N THR A 581 -10.61 9.25 40.24
CA THR A 581 -9.98 10.11 39.24
C THR A 581 -10.99 11.03 38.57
N GLU A 582 -12.20 10.51 38.30
CA GLU A 582 -13.25 11.32 37.68
C GLU A 582 -13.64 12.49 38.57
N LYS A 583 -13.74 12.26 39.89
CA LYS A 583 -14.07 13.32 40.81
C LYS A 583 -12.99 14.40 40.85
N GLU A 584 -11.72 13.98 40.88
CA GLU A 584 -10.62 14.93 40.95
C GLU A 584 -10.54 15.80 39.69
N ILE A 585 -10.74 15.19 38.52
CA ILE A 585 -10.64 15.95 37.27
C ILE A 585 -11.79 16.95 37.17
N PHE A 586 -13.01 16.53 37.53
CA PHE A 586 -14.17 17.40 37.33
C PHE A 586 -14.13 18.62 38.25
N GLU A 587 -13.56 18.47 39.45
CA GLU A 587 -13.58 19.55 40.42
C GLU A 587 -12.35 20.45 40.34
N SER A 588 -11.38 20.16 39.47
CA SER A 588 -10.18 20.97 39.36
C SER A 588 -9.81 21.38 37.95
N CYS A 589 -10.31 20.69 36.91
CA CYS A 589 -9.97 20.99 35.53
C CYS A 589 -11.06 21.78 34.82
N VAL A 590 -12.31 21.30 34.87
CA VAL A 590 -13.40 21.97 34.17
C VAL A 590 -14.16 22.95 35.05
N CYS A 591 -13.88 22.98 36.36
CA CYS A 591 -14.53 23.91 37.26
C CYS A 591 -13.60 24.97 37.84
N LYS A 592 -12.28 24.77 37.75
CA LYS A 592 -11.31 25.75 38.23
C LYS A 592 -10.58 26.47 37.10
N LEU A 593 -9.94 25.73 36.19
CA LEU A 593 -9.16 26.37 35.14
C LEU A 593 -10.05 27.17 34.19
N MET A 594 -11.24 26.66 33.88
CA MET A 594 -12.10 27.28 32.89
C MET A 594 -13.40 27.73 33.54
N ALA A 595 -13.29 28.47 34.65
CA ALA A 595 -14.47 28.95 35.36
C ALA A 595 -15.16 30.12 34.67
N ASN A 596 -14.50 30.76 33.71
CA ASN A 596 -15.08 31.91 33.01
C ASN A 596 -15.35 31.66 31.54
N LYS A 597 -15.16 30.43 31.06
CA LYS A 597 -15.35 30.09 29.66
C LYS A 597 -16.58 29.21 29.51
N THR A 598 -17.43 29.55 28.55
CA THR A 598 -18.61 28.74 28.28
C THR A 598 -18.19 27.39 27.69
N ARG A 599 -18.88 26.33 28.13
CA ARG A 599 -18.50 24.99 27.70
C ARG A 599 -19.70 24.06 27.79
N ILE A 600 -19.71 23.06 26.93
CA ILE A 600 -20.78 22.07 26.85
C ILE A 600 -20.16 20.70 27.10
N LEU A 601 -20.72 19.95 28.04
CA LEU A 601 -20.24 18.61 28.35
C LEU A 601 -21.40 17.63 28.35
N VAL A 602 -21.14 16.43 27.85
CA VAL A 602 -22.13 15.36 27.83
C VAL A 602 -21.92 14.48 29.05
N THR A 603 -22.97 14.29 29.84
CA THR A 603 -22.84 13.59 31.11
C THR A 603 -24.11 12.82 31.41
N SER A 604 -23.94 11.70 32.12
CA SER A 604 -25.05 10.91 32.62
C SER A 604 -25.12 10.87 34.13
N LYS A 605 -24.07 11.31 34.83
CA LYS A 605 -24.08 11.33 36.28
C LYS A 605 -24.98 12.44 36.80
N MET A 606 -25.75 12.14 37.85
CA MET A 606 -26.61 13.14 38.44
C MET A 606 -25.86 14.17 39.27
N GLU A 607 -24.60 13.88 39.64
CA GLU A 607 -23.82 14.84 40.41
C GLU A 607 -23.30 15.97 39.54
N HIS A 608 -23.06 15.69 38.25
CA HIS A 608 -22.59 16.74 37.34
C HIS A 608 -23.70 17.67 36.90
N LEU A 609 -24.97 17.27 37.06
CA LEU A 609 -26.08 18.12 36.68
C LEU A 609 -26.35 19.22 37.71
N LYS A 610 -25.86 19.07 38.94
CA LYS A 610 -26.12 20.08 39.97
C LYS A 610 -25.30 21.34 39.77
N LYS A 611 -24.07 21.21 39.27
CA LYS A 611 -23.21 22.37 39.07
C LYS A 611 -23.45 23.07 37.74
N ALA A 612 -24.28 22.51 36.87
CA ALA A 612 -24.55 23.10 35.57
C ALA A 612 -25.59 24.21 35.69
N ASP A 613 -25.35 25.32 35.00
CA ASP A 613 -26.32 26.41 34.97
C ASP A 613 -27.57 26.01 34.20
N LYS A 614 -27.42 25.27 33.11
CA LYS A 614 -28.53 24.86 32.26
C LYS A 614 -28.51 23.35 32.08
N ILE A 615 -29.69 22.77 31.92
CA ILE A 615 -29.86 21.33 31.73
C ILE A 615 -30.63 21.08 30.45
N LEU A 616 -30.14 20.15 29.63
CA LEU A 616 -30.81 19.74 28.41
C LEU A 616 -30.92 18.23 28.39
N ILE A 617 -32.13 17.72 28.18
CA ILE A 617 -32.39 16.28 28.15
C ILE A 617 -32.89 15.91 26.76
N LEU A 618 -32.28 14.89 26.17
CA LEU A 618 -32.63 14.43 24.83
C LEU A 618 -33.25 13.04 24.90
N HIS A 619 -34.23 12.80 24.03
CA HIS A 619 -34.88 11.49 23.95
C HIS A 619 -35.30 11.26 22.50
N GLU A 620 -34.52 10.45 21.78
CA GLU A 620 -34.83 10.07 20.40
C GLU A 620 -34.96 11.29 19.49
N GLY A 621 -34.05 12.25 19.65
CA GLY A 621 -33.97 13.40 18.78
C GLY A 621 -34.80 14.60 19.20
N SER A 622 -35.75 14.43 20.11
CA SER A 622 -36.59 15.51 20.56
C SER A 622 -36.13 16.01 21.93
N SER A 623 -36.25 17.32 22.14
CA SER A 623 -35.84 17.95 23.39
C SER A 623 -36.84 17.58 24.48
N TYR A 624 -36.43 16.67 25.37
CA TYR A 624 -37.32 16.21 26.43
C TYR A 624 -37.52 17.29 27.51
N PHE A 625 -36.47 18.05 27.81
CA PHE A 625 -36.55 19.06 28.85
C PHE A 625 -35.43 20.08 28.64
N TYR A 626 -35.72 21.33 28.98
CA TYR A 626 -34.72 22.39 28.95
C TYR A 626 -34.99 23.36 30.09
N GLY A 627 -33.96 23.61 30.90
CA GLY A 627 -34.12 24.48 32.05
C GLY A 627 -32.96 24.36 33.01
N THR A 628 -33.27 24.51 34.29
CA THR A 628 -32.29 24.43 35.37
C THR A 628 -32.60 23.23 36.27
N PHE A 629 -31.63 22.89 37.12
CA PHE A 629 -31.82 21.78 38.04
C PHE A 629 -32.88 22.07 39.10
N SER A 630 -33.01 23.33 39.50
CA SER A 630 -33.97 23.69 40.54
C SER A 630 -35.40 23.39 40.09
N GLU A 631 -35.76 23.79 38.88
CA GLU A 631 -37.09 23.52 38.37
C GLU A 631 -37.23 22.10 37.82
N LEU A 632 -36.12 21.39 37.61
CA LEU A 632 -36.20 19.98 37.27
C LEU A 632 -36.69 19.16 38.46
N GLN A 633 -36.31 19.54 39.68
CA GLN A 633 -36.65 18.79 40.88
C GLN A 633 -38.09 19.12 41.32
N ASN A 634 -39.04 18.73 40.48
CA ASN A 634 -40.46 18.90 40.76
C ASN A 634 -41.23 17.63 40.43
N LEU A 635 -40.66 16.48 40.79
CA LEU A 635 -41.29 15.20 40.51
C LEU A 635 -41.50 14.40 41.78
N TRP A 845 20.97 -18.17 -7.09
CA TRP A 845 20.77 -17.67 -5.72
C TRP A 845 19.60 -18.40 -5.08
N ASN A 846 19.59 -18.42 -3.75
CA ASN A 846 18.58 -19.19 -3.02
C ASN A 846 17.17 -18.63 -3.23
N THR A 847 17.05 -17.35 -3.61
CA THR A 847 15.73 -16.80 -3.89
C THR A 847 15.11 -17.41 -5.15
N TYR A 848 15.89 -17.55 -6.22
CA TYR A 848 15.37 -18.15 -7.44
C TYR A 848 15.00 -19.61 -7.23
N LEU A 849 15.86 -20.36 -6.53
CA LEU A 849 15.61 -21.78 -6.32
C LEU A 849 14.35 -22.00 -5.49
N ARG A 850 14.12 -21.17 -4.48
CA ARG A 850 12.93 -21.30 -3.65
C ARG A 850 11.67 -20.93 -4.43
N TYR A 851 11.78 -19.96 -5.35
CA TYR A 851 10.63 -19.56 -6.15
C TYR A 851 10.21 -20.64 -7.13
N ILE A 852 11.17 -21.34 -7.72
CA ILE A 852 10.86 -22.35 -8.73
C ILE A 852 10.22 -23.58 -8.10
N THR A 853 10.72 -24.02 -6.95
CA THR A 853 10.29 -25.27 -6.35
C THR A 853 9.11 -25.13 -5.39
N VAL A 854 8.53 -23.93 -5.26
CA VAL A 854 7.37 -23.78 -4.39
C VAL A 854 6.12 -24.45 -4.99
N HIS A 855 6.06 -24.60 -6.31
CA HIS A 855 4.94 -25.24 -6.99
C HIS A 855 5.49 -26.36 -7.84
N LYS A 856 5.00 -27.59 -7.62
CA LYS A 856 5.55 -28.76 -8.29
C LYS A 856 5.28 -28.72 -9.79
N SER A 857 4.19 -28.08 -10.20
CA SER A 857 3.82 -28.05 -11.62
C SER A 857 4.69 -27.11 -12.44
N LEU A 858 5.36 -26.15 -11.81
CA LEU A 858 6.22 -25.24 -12.56
C LEU A 858 7.47 -25.92 -13.09
N ILE A 859 7.98 -26.93 -12.36
CA ILE A 859 9.14 -27.67 -12.85
C ILE A 859 8.80 -28.45 -14.11
N PHE A 860 7.61 -29.05 -14.15
CA PHE A 860 7.25 -29.93 -15.27
C PHE A 860 7.03 -29.14 -16.56
N VAL A 861 6.53 -27.90 -16.46
CA VAL A 861 6.38 -27.08 -17.65
C VAL A 861 7.73 -26.64 -18.17
N LEU A 862 8.68 -26.32 -17.28
CA LEU A 862 10.00 -25.89 -17.70
C LEU A 862 10.76 -27.02 -18.40
N ILE A 863 10.60 -28.25 -17.92
CA ILE A 863 11.23 -29.39 -18.60
C ILE A 863 10.57 -29.64 -19.94
N TRP A 864 9.25 -29.45 -20.03
CA TRP A 864 8.54 -29.60 -21.28
C TRP A 864 9.03 -28.60 -22.33
N CYS A 865 9.26 -27.35 -21.91
CA CYS A 865 9.79 -26.35 -22.83
C CYS A 865 11.21 -26.68 -23.28
N LEU A 866 11.97 -27.40 -22.45
CA LEU A 866 13.34 -27.74 -22.80
C LEU A 866 13.41 -28.85 -23.83
N VAL A 867 12.49 -29.81 -23.75
CA VAL A 867 12.52 -30.94 -24.69
C VAL A 867 12.15 -30.49 -26.10
N ILE A 868 11.13 -29.65 -26.23
CA ILE A 868 10.73 -29.15 -27.54
C ILE A 868 11.85 -28.29 -28.14
N PHE A 869 12.57 -27.55 -27.30
CA PHE A 869 13.68 -26.74 -27.79
C PHE A 869 14.79 -27.61 -28.38
N LEU A 870 15.12 -28.72 -27.71
CA LEU A 870 16.16 -29.59 -28.24
C LEU A 870 15.74 -30.26 -29.54
N ALA A 871 14.43 -30.48 -29.73
CA ALA A 871 13.96 -31.11 -30.96
C ALA A 871 14.04 -30.15 -32.14
N GLU A 872 13.84 -28.86 -31.93
CA GLU A 872 13.90 -27.90 -33.02
C GLU A 872 15.35 -27.61 -33.43
N VAL A 873 16.26 -27.55 -32.47
CA VAL A 873 17.68 -27.36 -32.78
C VAL A 873 18.21 -28.55 -33.57
N ALA A 874 17.86 -29.77 -33.15
CA ALA A 874 18.29 -30.95 -33.89
C ALA A 874 17.70 -30.95 -35.30
N ALA A 875 16.44 -30.53 -35.45
CA ALA A 875 15.83 -30.48 -36.77
C ALA A 875 16.50 -29.42 -37.65
N SER A 876 16.87 -28.27 -37.06
CA SER A 876 17.53 -27.22 -37.84
C SER A 876 18.91 -27.66 -38.32
N LEU A 877 19.61 -28.44 -37.51
CA LEU A 877 20.97 -28.86 -37.87
C LEU A 877 20.96 -29.80 -39.07
N VAL A 878 20.00 -30.74 -39.11
CA VAL A 878 19.94 -31.68 -40.22
C VAL A 878 19.63 -30.97 -41.52
N VAL A 879 18.67 -30.04 -41.50
CA VAL A 879 18.31 -29.30 -42.71
C VAL A 879 19.50 -28.48 -43.19
N LEU A 880 20.15 -27.76 -42.29
CA LEU A 880 21.24 -26.88 -42.67
C LEU A 880 22.44 -27.65 -43.20
N TRP A 881 22.73 -28.81 -42.61
CA TRP A 881 23.83 -29.63 -43.10
C TRP A 881 23.52 -30.23 -44.46
N LEU A 882 22.24 -30.39 -44.79
CA LEU A 882 21.86 -30.97 -46.08
C LEU A 882 22.14 -30.00 -47.22
N LEU A 883 22.14 -28.70 -46.96
CA LEU A 883 22.42 -27.71 -48.01
C LEU A 883 23.90 -27.52 -48.27
N GLY A 884 24.77 -28.10 -47.46
CA GLY A 884 26.20 -27.95 -47.64
C GLY A 884 26.90 -29.22 -48.08
N SER A 901 17.37 -21.87 -65.29
CA SER A 901 16.49 -20.97 -64.56
C SER A 901 16.12 -21.55 -63.20
N TYR A 902 16.52 -20.86 -62.13
CA TYR A 902 16.25 -21.29 -60.76
C TYR A 902 15.44 -20.23 -60.04
N ALA A 903 14.70 -20.67 -59.01
CA ALA A 903 13.99 -19.72 -58.17
C ALA A 903 14.95 -18.95 -57.27
N VAL A 904 16.03 -19.59 -56.82
CA VAL A 904 17.07 -18.95 -56.02
C VAL A 904 18.41 -19.26 -56.64
N ILE A 905 19.25 -18.24 -56.79
CA ILE A 905 20.57 -18.37 -57.40
C ILE A 905 21.62 -18.38 -56.31
N ILE A 906 22.44 -19.43 -56.27
CA ILE A 906 23.51 -19.56 -55.29
C ILE A 906 24.75 -20.10 -55.98
N THR A 907 25.89 -19.46 -55.72
CA THR A 907 27.18 -19.84 -56.30
C THR A 907 28.11 -20.32 -55.21
N SER A 908 29.28 -20.80 -55.61
CA SER A 908 30.25 -21.33 -54.66
C SER A 908 30.76 -20.25 -53.72
N THR A 909 31.08 -19.08 -54.25
CA THR A 909 31.66 -18.00 -53.45
C THR A 909 30.61 -17.16 -52.73
N SER A 910 29.33 -17.43 -52.95
CA SER A 910 28.23 -16.74 -52.27
C SER A 910 27.48 -17.66 -51.31
N SER A 911 28.04 -18.83 -51.00
CA SER A 911 27.32 -19.79 -50.16
C SER A 911 27.36 -19.42 -48.68
N TYR A 912 28.22 -18.50 -48.27
CA TYR A 912 28.28 -18.11 -46.87
C TYR A 912 27.04 -17.36 -46.42
N TYR A 913 26.20 -16.90 -47.35
CA TYR A 913 24.98 -16.21 -46.99
C TYR A 913 23.97 -17.13 -46.32
N VAL A 914 24.15 -18.45 -46.41
CA VAL A 914 23.19 -19.38 -45.81
C VAL A 914 23.16 -19.20 -44.30
N PHE A 915 24.33 -19.03 -43.68
CA PHE A 915 24.38 -18.88 -42.23
C PHE A 915 23.87 -17.51 -41.80
N TYR A 916 24.11 -16.47 -42.60
CA TYR A 916 23.58 -15.16 -42.28
C TYR A 916 22.06 -15.14 -42.33
N ILE A 917 21.48 -15.85 -43.29
CA ILE A 917 20.02 -15.92 -43.39
C ILE A 917 19.44 -16.70 -42.21
N TYR A 918 20.10 -17.79 -41.81
CA TYR A 918 19.58 -18.60 -40.71
C TYR A 918 19.52 -17.80 -39.41
N VAL A 919 20.59 -17.05 -39.11
CA VAL A 919 20.60 -16.25 -37.88
C VAL A 919 19.52 -15.18 -37.92
N GLY A 920 19.18 -14.68 -39.12
CA GLY A 920 18.16 -13.66 -39.24
C GLY A 920 16.74 -14.16 -39.08
N VAL A 921 16.53 -15.48 -39.15
CA VAL A 921 15.21 -16.05 -39.00
C VAL A 921 15.12 -17.03 -37.84
N ALA A 922 16.17 -17.10 -37.00
CA ALA A 922 16.15 -17.99 -35.86
C ALA A 922 15.12 -17.59 -34.81
N ASP A 923 14.73 -16.31 -34.78
CA ASP A 923 13.76 -15.87 -33.78
C ASP A 923 12.35 -16.37 -34.06
N THR A 924 12.09 -16.92 -35.25
CA THR A 924 10.80 -17.51 -35.57
C THR A 924 10.81 -19.03 -35.50
N LEU A 925 11.93 -19.67 -35.84
CA LEU A 925 12.01 -21.12 -35.75
C LEU A 925 12.03 -21.59 -34.31
N LEU A 926 12.55 -20.77 -33.40
CA LEU A 926 12.66 -21.12 -31.99
C LEU A 926 11.61 -20.43 -31.13
N ALA A 927 10.62 -19.78 -31.75
CA ALA A 927 9.58 -19.10 -30.98
C ALA A 927 8.70 -20.11 -30.26
N MET A 928 8.25 -19.73 -29.06
CA MET A 928 7.43 -20.61 -28.24
C MET A 928 5.96 -20.46 -28.65
N GLY A 929 5.38 -21.54 -29.14
CA GLY A 929 3.98 -21.55 -29.52
C GLY A 929 3.06 -21.61 -28.31
N PHE A 930 1.76 -21.66 -28.59
CA PHE A 930 0.79 -21.63 -27.50
C PHE A 930 0.77 -22.92 -26.71
N PHE A 931 1.39 -24.00 -27.20
CA PHE A 931 1.52 -25.21 -26.42
C PHE A 931 2.54 -25.07 -25.30
N ARG A 932 3.42 -24.08 -25.38
CA ARG A 932 4.43 -23.83 -24.37
C ARG A 932 4.28 -22.50 -23.68
N GLY A 933 3.64 -21.51 -24.31
CA GLY A 933 3.46 -20.21 -23.72
C GLY A 933 2.35 -20.13 -22.72
N LEU A 934 1.19 -20.71 -23.04
CA LEU A 934 0.06 -20.64 -22.11
C LEU A 934 0.30 -21.41 -20.82
N PRO A 935 0.77 -22.67 -20.85
CA PRO A 935 1.06 -23.34 -19.58
C PRO A 935 2.09 -22.64 -18.71
N LEU A 936 3.10 -22.00 -19.32
CA LEU A 936 4.09 -21.28 -18.53
C LEU A 936 3.47 -20.09 -17.82
N VAL A 937 2.64 -19.33 -18.52
CA VAL A 937 2.00 -18.17 -17.92
C VAL A 937 0.96 -18.58 -16.88
N HIS A 938 0.20 -19.64 -17.18
CA HIS A 938 -0.84 -20.10 -16.25
C HIS A 938 -0.23 -20.58 -14.94
N THR A 939 0.87 -21.32 -15.00
CA THR A 939 1.46 -21.88 -13.79
C THR A 939 2.18 -20.85 -12.95
N LEU A 940 2.71 -19.78 -13.56
CA LEU A 940 3.37 -18.73 -12.79
C LEU A 940 2.40 -17.91 -11.95
N ILE A 941 1.12 -17.91 -12.30
CA ILE A 941 0.14 -17.19 -11.50
C ILE A 941 -0.31 -18.02 -10.30
N THR A 942 -0.35 -19.35 -10.46
CA THR A 942 -0.63 -20.22 -9.33
C THR A 942 0.43 -20.12 -8.25
N VAL A 943 1.68 -19.80 -8.61
CA VAL A 943 2.72 -19.58 -7.62
C VAL A 943 2.39 -18.37 -6.76
N SER A 944 1.87 -17.30 -7.37
CA SER A 944 1.47 -16.12 -6.61
C SER A 944 0.32 -16.40 -5.67
N LYS A 945 -0.61 -17.29 -6.06
CA LYS A 945 -1.72 -17.63 -5.18
C LYS A 945 -1.24 -18.38 -3.94
N ILE A 946 -0.28 -19.28 -4.10
CA ILE A 946 0.23 -20.03 -2.95
C ILE A 946 1.02 -19.13 -2.02
N LEU A 947 1.80 -18.20 -2.57
CA LEU A 947 2.63 -17.34 -1.73
C LEU A 947 1.80 -16.39 -0.89
N HIS A 948 0.70 -15.89 -1.44
CA HIS A 948 -0.17 -15.00 -0.67
C HIS A 948 -0.88 -15.75 0.45
N HIS A 949 -1.27 -17.00 0.20
CA HIS A 949 -1.94 -17.79 1.24
C HIS A 949 -1.01 -18.05 2.42
N LYS A 950 0.28 -18.31 2.15
CA LYS A 950 1.24 -18.49 3.22
C LYS A 950 1.52 -17.17 3.94
N MET A 951 1.66 -16.07 3.18
CA MET A 951 2.01 -14.79 3.78
C MET A 951 0.94 -14.31 4.74
N LEU A 952 -0.33 -14.45 4.36
CA LEU A 952 -1.42 -14.04 5.23
C LEU A 952 -1.54 -14.95 6.44
N HIS A 953 -1.26 -16.24 6.25
CA HIS A 953 -1.35 -17.21 7.35
C HIS A 953 -0.31 -16.94 8.43
N SER A 954 0.92 -16.61 8.04
CA SER A 954 1.99 -16.44 9.03
C SER A 954 1.86 -15.14 9.81
N VAL A 955 1.18 -14.14 9.23
CA VAL A 955 0.99 -12.88 9.96
C VAL A 955 0.03 -13.08 11.13
N LEU A 956 -1.04 -13.86 10.94
CA LEU A 956 -2.01 -14.06 12.00
C LEU A 956 -1.45 -14.88 13.15
N GLN A 957 -0.50 -15.77 12.87
CA GLN A 957 0.07 -16.65 13.90
C GLN A 957 1.31 -16.07 14.57
N ALA A 958 1.76 -14.89 14.16
CA ALA A 958 2.97 -14.31 14.73
C ALA A 958 2.73 -13.86 16.17
N PRO A 959 3.77 -13.90 17.01
CA PRO A 959 3.61 -13.42 18.39
C PRO A 959 3.35 -11.93 18.45
N MET A 960 2.63 -11.52 19.49
CA MET A 960 2.16 -10.14 19.58
C MET A 960 3.33 -9.16 19.72
N SER A 961 4.42 -9.59 20.35
CA SER A 961 5.58 -8.71 20.50
C SER A 961 6.17 -8.34 19.15
N THR A 962 6.19 -9.29 18.20
CA THR A 962 6.69 -8.99 16.86
C THR A 962 5.74 -8.05 16.11
N LEU A 963 4.43 -8.25 16.27
CA LEU A 963 3.46 -7.45 15.53
C LEU A 963 3.41 -6.00 15.97
N ASN A 964 3.80 -5.71 17.22
CA ASN A 964 3.77 -4.33 17.70
C ASN A 964 4.83 -3.46 17.04
N THR A 965 5.92 -4.05 16.53
CA THR A 965 6.95 -3.26 15.88
C THR A 965 6.50 -2.78 14.50
N LEU A 966 5.68 -3.56 13.81
CA LEU A 966 5.28 -3.24 12.45
C LEU A 966 4.33 -2.04 12.44
N LYS A 967 4.36 -1.30 11.34
CA LYS A 967 3.52 -0.13 11.16
C LYS A 967 2.41 -0.43 10.15
N ALA A 968 1.37 0.39 10.21
CA ALA A 968 0.22 0.19 9.33
C ALA A 968 0.62 0.32 7.86
N GLY A 969 1.47 1.28 7.53
CA GLY A 969 1.94 1.42 6.17
C GLY A 969 2.91 0.36 5.74
N GLY A 970 3.62 -0.26 6.69
CA GLY A 970 4.54 -1.33 6.33
C GLY A 970 3.83 -2.58 5.85
N ILE A 971 2.71 -2.92 6.50
CA ILE A 971 1.91 -4.07 6.06
C ILE A 971 1.22 -3.76 4.74
N LEU A 972 0.63 -2.56 4.62
CA LEU A 972 -0.12 -2.22 3.43
C LEU A 972 0.78 -2.12 2.20
N ASN A 973 2.06 -1.81 2.40
CA ASN A 973 3.01 -1.78 1.30
C ASN A 973 3.20 -3.17 0.69
N ARG A 974 3.33 -4.19 1.55
CA ARG A 974 3.61 -5.54 1.06
C ARG A 974 2.37 -6.21 0.47
N PHE A 975 1.19 -5.97 1.05
CA PHE A 975 0.00 -6.66 0.57
C PHE A 975 -0.60 -6.06 -0.68
N SER A 976 -0.25 -4.82 -1.03
CA SER A 976 -0.78 -4.17 -2.23
C SER A 976 0.24 -4.13 -3.36
N LYS A 977 1.40 -3.53 -3.12
CA LYS A 977 2.38 -3.34 -4.19
C LYS A 977 3.11 -4.65 -4.53
N ASP A 978 3.52 -5.39 -3.51
CA ASP A 978 4.30 -6.61 -3.77
C ASP A 978 3.45 -7.72 -4.36
N ILE A 979 2.18 -7.84 -3.93
CA ILE A 979 1.31 -8.84 -4.51
C ILE A 979 0.94 -8.49 -5.94
N ALA A 980 0.74 -7.21 -6.22
CA ALA A 980 0.42 -6.79 -7.59
C ALA A 980 1.57 -7.10 -8.54
N ILE A 981 2.80 -6.94 -8.08
CA ILE A 981 3.95 -7.23 -8.93
C ILE A 981 4.00 -8.71 -9.30
N LEU A 982 3.74 -9.59 -8.33
CA LEU A 982 3.79 -11.03 -8.60
C LEU A 982 2.62 -11.51 -9.43
N ASP A 983 1.57 -10.69 -9.59
CA ASP A 983 0.40 -11.10 -10.35
C ASP A 983 0.44 -10.61 -11.79
N ASP A 984 0.93 -9.40 -12.04
CA ASP A 984 0.88 -8.80 -13.37
C ASP A 984 2.24 -8.79 -14.07
N LEU A 985 3.26 -8.23 -13.43
CA LEU A 985 4.52 -7.96 -14.13
C LEU A 985 5.39 -9.20 -14.26
N LEU A 986 5.60 -9.91 -13.15
CA LEU A 986 6.55 -11.01 -13.17
C LEU A 986 6.22 -12.13 -14.15
N PRO A 987 4.97 -12.61 -14.26
CA PRO A 987 4.71 -13.75 -15.16
C PRO A 987 5.10 -13.49 -16.62
N LEU A 988 4.91 -12.27 -17.11
CA LEU A 988 5.25 -11.98 -18.50
C LEU A 988 6.68 -11.49 -18.69
N THR A 989 7.30 -10.92 -17.66
CA THR A 989 8.71 -10.58 -17.76
C THR A 989 9.57 -11.83 -17.82
N ILE A 990 9.20 -12.87 -17.06
CA ILE A 990 9.94 -14.13 -17.07
C ILE A 990 9.81 -14.80 -18.44
N PHE A 991 8.60 -14.77 -19.02
CA PHE A 991 8.41 -15.38 -20.34
C PHE A 991 9.26 -14.69 -21.40
N ASP A 992 9.34 -13.36 -21.35
CA ASP A 992 10.16 -12.63 -22.32
C ASP A 992 11.63 -12.96 -22.16
N PHE A 993 12.10 -13.08 -20.91
CA PHE A 993 13.50 -13.40 -20.67
C PHE A 993 13.84 -14.82 -21.11
N ILE A 994 12.93 -15.77 -20.88
CA ILE A 994 13.19 -17.15 -21.28
C ILE A 994 13.20 -17.28 -22.80
N GLN A 995 12.29 -16.56 -23.48
CA GLN A 995 12.22 -16.62 -24.93
C GLN A 995 13.52 -16.11 -25.57
N LEU A 996 14.04 -14.99 -25.06
CA LEU A 996 15.28 -14.43 -25.61
C LEU A 996 16.47 -15.33 -25.34
N LEU A 997 16.50 -15.98 -24.18
CA LEU A 997 17.63 -16.82 -23.81
C LEU A 997 17.71 -18.05 -24.71
N LEU A 998 16.56 -18.61 -25.11
CA LEU A 998 16.57 -19.79 -25.97
C LEU A 998 17.06 -19.46 -27.37
N ILE A 999 16.74 -18.29 -27.88
CA ILE A 999 17.16 -17.91 -29.23
C ILE A 999 18.67 -17.79 -29.32
N VAL A 1000 19.30 -17.18 -28.31
CA VAL A 1000 20.75 -17.00 -28.34
C VAL A 1000 21.46 -18.34 -28.30
N ILE A 1001 21.03 -19.23 -27.41
CA ILE A 1001 21.67 -20.54 -27.30
C ILE A 1001 21.45 -21.36 -28.57
N GLY A 1002 20.22 -21.33 -29.11
CA GLY A 1002 19.94 -22.11 -30.30
C GLY A 1002 20.69 -21.64 -31.53
N ALA A 1003 20.88 -20.33 -31.66
CA ALA A 1003 21.62 -19.81 -32.81
C ALA A 1003 23.11 -20.12 -32.70
N ILE A 1004 23.66 -20.06 -31.48
CA ILE A 1004 25.08 -20.35 -31.29
C ILE A 1004 25.36 -21.83 -31.48
N ALA A 1005 24.52 -22.69 -30.92
CA ALA A 1005 24.78 -24.13 -30.96
C ALA A 1005 24.76 -24.67 -32.39
N VAL A 1006 23.87 -24.13 -33.23
CA VAL A 1006 23.77 -24.63 -34.60
C VAL A 1006 24.99 -24.24 -35.42
N VAL A 1007 25.44 -23.00 -35.31
CA VAL A 1007 26.56 -22.54 -36.13
C VAL A 1007 27.92 -22.90 -35.56
N ALA A 1008 27.99 -23.27 -34.27
CA ALA A 1008 29.28 -23.58 -33.66
C ALA A 1008 29.76 -24.98 -34.01
N VAL A 1009 28.89 -25.86 -34.50
CA VAL A 1009 29.30 -27.22 -34.86
C VAL A 1009 29.53 -27.28 -36.36
N LEU A 1010 28.82 -26.44 -37.11
CA LEU A 1010 29.03 -26.33 -38.56
C LEU A 1010 30.14 -25.36 -38.92
N GLN A 1011 30.62 -24.56 -37.96
CA GLN A 1011 31.72 -23.62 -38.17
C GLN A 1011 32.36 -23.32 -36.83
N PRO A 1012 33.19 -24.22 -36.29
CA PRO A 1012 33.69 -24.11 -34.91
C PRO A 1012 34.74 -23.02 -34.70
N TYR A 1013 34.52 -21.86 -35.29
CA TYR A 1013 35.30 -20.67 -35.02
C TYR A 1013 34.46 -19.46 -34.69
N ILE A 1014 33.16 -19.47 -34.97
CA ILE A 1014 32.28 -18.42 -34.48
C ILE A 1014 32.22 -18.44 -32.97
N PHE A 1015 32.20 -19.64 -32.39
CA PHE A 1015 32.15 -19.77 -30.94
C PHE A 1015 33.40 -19.20 -30.28
N VAL A 1016 34.56 -19.41 -30.89
CA VAL A 1016 35.79 -18.87 -30.31
C VAL A 1016 35.78 -17.34 -30.34
N ALA A 1017 35.32 -16.76 -31.45
CA ALA A 1017 35.33 -15.31 -31.58
C ALA A 1017 34.24 -14.63 -30.76
N THR A 1018 33.21 -15.36 -30.35
CA THR A 1018 32.14 -14.76 -29.57
C THR A 1018 32.37 -14.84 -28.07
N VAL A 1019 33.42 -15.53 -27.63
CA VAL A 1019 33.73 -15.60 -26.20
C VAL A 1019 34.08 -14.25 -25.59
N PRO A 1020 34.99 -13.45 -26.17
CA PRO A 1020 35.36 -12.19 -25.50
C PRO A 1020 34.19 -11.24 -25.27
N VAL A 1021 33.20 -11.23 -26.15
CA VAL A 1021 32.05 -10.35 -25.94
C VAL A 1021 31.15 -10.87 -24.84
N ILE A 1022 31.02 -12.19 -24.72
CA ILE A 1022 30.13 -12.77 -23.73
C ILE A 1022 30.63 -12.49 -22.32
N VAL A 1023 31.93 -12.71 -22.08
CA VAL A 1023 32.48 -12.52 -20.74
C VAL A 1023 32.47 -11.04 -20.35
N ALA A 1024 32.61 -10.13 -21.33
CA ALA A 1024 32.57 -8.71 -21.01
C ALA A 1024 31.19 -8.28 -20.52
N PHE A 1025 30.13 -8.83 -21.10
CA PHE A 1025 28.78 -8.52 -20.64
C PHE A 1025 28.52 -9.09 -19.25
N ILE A 1026 29.00 -10.30 -18.99
CA ILE A 1026 28.72 -10.96 -17.71
C ILE A 1026 29.47 -10.29 -16.57
N MET A 1027 30.72 -9.89 -16.80
CA MET A 1027 31.48 -9.24 -15.74
C MET A 1027 30.87 -7.90 -15.36
N LEU A 1028 30.40 -7.14 -16.34
CA LEU A 1028 29.76 -5.86 -16.04
C LEU A 1028 28.44 -6.05 -15.31
N ARG A 1029 27.69 -7.11 -15.65
CA ARG A 1029 26.44 -7.38 -14.98
C ARG A 1029 26.64 -7.70 -13.50
N ALA A 1030 27.67 -8.49 -13.18
CA ALA A 1030 27.95 -8.82 -11.79
C ALA A 1030 28.38 -7.59 -11.00
N TYR A 1031 29.20 -6.72 -11.62
CA TYR A 1031 29.66 -5.52 -10.94
C TYR A 1031 28.49 -4.58 -10.62
N PHE A 1032 27.56 -4.42 -11.55
CA PHE A 1032 26.46 -3.48 -11.37
C PHE A 1032 25.44 -3.99 -10.36
N LEU A 1033 25.19 -5.31 -10.33
CA LEU A 1033 24.16 -5.84 -9.46
C LEU A 1033 24.52 -5.75 -7.98
N GLN A 1034 25.78 -5.52 -7.64
CA GLN A 1034 26.14 -5.35 -6.23
C GLN A 1034 25.50 -4.11 -5.64
N THR A 1035 25.50 -3.01 -6.38
CA THR A 1035 24.92 -1.75 -5.90
C THR A 1035 23.46 -1.59 -6.26
N SER A 1036 23.04 -2.09 -7.42
CA SER A 1036 21.65 -1.93 -7.85
C SER A 1036 20.69 -2.63 -6.90
N GLN A 1037 21.09 -3.80 -6.38
CA GLN A 1037 20.21 -4.53 -5.48
C GLN A 1037 19.98 -3.79 -4.17
N GLN A 1038 20.99 -3.05 -3.69
CA GLN A 1038 20.84 -2.32 -2.44
C GLN A 1038 19.98 -1.08 -2.60
N LEU A 1039 20.10 -0.40 -3.75
CA LEU A 1039 19.28 0.80 -3.99
C LEU A 1039 17.81 0.43 -4.21
N LYS A 1040 17.56 -0.72 -4.83
CA LYS A 1040 16.18 -1.17 -5.02
C LYS A 1040 15.52 -1.51 -3.69
N GLN A 1041 16.28 -2.11 -2.77
CA GLN A 1041 15.74 -2.44 -1.45
C GLN A 1041 15.40 -1.18 -0.68
N LEU A 1042 16.24 -0.15 -0.76
CA LEU A 1042 15.96 1.10 -0.05
C LEU A 1042 14.77 1.83 -0.66
N GLU A 1043 14.60 1.73 -1.97
CA GLU A 1043 13.47 2.38 -2.63
C GLU A 1043 12.15 1.70 -2.27
N SER A 1044 12.17 0.37 -2.15
CA SER A 1044 10.96 -0.36 -1.81
C SER A 1044 10.46 -0.01 -0.41
N GLU A 1045 11.39 0.11 0.54
CA GLU A 1045 11.01 0.43 1.91
C GLU A 1045 10.66 1.91 2.08
N GLY A 1046 11.06 2.76 1.13
CA GLY A 1046 10.73 4.17 1.20
C GLY A 1046 9.29 4.50 0.86
N ARG A 1047 8.52 3.54 0.34
CA ARG A 1047 7.11 3.76 0.07
C ARG A 1047 6.27 3.68 1.34
N SER A 1048 6.77 3.04 2.39
CA SER A 1048 5.99 2.87 3.62
C SER A 1048 5.60 4.18 4.28
N PRO A 1049 6.49 5.16 4.49
CA PRO A 1049 6.06 6.41 5.13
C PRO A 1049 4.96 7.14 4.38
N ILE A 1050 4.89 7.01 3.06
CA ILE A 1050 3.81 7.61 2.29
C ILE A 1050 2.48 6.99 2.68
N PHE A 1051 2.44 5.67 2.81
CA PHE A 1051 1.20 4.98 3.15
C PHE A 1051 0.84 5.16 4.61
N THR A 1052 1.83 5.24 5.50
CA THR A 1052 1.55 5.42 6.92
C THR A 1052 0.89 6.75 7.20
N HIS A 1053 1.37 7.82 6.58
CA HIS A 1053 0.78 9.14 6.80
C HIS A 1053 -0.61 9.24 6.19
N LEU A 1054 -0.86 8.52 5.09
CA LEU A 1054 -2.17 8.55 4.46
C LEU A 1054 -3.22 7.88 5.35
N VAL A 1055 -2.83 6.83 6.05
CA VAL A 1055 -3.78 6.10 6.90
C VAL A 1055 -4.18 6.92 8.11
N THR A 1056 -3.20 7.55 8.78
CA THR A 1056 -3.49 8.25 10.03
C THR A 1056 -4.24 9.54 9.80
N SER A 1057 -4.10 10.17 8.62
CA SER A 1057 -4.78 11.43 8.38
C SER A 1057 -6.28 11.24 8.17
N LEU A 1058 -6.70 10.07 7.69
CA LEU A 1058 -8.13 9.81 7.52
C LEU A 1058 -8.79 9.47 8.85
N LYS A 1059 -8.07 8.84 9.77
CA LYS A 1059 -8.66 8.48 11.05
C LYS A 1059 -8.89 9.69 11.95
N GLY A 1060 -8.14 10.77 11.76
CA GLY A 1060 -8.29 11.95 12.58
C GLY A 1060 -8.64 13.19 11.79
N LEU A 1061 -9.40 13.03 10.71
CA LEU A 1061 -9.75 14.16 9.86
C LEU A 1061 -10.61 15.18 10.61
N TRP A 1062 -11.56 14.71 11.42
CA TRP A 1062 -12.40 15.64 12.18
C TRP A 1062 -11.60 16.42 13.22
N THR A 1063 -10.69 15.74 13.92
CA THR A 1063 -9.84 16.43 14.88
C THR A 1063 -8.82 17.33 14.21
N LEU A 1064 -8.36 16.95 13.01
CA LEU A 1064 -7.41 17.77 12.28
C LEU A 1064 -7.99 19.14 11.95
N ARG A 1065 -9.22 19.18 11.44
CA ARG A 1065 -9.82 20.45 11.04
C ARG A 1065 -10.28 21.27 12.23
N ALA A 1066 -10.68 20.62 13.33
CA ALA A 1066 -11.12 21.36 14.51
C ALA A 1066 -9.97 22.14 15.12
N PHE A 1067 -8.78 21.56 15.18
CA PHE A 1067 -7.63 22.20 15.79
C PHE A 1067 -6.80 23.01 14.79
N GLY A 1068 -7.14 22.97 13.51
CA GLY A 1068 -6.45 23.78 12.53
C GLY A 1068 -5.02 23.38 12.26
N ARG A 1069 -4.71 22.08 12.35
CA ARG A 1069 -3.35 21.60 12.10
C ARG A 1069 -3.19 21.08 10.67
N GLN A 1070 -3.94 21.61 9.72
CA GLN A 1070 -3.79 21.21 8.32
C GLN A 1070 -2.42 21.56 7.73
N PRO A 1071 -1.90 22.79 7.88
CA PRO A 1071 -0.57 23.08 7.31
C PRO A 1071 0.53 22.22 7.88
N TYR A 1072 0.44 21.84 9.16
CA TYR A 1072 1.46 20.98 9.75
C TYR A 1072 1.48 19.60 9.08
N PHE A 1073 0.30 19.07 8.76
CA PHE A 1073 0.24 17.73 8.16
C PHE A 1073 0.63 17.75 6.68
N GLU A 1074 0.42 18.88 5.99
CA GLU A 1074 0.87 18.97 4.60
C GLU A 1074 2.39 19.01 4.51
N THR A 1075 3.04 19.75 5.41
CA THR A 1075 4.50 19.78 5.43
C THR A 1075 5.06 18.42 5.79
N LEU A 1076 4.40 17.69 6.69
CA LEU A 1076 4.85 16.37 7.07
C LEU A 1076 4.71 15.38 5.92
N PHE A 1077 3.75 15.62 5.01
CA PHE A 1077 3.59 14.74 3.85
C PHE A 1077 4.66 14.99 2.80
N HIS A 1078 5.11 16.24 2.66
CA HIS A 1078 6.14 16.55 1.67
C HIS A 1078 7.48 15.92 2.03
N LYS A 1079 7.78 15.76 3.32
CA LYS A 1079 9.01 15.09 3.72
C LYS A 1079 8.99 13.62 3.31
N ALA A 1080 7.82 12.99 3.35
CA ALA A 1080 7.70 11.60 2.91
C ALA A 1080 7.92 11.48 1.41
N LEU A 1081 7.41 12.45 0.63
CA LEU A 1081 7.63 12.43 -0.81
C LEU A 1081 9.11 12.63 -1.15
N ASN A 1082 9.77 13.56 -0.47
CA ASN A 1082 11.17 13.83 -0.76
C ASN A 1082 12.07 12.67 -0.35
N LEU A 1083 11.67 11.91 0.66
CA LEU A 1083 12.48 10.76 1.07
C LEU A 1083 12.46 9.66 0.01
N HIS A 1084 11.30 9.43 -0.61
CA HIS A 1084 11.21 8.42 -1.66
C HIS A 1084 11.88 8.90 -2.94
N THR A 1085 11.80 10.20 -3.23
CA THR A 1085 12.41 10.75 -4.43
C THR A 1085 13.92 10.55 -4.43
N ALA A 1086 14.55 10.70 -3.26
CA ALA A 1086 16.01 10.58 -3.17
C ALA A 1086 16.47 9.18 -3.59
N ASN A 1087 15.81 8.15 -3.09
CA ASN A 1087 16.22 6.78 -3.42
C ASN A 1087 15.82 6.40 -4.84
N TRP A 1088 14.63 6.82 -5.28
CA TRP A 1088 14.17 6.46 -6.61
C TRP A 1088 14.98 7.16 -7.69
N PHE A 1089 15.29 8.44 -7.50
CA PHE A 1089 16.07 9.17 -8.50
C PHE A 1089 17.47 8.59 -8.62
N LEU A 1090 18.07 8.20 -7.50
CA LEU A 1090 19.41 7.61 -7.53
C LEU A 1090 19.40 6.23 -8.18
N TYR A 1091 18.30 5.50 -8.06
CA TYR A 1091 18.20 4.19 -8.70
C TYR A 1091 18.19 4.29 -10.21
N LEU A 1092 17.41 5.23 -10.76
CA LEU A 1092 17.33 5.37 -12.21
C LEU A 1092 18.65 5.84 -12.80
N SER A 1093 19.37 6.71 -12.10
CA SER A 1093 20.62 7.24 -12.61
C SER A 1093 21.68 6.15 -12.82
N THR A 1094 21.80 5.23 -11.86
CA THR A 1094 22.76 4.15 -12.01
C THR A 1094 22.30 3.09 -13.01
N LEU A 1095 20.99 2.94 -13.18
CA LEU A 1095 20.47 2.03 -14.20
C LEU A 1095 20.75 2.57 -15.60
N ARG A 1096 20.67 3.90 -15.77
CA ARG A 1096 20.98 4.51 -17.06
C ARG A 1096 22.47 4.41 -17.38
N TRP A 1097 23.32 4.45 -16.35
CA TRP A 1097 24.76 4.25 -16.56
C TRP A 1097 25.05 2.86 -17.09
N PHE A 1098 24.39 1.84 -16.54
CA PHE A 1098 24.67 0.46 -16.95
C PHE A 1098 24.26 0.22 -18.40
N GLN A 1099 23.04 0.61 -18.76
CA GLN A 1099 22.55 0.36 -20.11
C GLN A 1099 23.31 1.15 -21.15
N MET A 1100 23.89 2.29 -20.78
CA MET A 1100 24.72 3.05 -21.71
C MET A 1100 26.09 2.41 -21.87
N ARG A 1101 26.64 1.84 -20.80
CA ARG A 1101 27.92 1.15 -20.90
C ARG A 1101 27.79 -0.20 -21.61
N ILE A 1102 26.66 -0.87 -21.45
CA ILE A 1102 26.47 -2.15 -22.13
C ILE A 1102 26.40 -1.95 -23.64
N GLU A 1103 26.08 -0.74 -24.10
CA GLU A 1103 26.04 -0.42 -25.52
C GLU A 1103 27.38 0.09 -26.04
N MET A 1104 28.11 0.86 -25.22
CA MET A 1104 29.44 1.30 -25.63
C MET A 1104 30.42 0.13 -25.69
N ILE A 1105 30.26 -0.87 -24.82
CA ILE A 1105 31.10 -2.06 -24.88
C ILE A 1105 30.84 -2.83 -26.17
N PHE A 1106 29.58 -2.87 -26.61
CA PHE A 1106 29.26 -3.51 -27.88
C PHE A 1106 29.92 -2.76 -29.05
N VAL A 1107 30.01 -1.43 -28.95
CA VAL A 1107 30.48 -0.60 -30.06
C VAL A 1107 31.97 -0.79 -30.29
N ILE A 1108 32.79 -0.71 -29.22
CA ILE A 1108 34.25 -0.78 -29.38
C ILE A 1108 34.64 -2.10 -30.02
N PHE A 1109 33.97 -3.19 -29.63
CA PHE A 1109 34.24 -4.47 -30.27
C PHE A 1109 33.88 -4.45 -31.75
N PHE A 1110 32.76 -3.82 -32.09
CA PHE A 1110 32.33 -3.75 -33.48
C PHE A 1110 33.29 -2.91 -34.31
N ILE A 1111 33.82 -1.83 -33.73
CA ILE A 1111 34.77 -0.98 -34.42
C ILE A 1111 36.04 -1.76 -34.75
N ALA A 1112 36.55 -2.53 -33.79
CA ALA A 1112 37.72 -3.37 -34.04
C ALA A 1112 37.43 -4.42 -35.11
N VAL A 1113 36.25 -5.04 -35.05
CA VAL A 1113 35.89 -6.09 -36.01
C VAL A 1113 35.81 -5.53 -37.43
N THR A 1114 35.18 -4.37 -37.59
CA THR A 1114 34.95 -3.82 -38.93
C THR A 1114 36.28 -3.52 -39.64
N PHE A 1115 37.24 -2.93 -38.92
CA PHE A 1115 38.52 -2.61 -39.54
C PHE A 1115 39.39 -3.84 -39.76
N ILE A 1116 39.26 -4.85 -38.90
CA ILE A 1116 40.02 -6.09 -39.09
C ILE A 1116 39.55 -6.81 -40.36
N SER A 1117 38.24 -6.88 -40.57
CA SER A 1117 37.70 -7.60 -41.71
C SER A 1117 38.12 -6.97 -43.03
N ILE A 1118 38.08 -5.64 -43.11
CA ILE A 1118 38.35 -4.95 -44.37
C ILE A 1118 39.82 -5.05 -44.76
N LEU A 1119 40.72 -4.89 -43.79
CA LEU A 1119 42.14 -4.95 -44.10
C LEU A 1119 42.60 -6.39 -44.40
N THR A 1120 41.96 -7.39 -43.79
CA THR A 1120 42.36 -8.77 -44.02
C THR A 1120 41.92 -9.25 -45.40
N THR A 1121 40.79 -8.76 -45.90
CA THR A 1121 40.29 -9.13 -47.22
C THR A 1121 41.29 -8.70 -48.29
N GLY A 1122 41.93 -9.67 -48.93
CA GLY A 1122 42.92 -9.38 -49.94
C GLY A 1122 42.38 -9.39 -51.35
N GLU A 1123 43.03 -10.11 -52.24
CA GLU A 1123 42.60 -10.21 -53.63
C GLU A 1123 41.49 -11.22 -53.85
N GLY A 1124 41.19 -12.06 -52.86
CA GLY A 1124 40.15 -13.06 -53.02
C GLY A 1124 39.54 -13.56 -51.73
N GLU A 1125 38.20 -13.63 -51.70
CA GLU A 1125 37.43 -14.17 -50.59
C GLU A 1125 37.78 -13.41 -49.32
N GLY A 1126 38.31 -14.06 -48.29
CA GLY A 1126 38.53 -13.43 -47.00
C GLY A 1126 37.65 -14.04 -45.94
N ARG A 1127 38.20 -15.00 -45.20
CA ARG A 1127 37.41 -15.80 -44.28
C ARG A 1127 37.33 -15.19 -42.89
N VAL A 1128 38.32 -14.37 -42.52
CA VAL A 1128 38.31 -13.75 -41.19
C VAL A 1128 37.11 -12.85 -41.03
N GLY A 1129 36.81 -12.05 -42.06
CA GLY A 1129 35.66 -11.16 -41.98
C GLY A 1129 34.33 -11.89 -41.93
N ILE A 1130 34.23 -13.00 -42.66
CA ILE A 1130 32.97 -13.75 -42.70
C ILE A 1130 32.63 -14.28 -41.31
N ILE A 1131 33.63 -14.77 -40.58
CA ILE A 1131 33.39 -15.32 -39.25
C ILE A 1131 33.11 -14.23 -38.24
N LEU A 1132 33.92 -13.16 -38.26
CA LEU A 1132 33.80 -12.12 -37.24
C LEU A 1132 32.48 -11.37 -37.34
N THR A 1133 32.06 -11.01 -38.56
CA THR A 1133 30.83 -10.27 -38.72
C THR A 1133 29.60 -11.12 -38.39
N LEU A 1134 29.69 -12.43 -38.60
CA LEU A 1134 28.60 -13.33 -38.18
C LEU A 1134 28.45 -13.35 -36.67
N ALA A 1135 29.57 -13.39 -35.95
CA ALA A 1135 29.52 -13.44 -34.49
C ALA A 1135 28.89 -12.18 -33.90
N MET A 1136 29.21 -11.01 -34.46
CA MET A 1136 28.66 -9.76 -33.95
C MET A 1136 27.17 -9.63 -34.23
N ASN A 1137 26.63 -10.37 -35.19
CA ASN A 1137 25.19 -10.36 -35.40
C ASN A 1137 24.45 -11.14 -34.31
N ILE A 1138 25.10 -12.15 -33.74
CA ILE A 1138 24.51 -12.90 -32.64
C ILE A 1138 24.48 -12.04 -31.38
N MET A 1139 25.54 -11.26 -31.14
CA MET A 1139 25.62 -10.44 -29.94
C MET A 1139 24.61 -9.32 -29.89
N SER A 1140 23.97 -8.99 -31.01
CA SER A 1140 22.92 -7.97 -30.97
C SER A 1140 21.70 -8.47 -30.21
N THR A 1141 21.40 -9.77 -30.28
CA THR A 1141 20.32 -10.34 -29.50
C THR A 1141 20.73 -10.58 -28.06
N LEU A 1142 22.00 -10.93 -27.81
CA LEU A 1142 22.46 -11.10 -26.45
C LEU A 1142 22.41 -9.79 -25.67
N GLN A 1143 22.58 -8.66 -26.36
CA GLN A 1143 22.44 -7.38 -25.69
C GLN A 1143 21.01 -7.18 -25.18
N TRP A 1144 20.02 -7.58 -25.98
CA TRP A 1144 18.63 -7.50 -25.54
C TRP A 1144 18.36 -8.45 -24.37
N ALA A 1145 18.95 -9.64 -24.39
CA ALA A 1145 18.72 -10.61 -23.33
C ALA A 1145 19.31 -10.14 -22.00
N VAL A 1146 20.46 -9.45 -22.05
CA VAL A 1146 21.10 -8.98 -20.83
C VAL A 1146 20.25 -7.89 -20.17
N ASN A 1147 19.71 -6.96 -20.97
CA ASN A 1147 18.88 -5.91 -20.40
C ASN A 1147 17.57 -6.46 -19.85
N SER A 1148 17.03 -7.52 -20.45
CA SER A 1148 15.82 -8.13 -19.93
C SER A 1148 16.09 -8.90 -18.64
N SER A 1149 17.33 -9.32 -18.40
CA SER A 1149 17.66 -10.00 -17.15
C SER A 1149 17.70 -9.03 -15.98
N ILE A 1150 17.99 -7.76 -16.23
CA ILE A 1150 17.98 -6.77 -15.16
C ILE A 1150 16.56 -6.52 -14.67
N ASP A 1151 15.60 -6.53 -15.59
CA ASP A 1151 14.19 -6.37 -15.19
C ASP A 1151 13.72 -7.54 -14.35
N VAL A 1152 14.17 -8.76 -14.68
CA VAL A 1152 13.81 -9.93 -13.89
C VAL A 1152 14.38 -9.81 -12.48
N ASP A 1153 15.63 -9.35 -12.35
CA ASP A 1153 16.26 -9.25 -11.04
C ASP A 1153 15.64 -8.13 -10.22
N SER A 1154 15.22 -7.04 -10.85
CA SER A 1154 14.60 -5.93 -10.11
C SER A 1154 13.26 -6.36 -9.52
N LEU A 1155 12.49 -7.16 -10.25
CA LEU A 1155 11.20 -7.62 -9.76
C LEU A 1155 11.34 -8.77 -8.76
N MET A 1156 12.49 -9.45 -8.73
CA MET A 1156 12.71 -10.51 -7.76
C MET A 1156 12.98 -9.98 -6.37
N ARG A 1157 13.17 -8.67 -6.21
CA ARG A 1157 13.27 -8.09 -4.87
C ARG A 1157 11.96 -8.19 -4.12
N SER A 1158 10.84 -8.15 -4.84
CA SER A 1158 9.54 -8.31 -4.20
C SER A 1158 9.35 -9.73 -3.68
N VAL A 1159 9.91 -10.72 -4.37
CA VAL A 1159 9.78 -12.11 -3.92
C VAL A 1159 10.49 -12.31 -2.60
N SER A 1160 11.68 -11.70 -2.45
CA SER A 1160 12.42 -11.84 -1.19
C SER A 1160 11.71 -11.14 -0.04
N ARG A 1161 11.05 -10.01 -0.31
CA ARG A 1161 10.32 -9.31 0.74
C ARG A 1161 9.11 -10.11 1.20
N VAL A 1162 8.46 -10.83 0.30
CA VAL A 1162 7.36 -11.70 0.69
C VAL A 1162 7.86 -12.88 1.50
N PHE A 1163 9.03 -13.41 1.16
CA PHE A 1163 9.58 -14.55 1.88
C PHE A 1163 9.97 -14.20 3.31
N LYS A 1164 10.20 -12.93 3.61
CA LYS A 1164 10.55 -12.54 4.97
C LYS A 1164 9.33 -12.53 5.89
N PHE A 1165 8.15 -12.18 5.37
CA PHE A 1165 6.93 -12.28 6.17
C PHE A 1165 6.56 -13.73 6.45
N ILE A 1166 6.86 -14.64 5.52
CA ILE A 1166 6.54 -16.05 5.72
C ILE A 1166 7.42 -16.65 6.82
N ASP A 1167 8.67 -16.23 6.92
CA ASP A 1167 9.62 -16.80 7.86
C ASP A 1167 9.55 -16.18 9.25
N MET A 1168 8.53 -15.38 9.54
CA MET A 1168 8.37 -14.84 10.88
C MET A 1168 8.13 -15.97 11.87
N PRO A 1169 8.63 -15.85 13.10
CA PRO A 1169 8.41 -16.90 14.09
C PRO A 1169 6.94 -17.04 14.45
N THR A 1170 6.55 -18.24 14.81
CA THR A 1170 5.19 -18.50 15.25
C THR A 1170 5.11 -18.44 16.77
N GLU A 1171 3.92 -18.12 17.28
CA GLU A 1171 3.71 -18.10 18.72
C GLU A 1171 3.50 -19.49 19.31
N GLY A 1172 3.11 -20.45 18.49
CA GLY A 1172 3.01 -21.82 18.97
C GLY A 1172 4.37 -22.35 19.37
N ILE A 1202 -15.65 -32.64 27.69
CA ILE A 1202 -15.98 -31.62 28.68
C ILE A 1202 -14.82 -31.43 29.64
N TRP A 1203 -13.84 -30.62 29.25
CA TRP A 1203 -12.74 -30.33 30.18
C TRP A 1203 -13.16 -29.38 31.29
N PRO A 1204 -13.60 -28.14 31.00
CA PRO A 1204 -13.94 -27.27 32.14
C PRO A 1204 -15.30 -27.61 32.74
N SER A 1205 -15.31 -28.64 33.59
CA SER A 1205 -16.55 -29.07 34.22
C SER A 1205 -17.07 -28.00 35.18
N GLY A 1206 -16.20 -27.50 36.06
CA GLY A 1206 -16.62 -26.47 37.01
C GLY A 1206 -16.15 -25.09 36.63
N GLY A 1207 -14.94 -25.00 36.10
CA GLY A 1207 -14.36 -23.71 35.75
C GLY A 1207 -13.57 -23.03 36.85
N GLN A 1208 -13.19 -23.77 37.89
CA GLN A 1208 -12.35 -23.19 38.94
C GLN A 1208 -10.92 -23.03 38.45
N MET A 1209 -10.27 -21.96 38.92
CA MET A 1209 -8.94 -21.60 38.46
C MET A 1209 -7.96 -21.58 39.63
N THR A 1210 -6.67 -21.57 39.29
CA THR A 1210 -5.60 -21.46 40.29
C THR A 1210 -4.40 -20.81 39.64
N VAL A 1211 -3.91 -19.72 40.22
CA VAL A 1211 -2.77 -18.97 39.70
C VAL A 1211 -1.65 -19.02 40.73
N LYS A 1212 -0.43 -19.32 40.27
CA LYS A 1212 0.72 -19.46 41.14
C LYS A 1212 1.92 -18.72 40.54
N ASP A 1213 2.30 -17.62 41.17
CA ASP A 1213 3.52 -16.87 40.84
C ASP A 1213 3.55 -16.47 39.35
N LEU A 1214 2.44 -15.92 38.88
CA LEU A 1214 2.36 -15.41 37.52
C LEU A 1214 3.04 -14.05 37.43
N THR A 1215 3.97 -13.91 36.50
CA THR A 1215 4.70 -12.67 36.26
C THR A 1215 4.50 -12.28 34.80
N ALA A 1216 3.97 -11.08 34.57
CA ALA A 1216 3.57 -10.64 33.23
C ALA A 1216 4.36 -9.41 32.80
N LYS A 1217 4.79 -9.40 31.55
CA LYS A 1217 5.51 -8.27 30.98
C LYS A 1217 5.33 -8.29 29.47
N TYR A 1218 5.37 -7.10 28.87
CA TYR A 1218 5.13 -7.00 27.44
C TYR A 1218 6.40 -7.27 26.62
N THR A 1219 7.46 -6.52 26.89
CA THR A 1219 8.76 -6.79 26.29
C THR A 1219 9.62 -7.53 27.30
N GLU A 1220 10.36 -8.53 26.83
CA GLU A 1220 11.14 -9.38 27.73
C GLU A 1220 12.16 -8.56 28.51
N GLY A 1221 12.69 -7.50 27.92
CA GLY A 1221 13.59 -6.59 28.60
C GLY A 1221 12.92 -5.45 29.34
N GLY A 1222 11.59 -5.43 29.39
CA GLY A 1222 10.87 -4.37 30.06
C GLY A 1222 10.56 -4.68 31.51
N ASN A 1223 9.94 -3.71 32.18
CA ASN A 1223 9.54 -3.89 33.56
C ASN A 1223 8.43 -4.93 33.66
N ALA A 1224 8.38 -5.60 34.82
CA ALA A 1224 7.30 -6.54 35.11
C ALA A 1224 6.11 -5.77 35.65
N ILE A 1225 5.05 -5.68 34.85
CA ILE A 1225 3.85 -4.95 35.26
C ILE A 1225 3.21 -5.64 36.45
N LEU A 1226 3.14 -6.96 36.43
CA LEU A 1226 2.64 -7.77 37.53
C LEU A 1226 3.72 -8.78 37.92
N GLU A 1227 3.77 -9.13 39.19
CA GLU A 1227 4.84 -9.99 39.69
C GLU A 1227 4.36 -10.73 40.93
N ASN A 1228 4.60 -12.05 40.97
CA ASN A 1228 4.26 -12.90 42.11
C ASN A 1228 2.78 -12.83 42.44
N ILE A 1229 1.93 -12.92 41.42
CA ILE A 1229 0.49 -12.91 41.61
C ILE A 1229 0.01 -14.33 41.89
N SER A 1230 -0.85 -14.48 42.90
CA SER A 1230 -1.34 -15.79 43.29
C SER A 1230 -2.71 -15.65 43.93
N PHE A 1231 -3.67 -16.43 43.45
CA PHE A 1231 -5.03 -16.44 43.97
C PHE A 1231 -5.75 -17.66 43.39
N SER A 1232 -6.93 -17.95 43.96
CA SER A 1232 -7.74 -19.08 43.54
C SER A 1232 -9.20 -18.66 43.42
N ILE A 1233 -9.94 -19.35 42.56
CA ILE A 1233 -11.34 -19.05 42.29
C ILE A 1233 -12.14 -20.34 42.40
N SER A 1234 -13.23 -20.30 43.16
CA SER A 1234 -14.12 -21.45 43.26
C SER A 1234 -15.09 -21.49 42.08
N PRO A 1235 -15.59 -22.67 41.73
CA PRO A 1235 -16.48 -22.76 40.56
C PRO A 1235 -17.82 -22.13 40.82
N GLY A 1236 -18.31 -21.37 39.83
CA GLY A 1236 -19.63 -20.79 39.87
C GLY A 1236 -19.70 -19.37 40.39
N GLN A 1237 -18.63 -18.86 41.01
CA GLN A 1237 -18.68 -17.55 41.65
C GLN A 1237 -18.19 -16.47 40.70
N ARG A 1238 -18.49 -15.22 41.06
CA ARG A 1238 -18.13 -14.05 40.28
C ARG A 1238 -17.12 -13.21 41.05
N VAL A 1239 -16.10 -12.74 40.34
CA VAL A 1239 -14.99 -11.99 40.92
C VAL A 1239 -14.96 -10.61 40.30
N GLY A 1240 -14.82 -9.58 41.15
CA GLY A 1240 -14.77 -8.22 40.67
C GLY A 1240 -13.37 -7.63 40.72
N LEU A 1241 -12.87 -7.21 39.55
CA LEU A 1241 -11.55 -6.58 39.47
C LEU A 1241 -11.68 -5.08 39.65
N LEU A 1242 -10.83 -4.53 40.53
CA LEU A 1242 -10.85 -3.11 40.83
C LEU A 1242 -9.43 -2.56 40.78
N GLY A 1243 -9.32 -1.25 40.73
CA GLY A 1243 -8.03 -0.58 40.69
C GLY A 1243 -8.12 0.70 39.90
N ARG A 1244 -7.12 1.57 40.10
CA ARG A 1244 -7.03 2.81 39.37
C ARG A 1244 -6.71 2.53 37.90
N THR A 1245 -7.11 3.45 37.03
CA THR A 1245 -6.80 3.32 35.61
C THR A 1245 -5.30 3.31 35.40
N GLY A 1246 -4.82 2.41 34.55
CA GLY A 1246 -3.41 2.22 34.31
C GLY A 1246 -2.72 1.29 35.29
N SER A 1247 -3.45 0.69 36.22
CA SER A 1247 -2.83 -0.18 37.22
C SER A 1247 -2.48 -1.54 36.67
N GLY A 1248 -3.19 -2.02 35.65
CA GLY A 1248 -2.90 -3.32 35.09
C GLY A 1248 -4.05 -4.30 35.14
N LYS A 1249 -5.29 -3.80 35.08
CA LYS A 1249 -6.45 -4.69 35.03
C LYS A 1249 -6.51 -5.46 33.72
N SER A 1250 -6.24 -4.79 32.60
CA SER A 1250 -6.27 -5.47 31.30
C SER A 1250 -5.06 -6.37 31.12
N THR A 1251 -3.93 -6.05 31.77
CA THR A 1251 -2.76 -6.91 31.67
C THR A 1251 -3.02 -8.28 32.29
N LEU A 1252 -3.75 -8.31 33.41
CA LEU A 1252 -4.08 -9.58 34.05
C LEU A 1252 -4.96 -10.43 33.15
N LEU A 1253 -5.94 -9.81 32.49
CA LEU A 1253 -6.83 -10.55 31.58
C LEU A 1253 -6.08 -11.04 30.35
N SER A 1254 -5.13 -10.26 29.84
CA SER A 1254 -4.34 -10.70 28.69
C SER A 1254 -3.41 -11.84 29.06
N ALA A 1255 -2.96 -11.91 30.32
CA ALA A 1255 -2.07 -12.98 30.74
C ALA A 1255 -2.78 -14.32 30.78
N PHE A 1256 -4.09 -14.34 31.04
CA PHE A 1256 -4.82 -15.60 31.06
C PHE A 1256 -4.85 -16.24 29.68
N LEU A 1257 -4.99 -15.44 28.64
CA LEU A 1257 -5.02 -15.92 27.26
C LEU A 1257 -3.64 -16.05 26.64
N ARG A 1258 -2.58 -15.71 27.38
CA ARG A 1258 -1.20 -15.79 26.91
C ARG A 1258 -0.98 -14.90 25.69
N LEU A 1259 -1.33 -13.63 25.82
CA LEU A 1259 -1.09 -12.63 24.80
C LEU A 1259 0.17 -11.82 25.05
N LEU A 1260 0.97 -12.20 26.04
CA LEU A 1260 2.22 -11.53 26.35
C LEU A 1260 3.15 -12.53 27.00
N ASN A 1261 4.38 -12.09 27.29
CA ASN A 1261 5.37 -12.95 27.91
C ASN A 1261 4.99 -13.22 29.36
N THR A 1262 4.87 -14.50 29.71
CA THR A 1262 4.46 -14.93 31.05
C THR A 1262 5.49 -15.88 31.62
N GLU A 1263 5.56 -15.93 32.95
CA GLU A 1263 6.57 -16.71 33.66
C GLU A 1263 6.01 -17.54 34.81
N GLY A 1264 4.71 -17.79 34.82
CA GLY A 1264 4.11 -18.52 35.93
C GLY A 1264 3.37 -19.79 35.54
N GLU A 1265 2.34 -20.12 36.29
CA GLU A 1265 1.52 -21.31 36.04
C GLU A 1265 0.08 -21.03 36.40
N ILE A 1266 -0.84 -21.37 35.50
CA ILE A 1266 -2.28 -21.23 35.73
C ILE A 1266 -2.91 -22.59 35.51
N GLN A 1267 -3.73 -23.03 36.46
CA GLN A 1267 -4.40 -24.31 36.40
C GLN A 1267 -5.91 -24.08 36.33
N ILE A 1268 -6.58 -24.73 35.38
CA ILE A 1268 -8.03 -24.66 35.25
C ILE A 1268 -8.56 -26.05 35.47
N ASP A 1269 -9.15 -26.29 36.64
CA ASP A 1269 -9.87 -27.52 36.96
C ASP A 1269 -9.00 -28.75 36.73
N GLY A 1270 -7.74 -28.68 37.16
CA GLY A 1270 -6.91 -29.86 37.18
C GLY A 1270 -5.79 -29.92 36.16
N VAL A 1271 -6.06 -29.50 34.92
CA VAL A 1271 -5.07 -29.57 33.85
C VAL A 1271 -3.98 -28.54 34.09
N SER A 1272 -2.88 -28.67 33.36
CA SER A 1272 -1.70 -27.82 33.50
C SER A 1272 -1.67 -26.77 32.40
N TRP A 1273 -1.06 -25.63 32.69
CA TRP A 1273 -0.91 -24.58 31.67
C TRP A 1273 -0.05 -25.06 30.52
N ASP A 1274 1.11 -25.65 30.82
CA ASP A 1274 2.12 -25.91 29.79
C ASP A 1274 1.69 -27.04 28.87
N SER A 1275 1.06 -28.09 29.41
CA SER A 1275 0.74 -29.26 28.61
C SER A 1275 -0.24 -28.95 27.48
N ILE A 1276 -1.27 -28.14 27.76
CA ILE A 1276 -2.30 -27.88 26.77
C ILE A 1276 -1.71 -27.15 25.57
N THR A 1277 -2.23 -27.47 24.38
CA THR A 1277 -1.90 -26.69 23.19
C THR A 1277 -2.55 -25.31 23.28
N LEU A 1278 -1.89 -24.31 22.68
CA LEU A 1278 -2.35 -22.92 22.79
C LEU A 1278 -3.67 -22.65 22.09
N GLN A 1279 -4.23 -23.67 21.44
CA GLN A 1279 -5.48 -23.51 20.74
C GLN A 1279 -6.67 -24.09 21.49
N GLN A 1280 -6.47 -25.09 22.34
CA GLN A 1280 -7.55 -25.59 23.17
C GLN A 1280 -7.72 -24.77 24.44
N TRP A 1281 -6.65 -24.11 24.89
CA TRP A 1281 -6.72 -23.28 26.09
C TRP A 1281 -7.64 -22.08 25.87
N ARG A 1282 -7.48 -21.38 24.75
CA ARG A 1282 -8.26 -20.17 24.48
C ARG A 1282 -9.71 -20.45 24.18
N LYS A 1283 -10.06 -21.67 23.76
CA LYS A 1283 -11.46 -21.98 23.45
C LYS A 1283 -12.31 -22.18 24.69
N ALA A 1284 -11.71 -22.24 25.88
CA ALA A 1284 -12.44 -22.38 27.12
C ALA A 1284 -12.92 -21.04 27.69
N PHE A 1285 -12.64 -19.93 27.02
CA PHE A 1285 -12.92 -18.60 27.54
C PHE A 1285 -13.93 -17.87 26.67
N GLY A 1286 -14.67 -16.96 27.29
CA GLY A 1286 -15.50 -15.99 26.59
C GLY A 1286 -15.01 -14.60 26.92
N VAL A 1287 -14.83 -13.77 25.89
CA VAL A 1287 -14.08 -12.52 26.01
C VAL A 1287 -14.92 -11.36 25.52
N ILE A 1288 -14.86 -10.24 26.24
CA ILE A 1288 -15.34 -8.95 25.77
C ILE A 1288 -14.17 -7.97 25.81
N PRO A 1289 -13.57 -7.66 24.67
CA PRO A 1289 -12.41 -6.76 24.66
C PRO A 1289 -12.81 -5.33 24.99
N GLN A 1290 -11.84 -4.57 25.49
CA GLN A 1290 -12.09 -3.16 25.78
C GLN A 1290 -12.26 -2.35 24.50
N LYS A 1291 -11.54 -2.71 23.44
CA LYS A 1291 -11.68 -2.07 22.13
C LYS A 1291 -12.53 -2.98 21.24
N VAL A 1292 -13.69 -2.47 20.82
CA VAL A 1292 -14.61 -3.28 20.04
C VAL A 1292 -14.12 -3.39 18.59
N PHE A 1293 -14.44 -4.51 17.95
CA PHE A 1293 -14.02 -4.82 16.59
C PHE A 1293 -15.26 -5.03 15.74
N ILE A 1294 -15.45 -4.17 14.73
CA ILE A 1294 -16.50 -4.33 13.74
C ILE A 1294 -15.87 -4.17 12.37
N PHE A 1295 -16.01 -5.20 11.52
CA PHE A 1295 -15.43 -5.17 10.19
C PHE A 1295 -16.51 -4.92 9.15
N SER A 1296 -16.07 -4.55 7.96
CA SER A 1296 -16.97 -4.22 6.85
C SER A 1296 -17.70 -5.47 6.40
N GLY A 1297 -18.99 -5.55 6.69
CA GLY A 1297 -19.75 -6.73 6.31
C GLY A 1297 -21.17 -6.65 6.83
N THR A 1298 -21.87 -7.76 6.62
CA THR A 1298 -23.27 -7.89 7.03
C THR A 1298 -23.39 -7.93 8.55
N PHE A 1299 -24.57 -7.50 9.04
CA PHE A 1299 -24.88 -7.64 10.46
C PHE A 1299 -24.72 -9.08 10.92
N ARG A 1300 -25.30 -10.02 10.17
CA ARG A 1300 -25.21 -11.44 10.52
C ARG A 1300 -23.78 -11.94 10.47
N LYS A 1301 -22.96 -11.40 9.56
CA LYS A 1301 -21.57 -11.84 9.45
C LYS A 1301 -20.75 -11.37 10.63
N ASN A 1302 -21.05 -10.18 11.18
CA ASN A 1302 -20.32 -9.71 12.35
C ASN A 1302 -20.67 -10.51 13.59
N LEU A 1303 -21.94 -10.86 13.76
CA LEU A 1303 -22.34 -11.65 14.93
C LEU A 1303 -21.93 -13.12 14.82
N ASP A 1304 -21.65 -13.61 13.62
CA ASP A 1304 -21.39 -15.02 13.43
C ASP A 1304 -20.56 -15.24 12.17
N PRO A 1305 -19.22 -15.17 12.27
CA PRO A 1305 -18.39 -15.34 11.06
C PRO A 1305 -18.23 -16.79 10.60
N TYR A 1306 -18.53 -17.77 11.43
CA TYR A 1306 -18.42 -19.17 11.05
C TYR A 1306 -19.72 -19.74 10.50
N GLU A 1307 -20.80 -18.96 10.47
CA GLU A 1307 -22.06 -19.38 9.86
C GLU A 1307 -22.60 -20.66 10.50
N GLN A 1308 -22.47 -20.77 11.81
CA GLN A 1308 -22.87 -21.96 12.54
C GLN A 1308 -24.19 -21.82 13.28
N TRP A 1309 -24.87 -20.69 13.17
CA TRP A 1309 -26.16 -20.50 13.81
C TRP A 1309 -27.18 -19.97 12.80
N SER A 1310 -28.43 -20.41 12.98
CA SER A 1310 -29.52 -19.98 12.12
C SER A 1310 -30.03 -18.60 12.52
N ASP A 1311 -30.85 -18.01 11.64
CA ASP A 1311 -31.38 -16.68 11.93
C ASP A 1311 -32.39 -16.70 13.07
N GLN A 1312 -33.03 -17.84 13.32
CA GLN A 1312 -33.94 -17.93 14.46
C GLN A 1312 -33.18 -17.79 15.77
N GLU A 1313 -31.98 -18.38 15.86
CA GLU A 1313 -31.19 -18.28 17.08
C GLU A 1313 -30.60 -16.88 17.24
N ILE A 1314 -30.24 -16.23 16.13
CA ILE A 1314 -29.63 -14.90 16.21
C ILE A 1314 -30.64 -13.87 16.70
N TRP A 1315 -31.88 -13.93 16.19
CA TRP A 1315 -32.90 -12.97 16.63
C TRP A 1315 -33.27 -13.20 18.09
N LYS A 1316 -33.24 -14.44 18.55
CA LYS A 1316 -33.59 -14.74 19.94
C LYS A 1316 -32.61 -14.06 20.90
N VAL A 1317 -31.31 -14.10 20.57
CA VAL A 1317 -30.32 -13.39 21.38
C VAL A 1317 -30.46 -11.89 21.21
N ALA A 1318 -30.76 -11.43 19.98
CA ALA A 1318 -30.84 -10.00 19.73
C ALA A 1318 -31.95 -9.33 20.53
N ASP A 1319 -32.97 -10.08 20.93
CA ASP A 1319 -34.02 -9.51 21.78
C ASP A 1319 -33.55 -9.36 23.21
N GLU A 1320 -32.75 -10.32 23.69
CA GLU A 1320 -32.29 -10.29 25.09
C GLU A 1320 -31.29 -9.17 25.35
N VAL A 1321 -30.55 -8.72 24.33
CA VAL A 1321 -29.65 -7.59 24.49
C VAL A 1321 -30.23 -6.30 23.92
N GLY A 1322 -31.48 -6.30 23.50
CA GLY A 1322 -32.15 -5.08 23.08
C GLY A 1322 -31.62 -4.46 21.81
N LEU A 1323 -31.23 -5.28 20.83
CA LEU A 1323 -30.71 -4.77 19.56
C LEU A 1323 -31.72 -4.85 18.43
N ARG A 1324 -32.94 -5.31 18.70
CA ARG A 1324 -33.91 -5.49 17.61
C ARG A 1324 -34.27 -4.16 16.97
N SER A 1325 -34.54 -3.14 17.77
CA SER A 1325 -34.90 -1.83 17.23
C SER A 1325 -33.75 -1.19 16.47
N VAL A 1326 -32.51 -1.55 16.82
CA VAL A 1326 -31.35 -1.01 16.11
C VAL A 1326 -31.28 -1.58 14.69
N ILE A 1327 -31.58 -2.87 14.53
CA ILE A 1327 -31.42 -3.53 13.24
C ILE A 1327 -32.58 -3.19 12.32
N GLU A 1328 -33.80 -3.07 12.85
CA GLU A 1328 -34.96 -2.84 12.02
C GLU A 1328 -34.98 -1.45 11.39
N GLN A 1329 -34.24 -0.50 11.95
CA GLN A 1329 -34.22 0.85 11.40
C GLN A 1329 -33.42 0.95 10.10
N PHE A 1330 -32.74 -0.13 9.70
CA PHE A 1330 -31.92 -0.17 8.51
C PHE A 1330 -32.63 -0.89 7.37
N PRO A 1331 -32.32 -0.55 6.12
CA PRO A 1331 -33.04 -1.15 4.98
C PRO A 1331 -32.98 -2.67 4.94
N GLY A 1332 -31.84 -3.25 5.27
CA GLY A 1332 -31.73 -4.70 5.29
C GLY A 1332 -31.62 -5.27 6.69
N LYS A 1333 -32.70 -5.90 7.17
CA LYS A 1333 -32.68 -6.51 8.49
C LYS A 1333 -31.79 -7.74 8.46
N LEU A 1334 -30.67 -7.67 9.18
CA LEU A 1334 -29.61 -8.68 9.16
C LEU A 1334 -28.96 -8.80 7.78
N ASP A 1335 -29.15 -7.80 6.91
CA ASP A 1335 -28.50 -7.76 5.62
C ASP A 1335 -27.75 -6.46 5.37
N PHE A 1336 -27.99 -5.43 6.17
CA PHE A 1336 -27.32 -4.15 5.99
C PHE A 1336 -25.81 -4.30 6.16
N VAL A 1337 -25.05 -3.59 5.33
CA VAL A 1337 -23.59 -3.64 5.37
C VAL A 1337 -23.07 -2.53 6.27
N LEU A 1338 -22.26 -2.90 7.27
CA LEU A 1338 -21.71 -1.96 8.24
C LEU A 1338 -20.37 -1.46 7.69
N VAL A 1339 -20.44 -0.38 6.90
CA VAL A 1339 -19.26 0.16 6.25
C VAL A 1339 -18.49 1.06 7.22
N ASP A 1340 -17.18 1.17 6.98
CA ASP A 1340 -16.30 2.06 7.74
C ASP A 1340 -16.34 1.75 9.24
N GLY A 1341 -16.22 0.47 9.58
CA GLY A 1341 -16.16 0.08 10.97
C GLY A 1341 -17.44 0.33 11.75
N GLY A 1342 -18.59 0.19 11.12
CA GLY A 1342 -19.86 0.39 11.81
C GLY A 1342 -20.11 1.82 12.23
N CYS A 1343 -19.74 2.78 11.39
CA CYS A 1343 -19.93 4.19 11.74
C CYS A 1343 -21.38 4.57 11.88
N VAL A 1344 -22.30 3.77 11.31
CA VAL A 1344 -23.72 4.07 11.42
C VAL A 1344 -24.19 3.92 12.86
N LEU A 1345 -23.59 3.00 13.61
CA LEU A 1345 -24.00 2.74 14.98
C LEU A 1345 -23.42 3.78 15.93
N SER A 1346 -24.10 3.96 17.06
CA SER A 1346 -23.60 4.83 18.13
C SER A 1346 -22.56 4.08 18.95
N HIS A 1347 -22.02 4.77 19.97
CA HIS A 1347 -21.04 4.12 20.84
C HIS A 1347 -21.67 3.03 21.70
N GLY A 1348 -22.88 3.29 22.21
CA GLY A 1348 -23.54 2.31 23.05
C GLY A 1348 -24.07 1.10 22.30
N HIS A 1349 -24.33 1.23 21.01
CA HIS A 1349 -24.80 0.10 20.23
C HIS A 1349 -23.69 -0.92 19.98
N LYS A 1350 -22.44 -0.46 19.85
CA LYS A 1350 -21.33 -1.38 19.66
C LYS A 1350 -21.09 -2.24 20.89
N GLN A 1351 -21.32 -1.69 22.09
CA GLN A 1351 -21.14 -2.46 23.30
C GLN A 1351 -22.12 -3.61 23.39
N LEU A 1352 -23.35 -3.40 22.92
CA LEU A 1352 -24.35 -4.47 22.92
C LEU A 1352 -24.02 -5.52 21.86
N MET A 1353 -23.40 -5.12 20.75
CA MET A 1353 -22.97 -6.10 19.75
C MET A 1353 -21.95 -7.06 20.31
N CYS A 1354 -20.99 -6.55 21.11
CA CYS A 1354 -20.00 -7.42 21.73
C CYS A 1354 -20.62 -8.31 22.80
N LEU A 1355 -21.65 -7.82 23.50
CA LEU A 1355 -22.34 -8.66 24.48
C LEU A 1355 -23.09 -9.79 23.79
N ALA A 1356 -23.64 -9.53 22.60
CA ALA A 1356 -24.34 -10.58 21.85
C ALA A 1356 -23.38 -11.69 21.43
N ARG A 1357 -22.16 -11.34 21.03
CA ARG A 1357 -21.19 -12.35 20.63
C ARG A 1357 -20.87 -13.29 21.79
N SER A 1358 -20.71 -12.74 22.99
CA SER A 1358 -20.37 -13.57 24.15
C SER A 1358 -21.51 -14.50 24.53
N VAL A 1359 -22.76 -14.06 24.35
CA VAL A 1359 -23.90 -14.92 24.67
C VAL A 1359 -24.01 -16.06 23.65
N LEU A 1360 -23.78 -15.75 22.37
CA LEU A 1360 -23.88 -16.77 21.32
C LEU A 1360 -22.89 -17.90 21.56
N SER A 1361 -21.61 -17.56 21.74
CA SER A 1361 -20.57 -18.57 21.93
C SER A 1361 -20.39 -18.86 23.43
N LYS A 1362 -21.46 -19.39 24.02
CA LYS A 1362 -21.53 -19.59 25.46
C LYS A 1362 -20.45 -20.53 25.99
N ALA A 1363 -19.56 -20.00 26.82
CA ALA A 1363 -18.45 -20.75 27.40
C ALA A 1363 -18.58 -20.73 28.92
N LYS A 1364 -17.73 -21.52 29.58
CA LYS A 1364 -17.77 -21.61 31.03
C LYS A 1364 -17.17 -20.38 31.69
N ILE A 1365 -15.91 -20.09 31.40
CA ILE A 1365 -15.19 -18.98 32.03
C ILE A 1365 -15.28 -17.76 31.13
N LEU A 1366 -15.64 -16.63 31.71
CA LEU A 1366 -15.83 -15.38 30.97
C LEU A 1366 -14.88 -14.31 31.50
N LEU A 1367 -14.32 -13.52 30.58
CA LEU A 1367 -13.44 -12.41 30.93
C LEU A 1367 -14.04 -11.14 30.34
N LEU A 1368 -14.84 -10.43 31.14
CA LEU A 1368 -15.55 -9.25 30.68
C LEU A 1368 -14.75 -8.02 31.10
N ASP A 1369 -14.29 -7.24 30.11
CA ASP A 1369 -13.43 -6.09 30.34
C ASP A 1369 -14.25 -4.82 30.17
N GLN A 1370 -14.94 -4.43 31.24
CA GLN A 1370 -15.74 -3.20 31.32
C GLN A 1370 -16.78 -3.14 30.20
N PRO A 1371 -17.82 -3.98 30.25
CA PRO A 1371 -18.80 -4.01 29.14
C PRO A 1371 -19.77 -2.84 29.12
N SER A 1372 -19.72 -1.93 30.09
CA SER A 1372 -20.69 -0.84 30.19
C SER A 1372 -19.97 0.50 30.27
N ALA A 1373 -19.04 0.73 29.33
CA ALA A 1373 -18.16 1.87 29.43
C ALA A 1373 -18.91 3.20 29.40
N HIS A 1374 -19.76 3.39 28.38
CA HIS A 1374 -20.48 4.65 28.22
C HIS A 1374 -21.98 4.49 28.32
N LEU A 1375 -22.47 3.38 28.87
CA LEU A 1375 -23.91 3.16 28.97
C LEU A 1375 -24.49 3.95 30.13
N ASP A 1376 -25.69 4.50 29.91
CA ASP A 1376 -26.40 5.22 30.95
C ASP A 1376 -26.98 4.25 31.97
N PRO A 1377 -27.35 4.73 33.16
CA PRO A 1377 -27.86 3.82 34.20
C PRO A 1377 -29.07 2.99 33.77
N VAL A 1378 -29.96 3.56 32.97
CA VAL A 1378 -31.12 2.80 32.51
C VAL A 1378 -30.70 1.65 31.61
N THR A 1379 -29.76 1.89 30.70
CA THR A 1379 -29.32 0.86 29.77
C THR A 1379 -28.53 -0.23 30.46
N TYR A 1380 -27.90 0.07 31.61
CA TYR A 1380 -27.09 -0.92 32.31
C TYR A 1380 -27.93 -2.11 32.77
N GLN A 1381 -29.24 -1.91 32.95
CA GLN A 1381 -30.10 -3.02 33.35
C GLN A 1381 -30.06 -4.16 32.33
N ILE A 1382 -29.79 -3.84 31.07
CA ILE A 1382 -29.66 -4.89 30.05
C ILE A 1382 -28.46 -5.77 30.36
N ILE A 1383 -27.33 -5.17 30.72
CA ILE A 1383 -26.15 -5.95 31.10
C ILE A 1383 -26.43 -6.75 32.36
N ARG A 1384 -27.17 -6.16 33.31
CA ARG A 1384 -27.41 -6.81 34.58
C ARG A 1384 -28.30 -8.05 34.44
N ARG A 1385 -29.36 -7.96 33.64
CA ARG A 1385 -30.24 -9.10 33.46
C ARG A 1385 -29.55 -10.22 32.69
N THR A 1386 -28.72 -9.86 31.71
CA THR A 1386 -27.98 -10.87 30.96
C THR A 1386 -27.00 -11.62 31.86
N LEU A 1387 -26.39 -10.91 32.80
CA LEU A 1387 -25.39 -11.51 33.67
C LEU A 1387 -25.99 -12.61 34.55
N LYS A 1388 -27.29 -12.55 34.84
CA LYS A 1388 -27.91 -13.51 35.74
C LYS A 1388 -28.71 -14.59 35.03
N GLN A 1389 -29.20 -14.33 33.81
CA GLN A 1389 -29.97 -15.33 33.08
C GLN A 1389 -29.11 -16.12 32.10
N ALA A 1390 -28.44 -15.41 31.18
CA ALA A 1390 -27.64 -16.10 30.17
C ALA A 1390 -26.41 -16.76 30.79
N PHE A 1391 -25.70 -16.05 31.65
CA PHE A 1391 -24.53 -16.58 32.34
C PHE A 1391 -24.95 -17.10 33.72
N ALA A 1392 -25.68 -18.21 33.69
CA ALA A 1392 -26.35 -18.71 34.89
C ALA A 1392 -25.38 -18.98 36.03
N ASP A 1393 -24.52 -19.99 35.89
CA ASP A 1393 -23.48 -20.20 36.89
C ASP A 1393 -22.15 -19.62 36.44
N CYS A 1394 -21.55 -20.22 35.40
CA CYS A 1394 -20.33 -19.70 34.77
C CYS A 1394 -19.21 -19.43 35.77
N THR A 1395 -18.18 -18.72 35.34
CA THR A 1395 -17.15 -18.17 36.23
C THR A 1395 -16.81 -16.79 35.67
N VAL A 1396 -17.53 -15.77 36.14
CA VAL A 1396 -17.48 -14.44 35.56
C VAL A 1396 -16.46 -13.60 36.33
N ILE A 1397 -15.54 -12.98 35.60
CA ILE A 1397 -14.56 -12.07 36.18
C ILE A 1397 -14.86 -10.67 35.61
N LEU A 1398 -15.57 -9.87 36.39
CA LEU A 1398 -15.90 -8.50 35.98
C LEU A 1398 -14.70 -7.58 36.16
N CYS A 1399 -14.66 -6.54 35.33
CA CYS A 1399 -13.60 -5.54 35.35
C CYS A 1399 -14.19 -4.14 35.23
N GLU A 1400 -15.24 -3.87 36.01
CA GLU A 1400 -16.01 -2.64 35.90
C GLU A 1400 -15.42 -1.54 36.78
N HIS A 1401 -15.76 -0.30 36.42
CA HIS A 1401 -15.41 0.87 37.21
C HIS A 1401 -16.56 1.41 38.04
N ARG A 1402 -17.80 1.18 37.62
CA ARG A 1402 -18.96 1.67 38.37
C ARG A 1402 -19.16 0.85 39.63
N ILE A 1403 -19.62 1.53 40.69
CA ILE A 1403 -19.83 0.85 41.97
C ILE A 1403 -21.07 -0.02 41.94
N GLU A 1404 -22.05 0.33 41.09
CA GLU A 1404 -23.29 -0.44 41.02
C GLU A 1404 -23.04 -1.86 40.53
N ALA A 1405 -22.00 -2.07 39.75
CA ALA A 1405 -21.73 -3.40 39.18
C ALA A 1405 -21.10 -4.36 40.18
N MET A 1406 -20.67 -3.88 41.34
CA MET A 1406 -19.98 -4.71 42.32
C MET A 1406 -20.92 -5.29 43.37
N LEU A 1407 -22.22 -5.07 43.26
CA LEU A 1407 -23.18 -5.67 44.17
C LEU A 1407 -23.52 -7.10 43.81
N GLU A 1408 -23.00 -7.62 42.69
CA GLU A 1408 -23.26 -8.98 42.25
C GLU A 1408 -22.01 -9.85 42.28
N CYS A 1409 -21.02 -9.51 43.09
CA CYS A 1409 -19.77 -10.25 43.17
C CYS A 1409 -19.58 -10.86 44.56
N GLN A 1410 -18.94 -12.04 44.58
CA GLN A 1410 -18.64 -12.74 45.82
C GLN A 1410 -17.20 -12.59 46.28
N GLN A 1411 -16.28 -12.32 45.35
CA GLN A 1411 -14.87 -12.15 45.65
C GLN A 1411 -14.36 -10.92 44.94
N PHE A 1412 -13.32 -10.29 45.51
CA PHE A 1412 -12.78 -9.05 44.96
C PHE A 1412 -11.26 -9.15 44.86
N LEU A 1413 -10.73 -8.60 43.76
CA LEU A 1413 -9.29 -8.50 43.54
C LEU A 1413 -8.95 -7.04 43.28
N VAL A 1414 -8.05 -6.48 44.06
CA VAL A 1414 -7.64 -5.09 43.93
C VAL A 1414 -6.18 -5.06 43.48
N ILE A 1415 -5.93 -4.34 42.38
CA ILE A 1415 -4.58 -4.20 41.84
C ILE A 1415 -4.00 -2.88 42.33
N GLU A 1416 -2.84 -2.95 42.97
CA GLU A 1416 -2.18 -1.75 43.48
C GLU A 1416 -0.68 -2.00 43.53
N GLU A 1417 0.09 -1.03 43.01
CA GLU A 1417 1.55 -1.08 42.92
C GLU A 1417 2.06 -2.47 42.54
N ASN A 1418 1.55 -2.95 41.40
CA ASN A 1418 2.01 -4.19 40.77
C ASN A 1418 1.79 -5.42 41.65
N LYS A 1419 0.81 -5.37 42.55
CA LYS A 1419 0.47 -6.49 43.41
C LYS A 1419 -1.04 -6.64 43.43
N VAL A 1420 -1.49 -7.88 43.61
CA VAL A 1420 -2.91 -8.22 43.64
C VAL A 1420 -3.28 -8.63 45.06
N ARG A 1421 -4.21 -7.89 45.66
CA ARG A 1421 -4.78 -8.23 46.95
C ARG A 1421 -6.15 -8.88 46.73
N GLN A 1422 -6.62 -9.58 47.77
CA GLN A 1422 -7.87 -10.32 47.69
C GLN A 1422 -8.75 -10.01 48.89
N TYR A 1423 -10.04 -9.85 48.65
CA TYR A 1423 -11.01 -9.52 49.70
C TYR A 1423 -12.25 -10.39 49.50
N ASP A 1424 -13.06 -10.48 50.56
CA ASP A 1424 -14.27 -11.28 50.54
C ASP A 1424 -15.56 -10.47 50.55
N SER A 1425 -15.49 -9.17 50.83
CA SER A 1425 -16.71 -8.36 50.86
C SER A 1425 -16.38 -6.93 50.46
N ILE A 1426 -17.34 -6.29 49.79
CA ILE A 1426 -17.14 -4.93 49.31
C ILE A 1426 -17.10 -3.95 50.47
N GLN A 1427 -17.90 -4.21 51.51
CA GLN A 1427 -17.91 -3.33 52.68
C GLN A 1427 -16.56 -3.34 53.39
N LYS A 1428 -15.90 -4.49 53.44
CA LYS A 1428 -14.54 -4.55 53.98
C LYS A 1428 -13.55 -3.78 53.11
N LEU A 1429 -13.75 -3.78 51.80
CA LEU A 1429 -12.82 -3.14 50.89
C LEU A 1429 -12.80 -1.63 51.10
N LEU A 1430 -13.97 -1.00 51.15
CA LEU A 1430 -14.05 0.45 51.31
C LEU A 1430 -13.74 0.91 52.72
N ASN A 1431 -13.79 0.02 53.72
CA ASN A 1431 -13.50 0.43 55.08
C ASN A 1431 -12.06 0.87 55.24
N GLU A 1432 -11.12 0.17 54.60
CA GLU A 1432 -9.71 0.53 54.71
C GLU A 1432 -9.37 1.80 53.97
N ARG A 1433 -9.99 2.04 52.80
CA ARG A 1433 -9.69 3.22 52.00
C ARG A 1433 -10.50 4.41 52.49
N SER A 1434 -9.82 5.52 52.75
CA SER A 1434 -10.49 6.72 53.24
C SER A 1434 -10.94 7.64 52.09
N LEU A 1435 -10.08 7.87 51.10
CA LEU A 1435 -10.43 8.77 50.02
C LEU A 1435 -11.43 8.14 49.05
N PHE A 1436 -11.27 6.85 48.78
CA PHE A 1436 -12.13 6.18 47.79
C PHE A 1436 -13.57 6.07 48.29
N ARG A 1437 -13.77 6.02 49.61
CA ARG A 1437 -15.12 5.93 50.15
C ARG A 1437 -15.90 7.22 49.92
N GLN A 1438 -15.22 8.37 49.87
CA GLN A 1438 -15.92 9.64 49.72
C GLN A 1438 -16.45 9.83 48.30
N ALA A 1439 -15.75 9.27 47.31
CA ALA A 1439 -16.14 9.45 45.91
C ALA A 1439 -17.40 8.68 45.54
N ILE A 1440 -17.88 7.79 46.41
CA ILE A 1440 -19.07 7.00 46.10
C ILE A 1440 -20.27 7.91 45.93
N SER A 1441 -21.05 7.66 44.88
CA SER A 1441 -22.25 8.44 44.63
C SER A 1441 -23.27 8.21 45.74
N PRO A 1442 -23.93 9.27 46.22
CA PRO A 1442 -24.95 9.09 47.28
C PRO A 1442 -26.08 8.17 46.85
N SER A 1443 -26.42 8.15 45.56
CA SER A 1443 -27.44 7.23 45.08
C SER A 1443 -26.99 5.77 45.22
N ASP A 1444 -25.70 5.52 45.05
CA ASP A 1444 -25.15 4.18 45.21
C ASP A 1444 -24.76 3.87 46.66
N ARG A 1445 -24.56 4.90 47.48
CA ARG A 1445 -24.13 4.67 48.85
C ARG A 1445 -25.22 4.02 49.69
N VAL A 1446 -26.48 4.36 49.44
CA VAL A 1446 -27.57 3.82 50.25
C VAL A 1446 -27.66 2.30 50.07
N LYS A 1447 -27.57 1.83 48.83
CA LYS A 1447 -27.63 0.39 48.59
C LYS A 1447 -26.33 -0.31 48.96
N LEU A 1448 -25.20 0.40 48.87
CA LEU A 1448 -23.92 -0.19 49.24
C LEU A 1448 -23.77 -0.31 50.75
N PHE A 1449 -24.30 0.65 51.50
CA PHE A 1449 -24.25 0.65 52.96
C PHE A 1449 -25.66 0.84 53.50
N PRO A 1450 -26.46 -0.24 53.60
CA PRO A 1450 -27.82 -0.18 54.13
C PRO A 1450 -27.87 0.27 55.58
N UNK B 1 8.24 20.20 12.86
CA UNK B 1 8.38 19.82 11.47
C UNK B 1 7.90 20.94 10.55
N UNK B 2 8.59 22.07 10.62
CA UNK B 2 8.26 23.22 9.80
C UNK B 2 9.04 23.28 8.50
N UNK B 3 9.94 22.33 8.26
CA UNK B 3 10.73 22.26 7.03
C UNK B 3 10.48 20.93 6.35
N UNK B 4 10.45 20.96 5.01
CA UNK B 4 10.22 19.77 4.21
C UNK B 4 11.50 19.04 3.83
N UNK B 5 12.66 19.53 4.28
CA UNK B 5 13.93 18.90 3.93
C UNK B 5 14.07 17.54 4.58
N UNK B 6 14.54 16.56 3.80
CA UNK B 6 14.79 15.21 4.28
C UNK B 6 16.20 15.17 4.86
N UNK B 7 16.30 15.31 6.18
CA UNK B 7 17.59 15.32 6.86
C UNK B 7 18.13 13.90 7.02
N UNK B 8 19.35 13.81 7.57
CA UNK B 8 19.99 12.50 7.75
C UNK B 8 19.26 11.64 8.76
N UNK B 9 18.58 12.25 9.74
CA UNK B 9 17.87 11.48 10.75
C UNK B 9 16.64 10.79 10.19
N UNK B 10 15.98 11.40 9.20
CA UNK B 10 14.78 10.79 8.63
C UNK B 10 15.12 9.53 7.84
N UNK B 11 16.26 9.55 7.13
CA UNK B 11 16.66 8.36 6.37
C UNK B 11 16.98 7.20 7.28
N UNK B 12 17.68 7.45 8.39
CA UNK B 12 18.08 6.38 9.30
C UNK B 12 16.88 5.73 9.96
N UNK B 13 15.80 6.48 10.15
CA UNK B 13 14.63 5.94 10.85
C UNK B 13 13.74 5.14 9.91
N UNK B 14 13.38 5.71 8.76
CA UNK B 14 12.38 5.08 7.88
C UNK B 14 13.03 4.11 6.88
N UNK B 15 13.94 4.60 6.04
CA UNK B 15 14.54 3.75 5.01
C UNK B 15 15.49 2.72 5.63
N UNK B 16 16.18 3.08 6.71
CA UNK B 16 17.14 2.20 7.36
C UNK B 16 18.21 1.72 6.40
MG MG C . -22.00 9.56 21.55
MG MG D . -8.53 -1.62 30.49
PG ATP E . -24.19 7.25 22.80
O1G ATP E . -24.46 7.27 24.25
O2G ATP E . -24.12 5.84 22.23
O3G ATP E . -22.91 7.98 22.42
PB ATP E . -25.42 9.34 21.18
O1B ATP E . -26.32 10.32 21.81
O2B ATP E . -23.99 9.79 20.95
O3B ATP E . -25.36 7.99 22.00
PA ATP E . -25.43 8.76 18.28
O1A ATP E . -25.64 10.20 18.02
O2A ATP E . -24.00 9.37 18.20
O3A ATP E . -26.00 8.85 19.78
O5' ATP E . -26.43 8.93 17.00
C5' ATP E . -27.85 9.09 17.14
C4' ATP E . -28.57 8.24 16.11
O4' ATP E . -28.03 8.50 14.80
C3' ATP E . -28.48 6.72 16.32
O3' ATP E . -29.69 6.09 15.96
C2' ATP E . -27.34 6.32 15.37
O2' ATP E . -27.50 4.99 14.91
C1' ATP E . -27.55 7.30 14.22
N9 ATP E . -26.33 7.61 13.49
C8 ATP E . -25.13 8.02 14.01
N7 ATP E . -24.19 8.25 13.13
C5 ATP E . -24.82 7.96 11.92
C6 ATP E . -24.38 8.01 10.59
N6 ATP E . -23.14 8.36 10.23
N1 ATP E . -25.26 7.68 9.62
C2 ATP E . -26.50 7.33 9.97
N3 ATP E . -27.02 7.24 11.19
C4 ATP E . -26.13 7.58 12.13
PG ATP F . -7.70 1.19 32.21
O1G ATP F . -8.65 1.31 33.33
O2G ATP F . -7.33 2.54 31.61
O3G ATP F . -8.22 0.30 31.09
PB ATP F . -5.93 -0.96 33.04
O1B ATP F . -6.12 -1.23 34.48
O2B ATP F . -6.67 -1.86 32.07
O3B ATP F . -6.32 0.54 32.68
PA ATP F . -3.55 -1.07 31.29
O1A ATP F . -3.16 -2.47 31.51
O2A ATP F . -4.32 -1.91 30.22
O3A ATP F . -4.39 -1.00 32.64
O5' ATP F . -1.91 -1.17 31.31
C5' ATP F . -1.16 -1.09 32.54
C4' ATP F . 0.15 -0.40 32.27
O4' ATP F . 0.84 -1.06 31.18
C3' ATP F . 0.06 1.07 31.89
O3' ATP F . 1.15 1.80 32.45
C2' ATP F . 0.15 1.04 30.36
O2' ATP F . 0.69 2.23 29.83
C1' ATP F . 1.10 -0.13 30.14
N9 ATP F . 0.91 -0.81 28.87
C8 ATP F . -0.27 -1.16 28.28
N7 ATP F . -0.15 -1.78 27.14
C5 ATP F . 1.22 -1.85 26.95
C6 ATP F . 2.02 -2.39 25.92
N6 ATP F . 1.52 -2.97 24.83
N1 ATP F . 3.36 -2.29 26.04
C2 ATP F . 3.86 -1.70 27.13
N3 ATP F . 3.21 -1.15 28.17
C4 ATP F . 1.90 -1.26 28.01
C1 CLR G . 13.42 7.32 -55.05
C2 CLR G . 13.86 6.62 -56.32
C3 CLR G . 15.08 5.75 -56.05
C4 CLR G . 14.74 4.72 -54.98
C5 CLR G . 14.18 5.35 -53.73
C6 CLR G . 14.66 5.02 -52.53
C7 CLR G . 14.17 5.57 -51.23
C8 CLR G . 12.83 6.28 -51.36
C9 CLR G . 12.83 7.16 -52.61
C10 CLR G . 13.04 6.35 -53.92
C11 CLR G . 11.59 8.07 -52.67
C12 CLR G . 11.35 8.86 -51.39
C13 CLR G . 11.24 7.94 -50.17
C14 CLR G . 12.56 7.15 -50.12
C15 CLR G . 12.54 6.49 -48.74
C16 CLR G . 11.79 7.48 -47.85
C17 CLR G . 11.26 8.59 -48.77
C18 CLR G . 10.03 7.00 -50.32
C19 CLR G . 11.79 5.57 -54.33
C20 CLR G . 9.97 9.23 -48.22
C21 CLR G . 9.54 10.50 -48.97
C22 CLR G . 10.13 9.53 -46.72
C23 CLR G . 11.04 10.69 -46.37
C24 CLR G . 11.45 10.70 -44.91
C25 CLR G . 10.32 10.67 -43.89
C26 CLR G . 10.86 10.64 -42.48
C27 CLR G . 9.37 11.84 -44.07
O1 CLR G . 15.48 5.08 -57.25
C1 D12 H . -8.97 12.77 -28.59
C2 D12 H . -8.44 12.13 -27.31
C3 D12 H . -7.23 12.86 -26.73
C4 D12 H . -6.04 12.86 -27.68
C5 D12 H . -4.72 13.13 -26.96
C6 D12 H . -3.56 13.40 -27.92
C7 D12 H . -2.82 12.15 -28.33
C8 D12 H . -1.32 12.40 -28.50
C9 D12 H . -1.03 13.56 -29.45
C10 D12 H . 0.30 14.25 -29.13
C11 D12 H . 1.49 13.31 -29.22
C12 D12 H . 2.82 14.05 -29.06
O24 VX7 I . -0.16 -18.21 -34.48
C23 VX7 I . 0.27 -17.63 -33.49
C22 VX7 I . 0.27 -16.17 -33.40
C21 VX7 I . -0.20 -15.39 -34.45
C20 VX7 I . -0.17 -14.01 -34.37
C19 VX7 I . 0.32 -13.39 -33.23
C18 VX7 I . 0.79 -14.15 -32.17
C17 VX7 I . 0.77 -15.53 -32.26
N16 VX7 I . 1.25 -16.29 -31.20
C15 VX7 I . 1.25 -17.62 -31.26
C14 VX7 I . 0.80 -18.33 -32.34
C12 VX7 I . 0.89 -19.81 -32.22
O13 VX7 I . 1.32 -20.34 -31.19
N11 VX7 I . 0.50 -20.50 -33.32
C10 VX7 I . 0.54 -21.91 -33.48
C09 VX7 I . 1.65 -22.63 -33.05
C08 VX7 I . 1.67 -24.01 -33.18
O25 VX7 I . 2.78 -24.67 -32.74
C07 VX7 I . 0.59 -24.72 -33.74
C26 VX7 I . 0.58 -26.25 -33.87
C28 VX7 I . -0.73 -26.73 -34.52
C29 VX7 I . 1.74 -26.75 -34.73
C27 VX7 I . 0.68 -26.93 -32.49
C06 VX7 I . -0.50 -23.97 -34.17
C05 VX7 I . -0.55 -22.58 -34.07
C02 VX7 I . -1.82 -21.89 -34.62
C03 VX7 I . -2.78 -22.93 -35.21
C04 VX7 I . -2.56 -21.13 -33.53
C01 VX7 I . -1.45 -20.91 -35.74
N1 WJX J . 34.19 2.14 -19.83
C4 WJX J . 34.98 1.77 -16.41
C5 WJX J . 34.03 2.58 -18.57
C6 WJX J . 33.81 3.93 -18.24
C7 WJX J . 33.78 4.86 -19.27
C8 WJX J . 33.94 4.43 -20.58
C10 WJX J . 34.07 1.26 -22.51
C1 WJX J . 34.73 0.52 -15.59
C2 WJX J . 34.21 -0.50 -16.63
C3 WJX J . 34.14 0.20 -17.99
O1 WJX J . 32.63 3.80 -16.18
C9 WJX J . 34.13 3.07 -20.80
C11 WJX J . 34.19 1.24 -23.87
N2 WJX J . 34.20 2.55 -22.11
N WJX J . 34.13 1.64 -17.59
C WJX J . 33.78 0.73 -14.41
O WJX J . 34.59 3.09 -25.50
C12 WJX J . 34.41 2.60 -24.26
C13 WJX J . 33.85 4.27 -25.85
C14 WJX J . 33.76 4.37 -27.37
C15 WJX J . 32.98 3.16 -27.88
C16 WJX J . 35.18 4.33 -27.95
C17 WJX J . 33.04 5.66 -27.74
C18 WJX J . 33.53 4.34 -16.82
C19 WJX J . 33.42 5.23 -14.03
C20 WJX J . 32.27 4.67 -13.53
C21 WJX J . 34.49 4.60 -13.38
C22 WJX J . 35.96 4.80 -13.51
C23 WJX J . 31.86 2.87 -11.83
C24 WJX J . 35.35 -0.12 -18.86
C25 WJX J . 32.87 -0.17 -18.76
F WJX J . 33.11 5.92 -29.04
F1 WJX J . 33.56 6.72 -27.11
F2 WJX J . 31.75 5.63 -27.42
N3 WJX J . 34.41 3.39 -23.17
N4 WJX J . 33.96 5.61 -16.51
N5 WJX J . 32.68 3.76 -12.64
N6 WJX J . 34.03 3.70 -12.53
O2 WJX J . 32.22 6.92 -15.39
O3 WJX J . 34.59 7.28 -14.81
S WJX J . 33.53 6.40 -15.15
N1 CV6 K . 0.40 16.11 -23.24
C2 CV6 K . -1.14 20.29 -29.88
C3 CV6 K . -3.52 19.65 -29.50
C5 CV6 K . -0.60 18.51 -27.60
C6 CV6 K . -0.75 17.65 -26.45
C7 CV6 K . 0.08 17.33 -25.37
C8 CV6 K . -0.37 16.44 -24.38
C9 CV6 K . -1.63 15.88 -24.52
C10 CV6 K . -2.48 16.17 -25.58
C12 CV6 K . -3.95 17.18 -28.13
C15 CV6 K . 1.62 16.62 -22.95
C17 CV6 K . 3.62 16.66 -21.33
C18 CV6 K . 2.44 17.13 -20.56
C21 CV6 K . 2.38 12.31 -21.43
C24 CV6 K . 0.78 14.35 -20.55
C25 CV6 K . 1.93 10.16 -21.60
N CV6 K . -2.61 17.55 -27.68
C CV6 K . -2.03 18.13 -30.80
O CV6 K . -3.58 21.03 -29.18
C1 CV6 K . -2.09 19.12 -29.63
C11 CV6 K . -2.02 17.06 -26.53
C13 CV6 K . -5.04 17.99 -27.45
C14 CV6 K . -4.82 17.96 -25.96
C16 CV6 K . 2.24 16.09 -21.66
C19 CV6 K . 1.89 14.63 -21.34
C20 CV6 K . 2.70 13.59 -21.78
C22 CV6 K . 1.28 12.03 -20.65
C23 CV6 K . 0.46 13.04 -20.20
C4 CV6 K . -1.76 18.41 -28.32
F CV6 K . -2.05 15.02 -23.57
F1 CV6 K . 1.40 9.45 -22.57
F2 CV6 K . 2.70 9.36 -20.88
O1 CV6 K . -5.74 18.79 -25.28
O2 CV6 K . -6.32 17.43 -27.76
O3 CV6 K . 2.20 17.44 -23.63
O4 CV6 K . 0.92 10.72 -20.79
O5 CV6 K . 2.71 11.19 -22.15
#